data_6SNE
#
_entry.id   6SNE
#
_cell.length_a   65.686
_cell.length_b   144.644
_cell.length_c   409.405
_cell.angle_alpha   90.000
_cell.angle_beta   90.000
_cell.angle_gamma   90.000
#
_symmetry.space_group_name_H-M   'P 21 21 21'
#
loop_
_entity.id
_entity.type
_entity.pdbx_description
1 polymer 'Envelope glycoprotein gp160'
2 polymer 'LN01 light chain'
3 polymer 'LN01 heavy chain'
4 non-polymer 2-acetamido-2-deoxy-beta-D-glucopyranose
5 non-polymer PHOSPHOCHOLINE
#
loop_
_entity_poly.entity_id
_entity_poly.type
_entity_poly.pdbx_seq_one_letter_code
_entity_poly.pdbx_strand_id
1 'polypeptide(L)' GQNQQEKNEQELLELDKWASLWNWFNITNWLWYIKLFIMIVGGLVGLRIVFAVLSVVNRVRQG O,N,P,J
2 'polypeptide(L)'
;DIQMTQSPSSLSASVGDKVTITCRASQSVTKYLNWYQFKTGQAPRILIYGTYTLLSGVSPRFSGAGSGSLYTLTITNIQP
EDFATYYCQQAHSTPWTFGQGTHVAANRTVAAPSVFIFPPSDEQLKSGTASVVCLLNNFYPREAKVQWKVDNALQSGNSQ
ESVTEQDSKDSTYSLSSTLTLSKADYEKHKVYACEVTHQGLSSPVTKSFNRGGC
;
A,E,L,C
3 'polypeptide(L)'
;EVQLVESGPGLVQPWGTLSLTCRVSGDSVSNDNYYWAWIRQTPGRELQVIGTIYYSGTTYYNPSLRNRVTISLDKSVNVV
SLRLGSVSAADTAQYYCVRMPSHGFWSTSFSYWYFDLWGRGHFVAVSWASTKGPSVFPLAPSSKSTSGGTAALGCLVKDY
FPEPVTVSWNSGALTSGVHTFPAVLQSSGLYSLSSVVTVPSSSLGTQTYICNVDHKPSNTKVDKKVEPKSCDTTS
;
B,F,H,D
#
loop_
_chem_comp.id
_chem_comp.type
_chem_comp.name
_chem_comp.formula
NAG D-saccharide, beta linking 2-acetamido-2-deoxy-beta-D-glucopyranose 'C8 H15 N O6'
PC non-polymer PHOSPHOCHOLINE 'C5 H15 N O4 P 1'
#
# COMPACT_ATOMS: atom_id res chain seq x y z
N ASN A 23 18.10 22.37 -26.04
CA ASN A 23 16.69 22.76 -25.91
C ASN A 23 16.17 22.80 -24.47
N TRP A 24 15.70 23.97 -24.02
CA TRP A 24 15.20 24.15 -22.65
C TRP A 24 13.82 24.82 -22.58
N PHE A 25 13.72 25.98 -23.21
CA PHE A 25 12.49 26.74 -23.28
C PHE A 25 11.30 25.85 -23.63
N ASN A 26 11.64 24.81 -24.41
CA ASN A 26 10.68 23.75 -24.82
C ASN A 26 10.53 22.79 -23.65
N ILE A 27 11.58 22.63 -22.82
CA ILE A 27 11.43 21.75 -21.66
C ILE A 27 10.33 22.25 -20.75
N THR A 28 10.27 23.57 -20.56
CA THR A 28 9.31 24.11 -19.59
C THR A 28 7.87 23.71 -19.90
N ASN A 29 7.55 23.36 -21.15
CA ASN A 29 6.16 23.05 -21.51
C ASN A 29 5.72 21.69 -20.97
N TRP A 30 6.66 20.75 -20.78
CA TRP A 30 6.40 19.54 -20.01
C TRP A 30 6.56 19.77 -18.51
N LEU A 31 7.52 20.62 -18.11
CA LEU A 31 7.74 20.82 -16.68
C LEU A 31 6.54 21.47 -16.00
N TRP A 32 5.82 22.33 -16.73
CA TRP A 32 4.61 22.91 -16.13
C TRP A 32 3.63 21.81 -15.71
N TYR A 33 3.43 20.81 -16.56
CA TYR A 33 2.52 19.72 -16.20
C TYR A 33 3.08 18.92 -15.02
N ILE A 34 4.40 18.75 -14.97
CA ILE A 34 4.99 18.05 -13.82
C ILE A 34 4.74 18.83 -12.54
N LYS A 35 4.87 20.16 -12.61
CA LYS A 35 4.57 21.02 -11.48
C LYS A 35 3.13 20.88 -11.02
N LEU A 36 2.20 20.83 -11.97
CA LEU A 36 0.81 20.60 -11.64
C LEU A 36 0.64 19.28 -10.90
N PHE A 37 1.22 18.21 -11.45
CA PHE A 37 1.18 16.90 -10.82
C PHE A 37 1.65 16.99 -9.37
N ILE A 38 2.85 17.52 -9.17
CA ILE A 38 3.44 17.66 -7.84
C ILE A 38 2.49 18.40 -6.90
N MET A 39 1.95 19.53 -7.35
CA MET A 39 1.07 20.31 -6.49
C MET A 39 -0.18 19.55 -6.08
N ILE A 40 -0.80 18.81 -7.01
CA ILE A 40 -2.05 18.13 -6.63
C ILE A 40 -1.75 17.03 -5.62
N VAL A 41 -0.61 16.39 -5.73
CA VAL A 41 -0.23 15.41 -4.71
C VAL A 41 0.48 16.16 -3.59
N GLY A 42 0.54 17.48 -3.68
CA GLY A 42 1.20 18.25 -2.63
C GLY A 42 0.30 18.46 -1.44
N GLY A 43 -0.86 19.06 -1.69
CA GLY A 43 -1.83 19.30 -0.65
C GLY A 43 -2.72 18.11 -0.36
N LEU A 44 -2.85 17.20 -1.32
CA LEU A 44 -3.71 16.04 -1.17
C LEU A 44 -3.05 14.85 -0.48
N VAL A 45 -1.74 14.64 -0.62
CA VAL A 45 -1.09 13.63 0.21
C VAL A 45 0.02 14.29 1.02
N GLY A 46 -0.39 15.24 1.88
CA GLY A 46 0.41 15.93 2.88
C GLY A 46 1.87 16.28 2.66
N LEU A 47 2.70 15.26 2.34
CA LEU A 47 4.15 15.29 2.08
C LEU A 47 4.87 14.34 3.04
N ARG A 48 4.52 14.38 4.33
CA ARG A 48 5.07 13.41 5.26
C ARG A 48 4.70 11.99 4.81
N ILE A 49 3.48 11.86 4.31
CA ILE A 49 3.00 10.61 3.74
C ILE A 49 3.88 10.19 2.54
N VAL A 50 4.20 11.16 1.68
CA VAL A 50 5.07 10.93 0.54
C VAL A 50 6.43 10.40 0.99
N PHE A 51 7.08 11.09 1.93
CA PHE A 51 8.34 10.55 2.45
C PHE A 51 8.15 9.13 2.94
N ALA A 52 7.11 8.91 3.75
CA ALA A 52 6.90 7.60 4.36
C ALA A 52 6.78 6.52 3.31
N VAL A 53 5.97 6.77 2.28
CA VAL A 53 5.81 5.74 1.26
C VAL A 53 7.06 5.61 0.40
N LEU A 54 7.75 6.74 0.15
CA LEU A 54 9.08 6.65 -0.46
C LEU A 54 9.94 5.66 0.28
N SER A 55 9.99 5.78 1.61
CA SER A 55 10.88 4.91 2.37
C SER A 55 10.37 3.47 2.35
N VAL A 56 9.05 3.29 2.27
CA VAL A 56 8.44 1.96 2.10
C VAL A 56 8.98 1.30 0.83
N VAL A 57 8.82 1.98 -0.31
CA VAL A 57 9.38 1.49 -1.57
C VAL A 57 10.86 1.16 -1.42
N ASN A 58 11.65 2.09 -0.87
CA ASN A 58 13.07 1.80 -0.69
C ASN A 58 13.30 0.50 0.06
N ARG A 59 12.52 0.23 1.11
CA ARG A 59 12.78 -0.98 1.91
C ARG A 59 12.76 -2.22 1.03
N VAL A 60 11.83 -2.29 0.09
CA VAL A 60 11.63 -3.43 -0.81
C VAL A 60 12.90 -3.72 -1.62
N ARG A 61 13.93 -2.90 -1.40
CA ARG A 61 15.21 -3.03 -2.10
C ARG A 61 16.30 -3.55 -1.16
N ASP B 1 9.27 24.99 -37.75
CA ASP B 1 8.83 26.22 -37.13
C ASP B 1 7.32 26.40 -37.26
N ILE B 2 6.70 26.87 -36.18
CA ILE B 2 5.25 27.04 -36.09
C ILE B 2 4.83 28.25 -36.93
N GLN B 3 3.95 28.01 -37.89
CA GLN B 3 3.44 29.11 -38.72
C GLN B 3 2.33 29.89 -38.02
N MET B 4 2.41 31.21 -38.13
CA MET B 4 1.49 32.16 -37.50
C MET B 4 0.87 33.01 -38.59
N THR B 5 -0.45 33.19 -38.54
CA THR B 5 -1.10 34.09 -39.49
C THR B 5 -2.21 34.86 -38.81
N GLN B 6 -2.19 36.19 -38.93
CA GLN B 6 -3.24 37.00 -38.36
C GLN B 6 -4.27 37.37 -39.43
N SER B 7 -5.50 37.61 -38.98
CA SER B 7 -6.58 38.11 -39.81
C SER B 7 -7.40 39.13 -39.04
N PRO B 8 -7.81 40.23 -39.70
CA PRO B 8 -7.45 40.58 -41.08
C PRO B 8 -6.07 41.25 -41.15
N SER B 9 -5.51 41.35 -42.36
CA SER B 9 -4.21 41.99 -42.51
C SER B 9 -4.30 43.46 -42.15
N SER B 10 -5.32 44.13 -42.67
CA SER B 10 -5.59 45.52 -42.35
C SER B 10 -7.07 45.66 -42.02
N LEU B 11 -7.37 46.60 -41.14
CA LEU B 11 -8.76 46.91 -40.84
C LEU B 11 -8.84 48.36 -40.42
N SER B 12 -10.05 48.89 -40.37
CA SER B 12 -10.27 50.21 -39.83
C SER B 12 -11.50 50.18 -38.92
N ALA B 13 -11.48 51.05 -37.92
CA ALA B 13 -12.52 51.07 -36.92
C ALA B 13 -12.75 52.51 -36.50
N SER B 14 -13.98 52.82 -36.13
CA SER B 14 -14.31 54.11 -35.55
C SER B 14 -14.07 54.06 -34.05
N VAL B 15 -13.67 55.22 -33.49
CA VAL B 15 -13.43 55.30 -32.05
C VAL B 15 -14.67 54.84 -31.30
N GLY B 16 -14.49 53.90 -30.37
CA GLY B 16 -15.58 53.30 -29.64
C GLY B 16 -15.88 51.87 -30.05
N ASP B 17 -15.60 51.53 -31.32
CA ASP B 17 -15.91 50.22 -31.85
C ASP B 17 -15.20 49.12 -31.06
N LYS B 18 -15.78 47.94 -31.10
CA LYS B 18 -15.11 46.72 -30.64
C LYS B 18 -14.30 46.19 -31.81
N VAL B 19 -13.08 45.75 -31.53
CA VAL B 19 -12.16 45.27 -32.57
C VAL B 19 -11.58 43.95 -32.12
N THR B 20 -11.70 42.93 -32.96
CA THR B 20 -11.07 41.64 -32.72
C THR B 20 -10.06 41.29 -33.79
N ILE B 21 -8.91 40.76 -33.35
CA ILE B 21 -7.81 40.38 -34.22
C ILE B 21 -7.53 38.89 -33.96
N THR B 22 -7.52 38.09 -35.03
CA THR B 22 -7.44 36.64 -34.90
C THR B 22 -6.06 36.17 -35.31
N CYS B 23 -5.54 35.18 -34.57
CA CYS B 23 -4.20 34.64 -34.80
C CYS B 23 -4.33 33.13 -34.89
N ARG B 24 -4.01 32.56 -36.04
CA ARG B 24 -4.12 31.12 -36.26
C ARG B 24 -2.75 30.50 -36.47
N ALA B 25 -2.60 29.28 -35.94
CA ALA B 25 -1.34 28.57 -35.96
C ALA B 25 -1.50 27.28 -36.76
N SER B 26 -0.39 26.82 -37.32
CA SER B 26 -0.42 25.59 -38.13
C SER B 26 -0.51 24.36 -37.24
N GLN B 27 0.04 24.43 -36.03
CA GLN B 27 -0.12 23.44 -34.97
C GLN B 27 -0.88 24.06 -33.80
N SER B 28 -1.07 23.27 -32.75
CA SER B 28 -1.52 23.80 -31.47
C SER B 28 -0.33 24.42 -30.71
N VAL B 29 -0.58 25.57 -30.09
CA VAL B 29 0.43 26.34 -29.37
C VAL B 29 0.18 26.30 -27.86
N THR B 30 -0.80 25.50 -27.43
CA THR B 30 -1.20 25.34 -26.03
C THR B 30 -1.01 26.58 -25.17
N LYS B 31 -1.75 27.64 -25.52
CA LYS B 31 -1.94 28.86 -24.75
C LYS B 31 -0.67 29.67 -24.54
N TYR B 32 0.46 29.30 -25.14
CA TYR B 32 1.66 30.13 -25.04
C TYR B 32 1.67 31.18 -26.15
N LEU B 33 0.81 32.18 -25.97
CA LEU B 33 0.51 33.14 -27.03
C LEU B 33 0.56 34.53 -26.42
N ASN B 34 1.38 35.40 -26.99
CA ASN B 34 1.59 36.73 -26.46
C ASN B 34 1.13 37.75 -27.49
N TRP B 35 0.73 38.93 -27.01
CA TRP B 35 0.28 40.02 -27.88
C TRP B 35 1.11 41.25 -27.56
N TYR B 36 1.59 41.92 -28.61
CA TYR B 36 2.44 43.09 -28.51
C TYR B 36 1.86 44.22 -29.37
N GLN B 37 2.12 45.45 -28.93
CA GLN B 37 1.69 46.67 -29.60
C GLN B 37 2.87 47.46 -30.17
N PHE B 38 2.77 47.86 -31.44
CA PHE B 38 3.81 48.60 -32.12
C PHE B 38 3.25 49.93 -32.60
N LYS B 39 3.85 51.03 -32.14
CA LYS B 39 3.62 52.39 -32.62
C LYS B 39 4.93 52.99 -33.10
N THR B 40 4.81 53.84 -34.13
CA THR B 40 5.99 54.28 -34.87
C THR B 40 6.95 55.12 -34.02
N GLY B 41 6.43 55.97 -33.13
CA GLY B 41 7.34 56.78 -32.32
C GLY B 41 8.09 56.04 -31.24
N GLN B 42 7.43 55.12 -30.55
CA GLN B 42 7.90 54.60 -29.27
C GLN B 42 8.42 53.17 -29.39
N ALA B 43 9.02 52.72 -28.29
CA ALA B 43 9.51 51.35 -28.18
C ALA B 43 8.34 50.38 -28.20
N PRO B 44 8.48 49.23 -28.85
CA PRO B 44 7.45 48.18 -28.75
C PRO B 44 7.08 47.91 -27.30
N ARG B 45 5.83 47.45 -27.13
CA ARG B 45 5.23 47.34 -25.81
C ARG B 45 4.33 46.10 -25.77
N ILE B 46 4.62 45.18 -24.85
CA ILE B 46 3.81 43.98 -24.71
C ILE B 46 2.50 44.35 -24.03
N LEU B 47 1.44 43.62 -24.37
CA LEU B 47 0.19 43.78 -23.64
C LEU B 47 -0.35 42.48 -23.06
N ILE B 48 -0.20 41.34 -23.74
CA ILE B 48 -0.68 40.10 -23.14
C ILE B 48 0.37 39.00 -23.25
N TYR B 49 0.39 38.13 -22.23
CA TYR B 49 1.22 36.94 -22.23
C TYR B 49 0.34 35.77 -21.81
N GLY B 50 0.64 34.60 -22.38
CA GLY B 50 -0.10 33.40 -22.05
C GLY B 50 -1.59 33.55 -22.29
N THR B 51 -1.96 34.00 -23.48
CA THR B 51 -3.35 34.11 -23.92
C THR B 51 -4.12 35.21 -23.18
N TYR B 52 -4.27 35.12 -21.86
CA TYR B 52 -5.18 36.04 -21.17
C TYR B 52 -4.51 37.10 -20.31
N THR B 53 -3.26 36.92 -19.89
CA THR B 53 -2.79 37.70 -18.76
C THR B 53 -2.38 39.09 -19.24
N LEU B 54 -3.05 40.10 -18.69
CA LEU B 54 -2.72 41.49 -18.96
C LEU B 54 -1.57 41.93 -18.08
N LEU B 55 -0.67 42.73 -18.62
CA LEU B 55 0.40 43.30 -17.81
C LEU B 55 -0.01 44.65 -17.25
N SER B 56 0.62 45.01 -16.14
CA SER B 56 0.31 46.27 -15.46
C SER B 56 0.45 47.46 -16.41
N GLY B 57 -0.45 48.42 -16.25
CA GLY B 57 -0.46 49.62 -17.05
C GLY B 57 -1.08 49.47 -18.43
N VAL B 58 -1.36 48.24 -18.86
CA VAL B 58 -2.13 48.00 -20.08
C VAL B 58 -3.60 48.13 -19.71
N SER B 59 -4.36 48.85 -20.52
CA SER B 59 -5.76 49.06 -20.20
C SER B 59 -6.55 47.75 -20.26
N PRO B 60 -7.54 47.58 -19.37
CA PRO B 60 -8.36 46.36 -19.38
C PRO B 60 -9.36 46.31 -20.53
N ARG B 61 -9.44 47.35 -21.34
CA ARG B 61 -10.10 47.27 -22.64
C ARG B 61 -9.54 46.13 -23.48
N PHE B 62 -8.24 45.89 -23.40
CA PHE B 62 -7.64 44.75 -24.06
C PHE B 62 -7.93 43.46 -23.30
N SER B 63 -8.27 42.41 -24.04
CA SER B 63 -8.52 41.11 -23.45
C SER B 63 -8.27 40.02 -24.46
N GLY B 64 -7.66 38.93 -24.00
CA GLY B 64 -7.23 37.84 -24.87
C GLY B 64 -7.98 36.55 -24.61
N ALA B 65 -8.07 35.71 -25.64
CA ALA B 65 -8.83 34.47 -25.54
C ALA B 65 -8.32 33.51 -26.60
N GLY B 66 -8.60 32.22 -26.39
CA GLY B 66 -8.24 31.24 -27.40
C GLY B 66 -7.71 29.94 -26.87
N SER B 67 -7.35 29.03 -27.79
CA SER B 67 -6.76 27.73 -27.44
C SER B 67 -6.33 27.06 -28.74
N GLY B 68 -5.57 25.98 -28.61
CA GLY B 68 -5.23 25.18 -29.77
C GLY B 68 -4.48 26.00 -30.79
N SER B 69 -5.01 26.07 -32.01
CA SER B 69 -4.39 26.83 -33.08
C SER B 69 -5.06 28.19 -33.33
N LEU B 70 -5.97 28.61 -32.44
CA LEU B 70 -6.82 29.76 -32.73
C LEU B 70 -6.90 30.67 -31.51
N TYR B 71 -6.42 31.90 -31.65
CA TYR B 71 -6.40 32.88 -30.59
C TYR B 71 -6.98 34.20 -31.08
N THR B 72 -7.30 35.10 -30.14
CA THR B 72 -7.99 36.34 -30.48
C THR B 72 -7.76 37.40 -29.43
N LEU B 73 -7.25 38.55 -29.87
CA LEU B 73 -7.12 39.76 -29.08
C LEU B 73 -8.33 40.64 -29.32
N THR B 74 -8.82 41.30 -28.26
CA THR B 74 -10.04 42.09 -28.37
C THR B 74 -9.87 43.42 -27.66
N ILE B 75 -10.15 44.50 -28.39
CA ILE B 75 -10.14 45.87 -27.89
C ILE B 75 -11.60 46.28 -27.71
N THR B 76 -11.95 46.66 -26.47
CA THR B 76 -13.35 46.81 -26.10
C THR B 76 -13.91 48.14 -26.60
N ASN B 77 -13.19 49.23 -26.35
CA ASN B 77 -13.77 50.57 -26.47
C ASN B 77 -12.77 51.51 -27.15
N ILE B 78 -12.24 51.06 -28.29
CA ILE B 78 -11.02 51.57 -28.92
C ILE B 78 -10.92 53.10 -28.85
N GLN B 79 -9.78 53.61 -28.40
CA GLN B 79 -9.51 55.03 -28.15
C GLN B 79 -8.39 55.53 -29.07
N PRO B 80 -8.20 56.86 -29.19
CA PRO B 80 -7.15 57.35 -30.10
C PRO B 80 -5.77 56.73 -29.87
N GLU B 81 -5.38 56.48 -28.61
CA GLU B 81 -4.04 55.96 -28.38
C GLU B 81 -3.91 54.48 -28.73
N ASP B 82 -5.01 53.81 -29.10
CA ASP B 82 -4.96 52.40 -29.44
C ASP B 82 -4.70 52.11 -30.92
N PHE B 83 -4.85 53.09 -31.80
CA PHE B 83 -4.61 52.81 -33.22
C PHE B 83 -3.13 52.59 -33.44
N ALA B 84 -2.79 51.42 -33.98
CA ALA B 84 -1.42 50.92 -33.95
C ALA B 84 -1.34 49.61 -34.71
N THR B 85 -0.21 48.91 -34.71
CA THR B 85 -0.19 47.57 -35.29
C THR B 85 0.15 46.52 -34.24
N TYR B 86 -0.56 45.39 -34.28
CA TYR B 86 -0.53 44.38 -33.23
C TYR B 86 0.05 43.07 -33.75
N TYR B 87 0.88 42.43 -32.92
CA TYR B 87 1.51 41.17 -33.27
C TYR B 87 1.25 40.10 -32.22
N CYS B 88 0.99 38.87 -32.69
CA CYS B 88 0.93 37.72 -31.81
C CYS B 88 2.21 36.90 -31.97
N GLN B 89 2.63 36.25 -30.89
CA GLN B 89 3.86 35.46 -30.89
C GLN B 89 3.64 34.18 -30.09
N GLN B 90 4.18 33.07 -30.56
CA GLN B 90 4.15 31.80 -29.84
C GLN B 90 5.41 31.51 -29.04
N ALA B 91 5.22 31.01 -27.82
CA ALA B 91 6.31 30.62 -26.95
C ALA B 91 6.38 29.11 -26.74
N HIS B 92 5.56 28.35 -27.48
CA HIS B 92 5.54 26.89 -27.34
C HIS B 92 6.78 26.18 -27.87
N SER B 93 7.26 26.52 -29.06
CA SER B 93 8.38 25.79 -29.64
C SER B 93 9.74 26.44 -29.43
N THR B 94 10.78 25.73 -29.87
CA THR B 94 12.15 26.21 -29.72
C THR B 94 12.40 27.52 -30.46
N PRO B 95 11.96 27.73 -31.73
CA PRO B 95 12.22 29.04 -32.35
C PRO B 95 10.91 29.81 -32.34
N TRP B 96 10.89 30.88 -31.56
CA TRP B 96 9.68 31.68 -31.43
C TRP B 96 9.41 32.43 -32.71
N THR B 97 8.14 32.50 -33.07
CA THR B 97 7.71 33.15 -34.28
C THR B 97 6.57 34.09 -33.97
N PHE B 98 6.52 35.18 -34.73
CA PHE B 98 5.50 36.20 -34.59
C PHE B 98 4.51 36.01 -35.73
N GLY B 99 3.35 36.61 -35.58
CA GLY B 99 2.46 36.75 -36.71
C GLY B 99 2.98 37.83 -37.62
N GLN B 100 2.21 38.11 -38.66
CA GLN B 100 2.66 39.08 -39.64
C GLN B 100 2.19 40.48 -39.29
N GLY B 101 1.21 40.60 -38.41
CA GLY B 101 0.80 41.87 -37.86
C GLY B 101 -0.55 42.29 -38.41
N THR B 102 -1.35 42.90 -37.55
CA THR B 102 -2.64 43.45 -37.95
C THR B 102 -2.61 44.94 -37.65
N HIS B 103 -2.76 45.75 -38.68
CA HIS B 103 -2.66 47.19 -38.55
C HIS B 103 -4.06 47.76 -38.38
N VAL B 104 -4.27 48.49 -37.29
CA VAL B 104 -5.56 49.06 -36.96
C VAL B 104 -5.40 50.56 -37.14
N ALA B 105 -6.13 51.08 -38.12
CA ALA B 105 -6.16 52.44 -38.60
C ALA B 105 -7.57 52.98 -38.38
N ALA B 106 -7.72 54.29 -38.49
CA ALA B 106 -8.99 54.92 -38.16
C ALA B 106 -9.86 55.12 -39.38
N ASN B 107 -11.16 54.88 -39.20
CA ASN B 107 -12.20 55.32 -40.11
C ASN B 107 -12.75 56.62 -39.55
N ARG B 108 -13.05 57.55 -40.44
CA ARG B 108 -13.53 58.87 -40.05
C ARG B 108 -14.18 59.47 -41.28
N THR B 109 -14.79 60.65 -41.09
CA THR B 109 -15.52 61.26 -42.20
C THR B 109 -14.57 61.77 -43.25
N VAL B 110 -15.05 61.74 -44.50
CA VAL B 110 -14.23 62.15 -45.64
C VAL B 110 -13.77 63.59 -45.43
N ALA B 111 -12.51 63.85 -45.77
CA ALA B 111 -11.94 65.19 -45.66
C ALA B 111 -11.10 65.44 -46.90
N ALA B 112 -11.43 66.49 -47.64
CA ALA B 112 -10.74 66.79 -48.87
C ALA B 112 -9.34 67.36 -48.58
N PRO B 113 -8.39 67.18 -49.49
CA PRO B 113 -7.03 67.67 -49.24
C PRO B 113 -6.89 69.14 -49.56
N SER B 114 -6.02 69.79 -48.80
CA SER B 114 -5.58 71.13 -49.17
C SER B 114 -4.38 70.97 -50.07
N VAL B 115 -4.41 71.59 -51.25
CA VAL B 115 -3.35 71.37 -52.24
C VAL B 115 -2.47 72.60 -52.33
N PHE B 116 -1.17 72.37 -52.33
CA PHE B 116 -0.17 73.41 -52.47
C PHE B 116 0.83 72.96 -53.54
N ILE B 117 1.49 73.92 -54.15
CA ILE B 117 2.56 73.60 -55.09
C ILE B 117 3.75 74.48 -54.73
N PHE B 118 4.94 73.89 -54.77
CA PHE B 118 6.18 74.55 -54.40
C PHE B 118 7.11 74.49 -55.60
N PRO B 119 7.56 75.63 -56.11
CA PRO B 119 8.55 75.63 -57.19
C PRO B 119 9.95 75.30 -56.68
N PRO B 120 10.91 75.05 -57.59
CA PRO B 120 12.26 74.68 -57.16
C PRO B 120 13.10 75.87 -56.69
N SER B 121 13.94 75.57 -55.70
CA SER B 121 14.85 76.56 -55.11
C SER B 121 15.91 77.03 -56.12
N ASP B 122 16.19 78.34 -56.11
CA ASP B 122 17.29 78.89 -56.90
C ASP B 122 18.58 78.10 -56.70
N GLU B 123 18.97 77.91 -55.44
CA GLU B 123 20.17 77.16 -55.08
C GLU B 123 20.26 75.81 -55.81
N GLN B 124 19.14 75.08 -55.83
CA GLN B 124 19.19 73.77 -56.46
C GLN B 124 19.25 73.89 -57.98
N LEU B 125 18.62 74.93 -58.55
CA LEU B 125 18.79 75.14 -59.98
C LEU B 125 20.23 75.47 -60.33
N LYS B 126 20.93 76.19 -59.44
CA LYS B 126 22.36 76.41 -59.62
C LYS B 126 23.11 75.09 -59.63
N SER B 127 22.73 74.17 -58.74
CA SER B 127 23.42 72.88 -58.66
C SER B 127 23.24 72.07 -59.94
N GLY B 128 22.16 72.29 -60.69
CA GLY B 128 21.96 71.63 -61.96
C GLY B 128 20.79 70.66 -62.07
N THR B 129 19.98 70.49 -61.02
CA THR B 129 18.73 69.75 -61.13
C THR B 129 17.60 70.59 -60.52
N ALA B 130 16.35 70.12 -60.68
CA ALA B 130 15.20 70.90 -60.25
C ALA B 130 14.11 69.97 -59.72
N SER B 131 13.67 70.22 -58.49
CA SER B 131 12.59 69.49 -57.86
C SER B 131 11.38 70.40 -57.68
N VAL B 132 10.20 69.92 -58.07
CA VAL B 132 8.94 70.66 -57.92
C VAL B 132 8.05 69.80 -57.04
N VAL B 133 7.48 70.39 -56.00
CA VAL B 133 6.76 69.61 -54.99
C VAL B 133 5.27 69.94 -55.09
N CYS B 134 4.43 68.91 -55.08
CA CYS B 134 3.01 69.07 -54.85
C CYS B 134 2.69 68.49 -53.47
N LEU B 135 1.99 69.25 -52.65
CA LEU B 135 1.64 68.84 -51.29
C LEU B 135 0.14 68.70 -51.17
N LEU B 136 -0.32 67.55 -50.68
CA LEU B 136 -1.73 67.32 -50.36
C LEU B 136 -1.81 67.16 -48.85
N ASN B 137 -2.42 68.13 -48.19
CA ASN B 137 -2.43 68.22 -46.74
C ASN B 137 -3.76 67.78 -46.15
N ASN B 138 -3.68 66.91 -45.15
CA ASN B 138 -4.74 66.60 -44.19
C ASN B 138 -6.03 66.14 -44.88
N PHE B 139 -5.98 64.93 -45.43
CA PHE B 139 -7.12 64.37 -46.16
C PHE B 139 -7.41 62.96 -45.66
N TYR B 140 -8.61 62.47 -46.02
CA TYR B 140 -9.05 61.12 -45.69
C TYR B 140 -10.21 60.82 -46.62
N PRO B 141 -10.27 59.64 -47.24
CA PRO B 141 -9.37 58.49 -47.05
C PRO B 141 -8.02 58.61 -47.74
N ARG B 142 -7.20 57.58 -47.52
CA ARG B 142 -5.79 57.61 -47.92
C ARG B 142 -5.64 57.70 -49.43
N GLU B 143 -6.59 57.16 -50.17
CA GLU B 143 -6.46 57.02 -51.62
C GLU B 143 -6.62 58.37 -52.30
N ALA B 144 -5.59 58.80 -53.04
CA ALA B 144 -5.66 60.05 -53.81
C ALA B 144 -4.75 59.97 -55.02
N LYS B 145 -5.19 60.55 -56.14
CA LYS B 145 -4.44 60.57 -57.39
C LYS B 145 -3.87 61.95 -57.67
N VAL B 146 -2.60 61.97 -58.08
CA VAL B 146 -1.84 63.20 -58.30
C VAL B 146 -1.25 63.11 -59.70
N GLN B 147 -1.71 63.98 -60.60
CA GLN B 147 -1.25 64.01 -61.98
C GLN B 147 -0.38 65.24 -62.17
N TRP B 148 0.70 65.09 -62.92
CA TRP B 148 1.59 66.19 -63.27
C TRP B 148 1.34 66.60 -64.71
N LYS B 149 1.24 67.90 -64.99
CA LYS B 149 1.09 68.37 -66.36
C LYS B 149 2.00 69.55 -66.63
N VAL B 150 2.86 69.41 -67.64
CA VAL B 150 3.83 70.41 -68.03
C VAL B 150 3.50 70.87 -69.45
N ASP B 151 3.15 72.15 -69.60
CA ASP B 151 2.75 72.74 -70.89
C ASP B 151 1.64 71.93 -71.57
N ASN B 152 0.72 71.42 -70.77
CA ASN B 152 -0.46 70.65 -71.16
C ASN B 152 -0.09 69.22 -71.54
N ALA B 153 1.19 68.84 -71.47
CA ALA B 153 1.63 67.50 -71.79
C ALA B 153 1.71 66.70 -70.49
N LEU B 154 1.19 65.48 -70.52
CA LEU B 154 1.09 64.66 -69.32
C LEU B 154 2.40 63.90 -69.06
N GLN B 155 2.80 63.84 -67.80
CA GLN B 155 4.10 63.30 -67.41
C GLN B 155 3.91 61.88 -66.85
N SER B 156 5.03 61.17 -66.67
CA SER B 156 5.01 59.87 -65.99
C SER B 156 6.42 59.26 -65.83
N GLY B 157 6.68 58.67 -64.67
CA GLY B 157 7.96 58.03 -64.35
C GLY B 157 9.02 58.85 -63.65
N ASN B 158 9.14 60.12 -64.03
CA ASN B 158 10.11 61.06 -63.45
C ASN B 158 9.75 61.55 -62.04
N SER B 159 8.60 61.17 -61.49
CA SER B 159 8.13 61.69 -60.21
C SER B 159 7.99 60.56 -59.19
N GLN B 160 8.21 60.89 -57.92
CA GLN B 160 8.03 59.96 -56.82
C GLN B 160 7.08 60.52 -55.77
N GLU B 161 6.34 59.62 -55.13
CA GLU B 161 5.39 60.02 -54.09
C GLU B 161 5.79 59.43 -52.73
N SER B 162 5.35 60.11 -51.67
CA SER B 162 5.56 59.65 -50.30
C SER B 162 4.35 60.07 -49.48
N VAL B 163 4.02 59.27 -48.45
CA VAL B 163 2.80 59.48 -47.68
C VAL B 163 3.10 59.30 -46.21
N THR B 164 2.68 60.27 -45.39
CA THR B 164 2.87 60.22 -43.95
C THR B 164 1.95 59.18 -43.30
N GLU B 165 2.28 58.84 -42.05
CA GLU B 165 1.39 58.06 -41.22
C GLU B 165 0.22 58.90 -40.72
N GLN B 166 -0.86 58.22 -40.34
CA GLN B 166 -2.07 58.90 -39.90
C GLN B 166 -1.76 59.79 -38.69
N ASP B 167 -2.30 61.01 -38.70
CA ASP B 167 -2.03 61.98 -37.65
C ASP B 167 -2.65 61.56 -36.32
N SER B 168 -1.89 61.71 -35.23
CA SER B 168 -2.33 61.25 -33.92
C SER B 168 -3.66 61.86 -33.49
N LYS B 169 -3.85 63.16 -33.73
CA LYS B 169 -5.08 63.86 -33.32
C LYS B 169 -6.07 64.07 -34.47
N ASP B 170 -5.56 64.48 -35.63
CA ASP B 170 -6.40 64.73 -36.80
C ASP B 170 -7.02 63.45 -37.36
N SER B 171 -6.31 62.32 -37.30
CA SER B 171 -6.69 61.07 -37.97
C SER B 171 -6.74 61.17 -39.50
N THR B 172 -5.87 61.96 -40.11
CA THR B 172 -5.86 62.13 -41.55
C THR B 172 -4.44 61.96 -42.10
N TYR B 173 -4.34 61.85 -43.43
CA TYR B 173 -3.09 61.63 -44.13
C TYR B 173 -2.64 62.88 -44.89
N SER B 174 -1.35 62.93 -45.21
CA SER B 174 -0.79 63.90 -46.14
C SER B 174 0.18 63.22 -47.08
N LEU B 175 0.37 63.82 -48.26
CA LEU B 175 1.09 63.16 -49.35
C LEU B 175 1.91 64.18 -50.12
N SER B 176 3.15 63.83 -50.44
CA SER B 176 4.05 64.68 -51.20
C SER B 176 4.37 63.98 -52.52
N SER B 177 4.11 64.66 -53.63
CA SER B 177 4.57 64.21 -54.95
C SER B 177 5.71 65.13 -55.41
N THR B 178 6.92 64.60 -55.44
CA THR B 178 8.10 65.36 -55.85
C THR B 178 8.43 64.97 -57.28
N LEU B 179 8.49 65.97 -58.16
CA LEU B 179 8.84 65.81 -59.57
C LEU B 179 10.26 66.33 -59.79
N THR B 180 11.15 65.44 -60.22
CA THR B 180 12.56 65.77 -60.37
C THR B 180 12.94 65.76 -61.84
N LEU B 181 13.73 66.77 -62.23
CA LEU B 181 14.02 67.06 -63.63
C LEU B 181 15.43 67.60 -63.77
N SER B 182 16.01 67.39 -64.95
CA SER B 182 17.26 68.07 -65.27
C SER B 182 16.95 69.56 -65.43
N LYS B 183 17.96 70.40 -65.19
CA LYS B 183 17.78 71.83 -65.41
C LYS B 183 17.39 72.12 -66.87
N ALA B 184 17.97 71.40 -67.83
CA ALA B 184 17.57 71.46 -69.22
C ALA B 184 16.05 71.39 -69.42
N ASP B 185 15.48 70.23 -69.10
CA ASP B 185 14.05 70.01 -69.30
C ASP B 185 13.19 71.00 -68.54
N TYR B 186 13.53 71.28 -67.27
CA TYR B 186 12.76 72.26 -66.51
C TYR B 186 12.77 73.64 -67.19
N GLU B 187 13.92 74.02 -67.77
CA GLU B 187 14.02 75.29 -68.49
C GLU B 187 13.21 75.27 -69.78
N LYS B 188 13.08 74.10 -70.42
CA LYS B 188 12.30 73.99 -71.65
C LYS B 188 10.93 74.64 -71.51
N HIS B 189 10.16 74.19 -70.53
CA HIS B 189 8.74 74.49 -70.51
C HIS B 189 8.42 75.72 -69.66
N LYS B 190 7.16 76.12 -69.71
CA LYS B 190 6.63 77.32 -69.06
C LYS B 190 5.72 76.97 -67.89
N VAL B 191 4.61 76.30 -68.14
CA VAL B 191 3.48 76.23 -67.23
C VAL B 191 3.48 74.86 -66.56
N TYR B 192 3.73 74.84 -65.24
CA TYR B 192 3.77 73.62 -64.44
C TYR B 192 2.54 73.55 -63.56
N ALA B 193 1.79 72.44 -63.66
CA ALA B 193 0.52 72.34 -62.98
C ALA B 193 0.38 70.95 -62.37
N CYS B 194 -0.30 70.92 -61.24
CA CYS B 194 -0.49 69.73 -60.44
C CYS B 194 -1.99 69.54 -60.27
N GLU B 195 -2.49 68.40 -60.74
CA GLU B 195 -3.90 68.08 -60.74
C GLU B 195 -4.16 67.01 -59.68
N VAL B 196 -5.21 67.21 -58.89
CA VAL B 196 -5.49 66.36 -57.73
C VAL B 196 -6.90 65.82 -57.90
N THR B 197 -7.05 64.50 -57.78
CA THR B 197 -8.34 63.83 -57.67
C THR B 197 -8.40 63.07 -56.34
N HIS B 198 -9.54 63.17 -55.67
CA HIS B 198 -9.73 62.58 -54.36
C HIS B 198 -11.22 62.44 -54.14
N GLN B 199 -11.60 61.44 -53.33
CA GLN B 199 -13.02 61.13 -53.14
C GLN B 199 -13.79 62.36 -52.69
N GLY B 200 -13.24 63.14 -51.76
CA GLY B 200 -13.94 64.31 -51.23
C GLY B 200 -13.94 65.54 -52.10
N LEU B 201 -13.38 65.49 -53.32
CA LEU B 201 -13.45 66.56 -54.30
C LEU B 201 -14.49 66.28 -55.38
N SER B 202 -15.26 67.31 -55.77
CA SER B 202 -16.23 67.15 -56.84
C SER B 202 -15.60 67.25 -58.23
N SER B 203 -14.85 68.32 -58.48
CA SER B 203 -14.01 68.45 -59.66
C SER B 203 -12.55 68.32 -59.27
N PRO B 204 -11.71 67.70 -60.10
CA PRO B 204 -10.27 67.74 -59.85
C PRO B 204 -9.76 69.17 -59.65
N VAL B 205 -8.86 69.35 -58.69
CA VAL B 205 -8.36 70.66 -58.31
C VAL B 205 -6.92 70.77 -58.80
N THR B 206 -6.61 71.86 -59.51
CA THR B 206 -5.30 72.04 -60.10
C THR B 206 -4.66 73.33 -59.58
N LYS B 207 -3.38 73.26 -59.27
CA LYS B 207 -2.61 74.41 -58.81
C LYS B 207 -1.37 74.48 -59.69
N SER B 208 -0.98 75.70 -60.06
CA SER B 208 -0.02 75.86 -61.14
C SER B 208 0.78 77.15 -60.96
N PHE B 209 1.96 77.15 -61.59
CA PHE B 209 2.81 78.32 -61.68
C PHE B 209 3.43 78.38 -63.08
N ASN B 210 4.12 79.49 -63.36
CA ASN B 210 4.89 79.62 -64.59
C ASN B 210 6.39 79.70 -64.29
N VAL C 2 15.07 49.58 -16.53
CA VAL C 2 14.21 50.73 -16.71
C VAL C 2 14.49 51.34 -18.09
N GLN C 3 15.76 51.45 -18.49
CA GLN C 3 16.10 51.97 -19.81
C GLN C 3 17.05 51.03 -20.56
N LEU C 4 16.80 50.91 -21.87
CA LEU C 4 17.56 50.04 -22.77
C LEU C 4 17.94 50.86 -23.99
N VAL C 5 19.23 51.20 -24.12
CA VAL C 5 19.67 52.09 -25.20
C VAL C 5 20.55 51.27 -26.14
N GLU C 6 20.05 51.01 -27.34
CA GLU C 6 20.83 50.31 -28.35
C GLU C 6 21.61 51.30 -29.22
N SER C 7 22.78 50.86 -29.67
CA SER C 7 23.65 51.69 -30.47
C SER C 7 24.61 50.79 -31.25
N GLY C 8 25.14 51.35 -32.33
CA GLY C 8 26.03 50.64 -33.22
C GLY C 8 26.12 51.43 -34.50
N PRO C 9 26.70 50.85 -35.55
CA PRO C 9 26.80 51.58 -36.81
C PRO C 9 25.45 51.65 -37.51
N GLY C 10 25.29 52.69 -38.34
CA GLY C 10 24.10 52.86 -39.15
C GLY C 10 24.22 52.02 -40.40
N LEU C 11 25.44 51.97 -40.92
CA LEU C 11 25.73 51.41 -42.23
C LEU C 11 26.85 50.39 -42.05
N VAL C 12 26.70 49.22 -42.66
CA VAL C 12 27.69 48.15 -42.59
C VAL C 12 27.90 47.63 -44.00
N GLN C 13 29.15 47.35 -44.34
CA GLN C 13 29.45 46.84 -45.67
C GLN C 13 29.03 45.38 -45.79
N PRO C 14 28.64 44.93 -46.98
CA PRO C 14 28.40 43.49 -47.18
C PRO C 14 29.65 42.69 -46.86
N TRP C 15 29.44 41.48 -46.36
CA TRP C 15 30.52 40.61 -45.89
C TRP C 15 31.27 41.20 -44.71
N GLY C 16 30.76 42.26 -44.11
CA GLY C 16 31.30 42.81 -42.88
C GLY C 16 30.70 42.12 -41.68
N THR C 17 31.05 42.63 -40.51
CA THR C 17 30.47 42.17 -39.26
C THR C 17 29.72 43.34 -38.64
N LEU C 18 28.51 43.09 -38.19
CA LEU C 18 27.65 44.12 -37.63
C LEU C 18 27.64 43.88 -36.13
N SER C 19 28.15 44.85 -35.38
CA SER C 19 28.23 44.76 -33.94
C SER C 19 27.39 45.85 -33.30
N LEU C 20 26.54 45.46 -32.36
CA LEU C 20 25.69 46.38 -31.64
C LEU C 20 25.94 46.20 -30.14
N THR C 21 25.65 47.25 -29.39
CA THR C 21 25.72 47.27 -27.94
C THR C 21 24.44 47.88 -27.40
N CYS C 22 23.93 47.28 -26.33
CA CYS C 22 22.75 47.75 -25.62
C CYS C 22 23.11 48.03 -24.16
N ARG C 23 23.05 49.31 -23.79
CA ARG C 23 23.34 49.79 -22.44
C ARG C 23 22.08 49.72 -21.56
N VAL C 24 22.21 48.99 -20.45
CA VAL C 24 21.12 48.75 -19.53
C VAL C 24 21.27 49.69 -18.34
N SER C 25 20.27 50.54 -18.10
CA SER C 25 20.42 51.65 -17.17
C SER C 25 19.63 51.44 -15.88
N GLY C 26 18.94 50.31 -15.74
CA GLY C 26 18.16 50.07 -14.53
C GLY C 26 18.78 49.19 -13.48
N ASP C 27 19.10 47.94 -13.84
CA ASP C 27 19.71 46.99 -12.91
C ASP C 27 20.84 46.25 -13.62
N SER C 28 21.53 45.42 -12.84
CA SER C 28 22.66 44.68 -13.37
C SER C 28 22.19 43.59 -14.33
N VAL C 29 23.00 43.33 -15.35
CA VAL C 29 22.74 42.25 -16.31
C VAL C 29 22.94 40.89 -15.66
N SER C 30 23.70 40.82 -14.58
CA SER C 30 23.85 39.62 -13.76
C SER C 30 22.70 39.40 -12.78
N ASN C 31 21.64 40.19 -12.87
CA ASN C 31 20.40 39.84 -12.18
C ASN C 31 19.91 38.49 -12.71
N ASP C 32 19.83 37.49 -11.84
CA ASP C 32 19.42 36.14 -12.22
C ASP C 32 17.93 35.98 -12.52
N ASN C 33 17.12 37.03 -12.45
CA ASN C 33 15.71 36.98 -12.82
C ASN C 33 15.41 37.26 -14.29
N TYR C 34 16.39 37.62 -15.12
CA TYR C 34 16.09 37.95 -16.52
C TYR C 34 17.00 37.27 -17.52
N TYR C 35 16.40 36.88 -18.64
CA TYR C 35 17.12 36.72 -19.89
C TYR C 35 17.09 38.01 -20.69
N TRP C 36 17.96 38.07 -21.68
CA TRP C 36 18.01 39.18 -22.61
C TRP C 36 17.98 38.59 -24.01
N ALA C 37 17.54 39.39 -24.96
CA ALA C 37 17.32 38.84 -26.29
C ALA C 37 17.50 39.96 -27.31
N TRP C 38 17.70 39.52 -28.54
CA TRP C 38 17.75 40.39 -29.69
C TRP C 38 16.67 39.96 -30.65
N ILE C 39 15.90 40.91 -31.12
CA ILE C 39 14.79 40.65 -32.04
C ILE C 39 14.92 41.69 -33.13
N ARG C 40 14.68 41.29 -34.36
CA ARG C 40 14.89 42.24 -35.44
C ARG C 40 13.68 42.23 -36.34
N GLN C 41 13.46 43.37 -36.96
CA GLN C 41 12.36 43.57 -37.89
C GLN C 41 12.96 43.98 -39.21
N THR C 42 12.62 43.24 -40.25
CA THR C 42 13.06 43.62 -41.57
C THR C 42 12.11 44.69 -42.07
N PRO C 43 12.51 45.49 -43.05
CA PRO C 43 11.56 46.48 -43.58
C PRO C 43 10.33 45.82 -44.15
N GLY C 44 10.37 44.51 -44.39
CA GLY C 44 9.20 43.76 -44.77
C GLY C 44 8.30 43.38 -43.61
N ARG C 45 8.56 43.92 -42.42
CA ARG C 45 7.79 43.82 -41.17
C ARG C 45 7.83 42.46 -40.49
N GLU C 46 8.58 41.49 -40.99
CA GLU C 46 8.72 40.21 -40.30
C GLU C 46 9.60 40.34 -39.06
N LEU C 47 9.13 39.80 -37.94
CA LEU C 47 9.86 39.88 -36.68
C LEU C 47 10.54 38.55 -36.45
N GLN C 48 11.82 38.61 -36.08
CA GLN C 48 12.65 37.42 -35.95
C GLN C 48 13.40 37.46 -34.63
N VAL C 49 13.43 36.33 -33.95
CA VAL C 49 14.22 36.23 -32.72
C VAL C 49 15.61 35.82 -33.13
N ILE C 50 16.59 36.68 -32.86
CA ILE C 50 17.96 36.39 -33.22
C ILE C 50 18.56 35.44 -32.20
N GLY C 51 18.33 35.69 -30.92
CA GLY C 51 18.92 34.89 -29.87
C GLY C 51 18.75 35.48 -28.49
N THR C 52 18.89 34.63 -27.49
CA THR C 52 18.80 35.02 -26.10
C THR C 52 20.06 34.63 -25.34
N ILE C 53 20.27 35.29 -24.21
CA ILE C 53 21.44 35.02 -23.38
C ILE C 53 21.05 35.23 -21.92
N TYR C 54 21.60 34.39 -21.05
CA TYR C 54 21.33 34.44 -19.62
C TYR C 54 22.56 34.97 -18.88
N TYR C 55 22.33 35.61 -17.73
CA TYR C 55 23.44 36.08 -16.89
C TYR C 55 24.49 35.00 -16.68
N SER C 56 24.08 33.73 -16.68
CA SER C 56 24.95 32.60 -16.45
C SER C 56 25.81 32.25 -17.65
N GLY C 57 25.52 32.77 -18.82
CA GLY C 57 26.28 32.49 -20.01
C GLY C 57 25.53 31.69 -21.06
N THR C 58 24.39 31.10 -20.70
CA THR C 58 23.68 30.23 -21.63
C THR C 58 23.05 31.06 -22.74
N THR C 59 23.20 30.60 -23.97
CA THR C 59 22.65 31.30 -25.13
C THR C 59 21.74 30.36 -25.88
N TYR C 60 20.74 30.94 -26.54
CA TYR C 60 20.00 30.26 -27.59
C TYR C 60 20.13 31.10 -28.84
N TYR C 61 20.34 30.45 -29.98
CA TYR C 61 20.42 31.18 -31.24
C TYR C 61 19.42 30.60 -32.21
N ASN C 62 18.80 31.49 -32.97
CA ASN C 62 17.90 31.04 -34.03
C ASN C 62 18.68 30.14 -34.97
N PRO C 63 18.16 28.94 -35.27
CA PRO C 63 18.91 27.99 -36.12
C PRO C 63 19.46 28.61 -37.39
N SER C 64 18.68 29.43 -38.09
CA SER C 64 19.12 29.97 -39.37
C SER C 64 20.32 30.90 -39.25
N LEU C 65 20.67 31.33 -38.05
CA LEU C 65 21.82 32.20 -37.83
C LEU C 65 22.92 31.61 -36.97
N ARG C 66 22.70 30.45 -36.33
CA ARG C 66 23.65 29.97 -35.33
C ARG C 66 25.06 29.87 -35.88
N ASN C 67 25.20 29.51 -37.16
CA ASN C 67 26.52 29.43 -37.78
C ASN C 67 27.30 30.74 -37.74
N ARG C 68 26.65 31.90 -37.47
CA ARG C 68 27.30 33.19 -37.70
C ARG C 68 26.83 34.31 -36.75
N VAL C 69 26.35 33.98 -35.56
CA VAL C 69 25.87 35.01 -34.63
C VAL C 69 26.47 34.76 -33.25
N THR C 70 26.70 35.85 -32.50
CA THR C 70 27.24 35.77 -31.15
C THR C 70 26.61 36.84 -30.28
N ILE C 71 26.10 36.47 -29.11
CA ILE C 71 25.59 37.43 -28.13
C ILE C 71 26.42 37.28 -26.86
N SER C 72 26.66 38.40 -26.17
CA SER C 72 27.38 38.30 -24.90
C SER C 72 27.09 39.51 -24.03
N LEU C 73 27.04 39.32 -22.72
CA LEU C 73 26.92 40.45 -21.80
C LEU C 73 28.25 40.80 -21.11
N ASP C 74 28.43 42.09 -20.86
CA ASP C 74 29.55 42.68 -20.13
C ASP C 74 29.05 43.31 -18.82
N LYS C 75 29.18 42.54 -17.74
CA LYS C 75 28.67 42.97 -16.44
C LYS C 75 29.38 44.23 -15.95
N SER C 76 30.64 44.44 -16.37
CA SER C 76 31.45 45.54 -15.85
C SER C 76 30.90 46.91 -16.25
N VAL C 77 30.32 47.00 -17.44
CA VAL C 77 29.72 48.23 -17.93
C VAL C 77 28.22 48.08 -18.13
N ASN C 78 27.68 46.91 -17.79
CA ASN C 78 26.25 46.62 -17.81
C ASN C 78 25.66 46.67 -19.22
N VAL C 79 26.41 46.16 -20.21
CA VAL C 79 25.92 46.16 -21.58
C VAL C 79 25.71 44.73 -22.09
N VAL C 80 24.90 44.60 -23.14
CA VAL C 80 24.73 43.34 -23.86
C VAL C 80 25.02 43.59 -25.35
N SER C 81 25.90 42.79 -25.93
CA SER C 81 26.41 42.97 -27.28
C SER C 81 25.90 41.88 -28.21
N LEU C 82 25.74 42.26 -29.48
CA LEU C 82 25.36 41.35 -30.57
C LEU C 82 26.37 41.50 -31.70
N ARG C 83 26.90 40.39 -32.19
CA ARG C 83 27.73 40.34 -33.40
C ARG C 83 27.08 39.43 -34.43
N LEU C 84 27.00 39.92 -35.67
CA LEU C 84 26.44 39.18 -36.79
C LEU C 84 27.38 39.29 -37.99
N GLY C 85 27.93 38.13 -38.39
CA GLY C 85 28.98 38.08 -39.40
C GLY C 85 28.46 37.66 -40.76
N SER C 86 29.31 37.86 -41.77
CA SER C 86 28.97 37.60 -43.17
C SER C 86 27.62 38.23 -43.52
N VAL C 87 27.52 39.51 -43.22
CA VAL C 87 26.23 40.21 -43.30
C VAL C 87 25.94 40.53 -44.76
N SER C 88 24.67 40.42 -45.14
CA SER C 88 24.24 40.74 -46.48
C SER C 88 23.23 41.88 -46.41
N ALA C 89 22.73 42.30 -47.58
CA ALA C 89 21.65 43.26 -47.61
C ALA C 89 20.44 42.75 -46.83
N ALA C 90 20.20 41.43 -46.87
CA ALA C 90 19.05 40.82 -46.20
C ALA C 90 19.09 40.95 -44.69
N ASP C 91 20.16 41.52 -44.14
CA ASP C 91 20.26 41.77 -42.70
C ASP C 91 19.96 43.22 -42.35
N THR C 92 19.52 44.02 -43.32
CA THR C 92 19.10 45.39 -43.05
C THR C 92 17.80 45.32 -42.26
N ALA C 93 17.80 45.87 -41.06
CA ALA C 93 16.65 45.71 -40.18
C ALA C 93 16.76 46.68 -39.01
N GLN C 94 15.64 46.82 -38.30
CA GLN C 94 15.61 47.48 -37.00
C GLN C 94 15.94 46.41 -35.97
N TYR C 95 16.92 46.69 -35.12
CA TYR C 95 17.42 45.72 -34.16
C TYR C 95 17.03 46.16 -32.76
N TYR C 96 16.13 45.40 -32.14
CA TYR C 96 15.65 45.70 -30.81
C TYR C 96 16.36 44.81 -29.81
N CYS C 97 16.73 45.42 -28.70
CA CYS C 97 17.24 44.73 -27.52
C CYS C 97 16.06 44.58 -26.58
N VAL C 98 15.97 43.43 -25.91
CA VAL C 98 14.71 43.03 -25.30
C VAL C 98 15.00 42.28 -24.02
N ARG C 99 14.08 42.41 -23.06
CA ARG C 99 14.22 41.76 -21.77
C ARG C 99 13.18 40.64 -21.68
N MET C 100 13.51 39.56 -20.95
CA MET C 100 12.59 38.44 -20.90
C MET C 100 12.54 37.85 -19.49
N PRO C 101 11.41 38.00 -18.80
CA PRO C 101 11.27 37.42 -17.45
C PRO C 101 11.60 35.93 -17.39
N SER C 102 12.47 35.59 -16.43
CA SER C 102 12.77 34.21 -16.07
C SER C 102 12.01 33.87 -14.79
N HIS C 103 10.84 33.25 -14.94
CA HIS C 103 10.01 32.88 -13.78
C HIS C 103 10.46 31.56 -13.21
N GLY C 104 10.79 31.55 -11.92
CA GLY C 104 11.24 30.35 -11.27
C GLY C 104 10.08 29.40 -11.02
N PHE C 105 10.45 28.18 -10.65
CA PHE C 105 9.53 27.05 -10.61
C PHE C 105 8.24 27.34 -9.83
N TRP C 106 8.34 28.05 -8.70
CA TRP C 106 7.15 28.23 -7.87
C TRP C 106 6.31 29.46 -8.19
N SER C 107 6.73 30.30 -9.14
CA SER C 107 5.90 31.41 -9.60
C SER C 107 4.57 30.92 -10.16
N THR C 108 3.49 31.67 -9.89
CA THR C 108 2.20 31.42 -10.55
C THR C 108 2.34 31.33 -12.07
N SER C 109 3.28 32.09 -12.64
CA SER C 109 3.41 32.22 -14.09
C SER C 109 4.65 31.52 -14.62
N PHE C 110 4.80 30.26 -14.24
CA PHE C 110 5.91 29.42 -14.69
C PHE C 110 5.69 28.88 -16.10
N SER C 111 6.77 28.84 -16.88
CA SER C 111 6.85 28.35 -18.28
C SER C 111 6.27 29.33 -19.29
N TYR C 112 5.77 30.48 -18.85
CA TYR C 112 5.25 31.51 -19.75
C TYR C 112 6.42 32.39 -20.19
N TRP C 113 6.75 32.32 -21.48
CA TRP C 113 7.93 33.00 -22.01
C TRP C 113 7.50 34.12 -22.95
N TYR C 114 7.73 35.37 -22.52
CA TYR C 114 7.28 36.53 -23.27
C TYR C 114 8.29 37.66 -23.15
N PHE C 115 8.31 38.53 -24.16
CA PHE C 115 9.26 39.63 -24.27
C PHE C 115 8.60 40.86 -23.66
N ASP C 116 8.93 41.18 -22.41
CA ASP C 116 8.11 42.13 -21.66
C ASP C 116 8.57 43.58 -21.73
N LEU C 117 9.76 43.85 -22.29
CA LEU C 117 10.24 45.22 -22.37
C LEU C 117 11.19 45.34 -23.55
N TRP C 118 10.96 46.37 -24.37
CA TRP C 118 11.69 46.54 -25.62
C TRP C 118 12.31 47.93 -25.62
N GLY C 119 13.52 48.03 -26.18
CA GLY C 119 14.13 49.31 -26.43
C GLY C 119 13.55 49.94 -27.69
N ARG C 120 14.05 51.13 -28.02
CA ARG C 120 13.49 51.86 -29.16
C ARG C 120 13.93 51.29 -30.49
N GLY C 121 14.96 50.47 -30.52
CA GLY C 121 15.43 49.95 -31.78
C GLY C 121 16.62 50.75 -32.31
N HIS C 122 17.32 50.16 -33.27
CA HIS C 122 18.42 50.83 -33.92
C HIS C 122 18.52 50.26 -35.32
N PHE C 123 18.45 51.14 -36.32
CA PHE C 123 18.38 50.70 -37.70
C PHE C 123 19.77 50.53 -38.30
N VAL C 124 19.93 49.48 -39.09
CA VAL C 124 21.21 49.17 -39.72
C VAL C 124 20.94 48.85 -41.19
N ALA C 125 21.54 49.62 -42.08
CA ALA C 125 21.53 49.36 -43.51
C ALA C 125 22.82 48.67 -43.91
N VAL C 126 22.73 47.74 -44.86
CA VAL C 126 23.90 47.03 -45.35
C VAL C 126 24.02 47.33 -46.84
N SER C 127 25.04 48.10 -47.21
CA SER C 127 25.21 48.59 -48.58
C SER C 127 26.67 48.95 -48.81
N TRP C 128 27.13 48.68 -50.04
CA TRP C 128 28.44 49.13 -50.47
C TRP C 128 28.58 50.64 -50.50
N ALA C 129 27.52 51.37 -50.85
CA ALA C 129 27.61 52.82 -50.89
C ALA C 129 28.14 53.38 -49.58
N SER C 130 28.88 54.47 -49.73
CA SER C 130 29.54 55.21 -48.66
C SER C 130 28.67 56.38 -48.22
N THR C 131 29.02 56.96 -47.07
CA THR C 131 28.16 57.97 -46.50
C THR C 131 28.09 59.18 -47.43
N LYS C 132 27.02 59.95 -47.28
CA LYS C 132 26.76 61.12 -48.11
C LYS C 132 25.84 62.06 -47.35
N GLY C 133 26.29 63.28 -47.08
CA GLY C 133 25.43 64.22 -46.40
C GLY C 133 24.38 64.80 -47.32
N PRO C 134 23.27 65.26 -46.76
CA PRO C 134 22.16 65.76 -47.58
C PRO C 134 22.26 67.22 -47.94
N SER C 135 21.63 67.57 -49.06
CA SER C 135 21.38 68.97 -49.38
C SER C 135 19.99 69.36 -48.88
N VAL C 136 19.87 70.58 -48.35
CA VAL C 136 18.62 71.08 -47.78
C VAL C 136 18.20 72.30 -48.58
N PHE C 137 16.99 72.23 -49.17
CA PHE C 137 16.50 73.33 -49.99
C PHE C 137 15.17 73.86 -49.45
N PRO C 138 14.95 75.18 -49.48
CA PRO C 138 13.68 75.71 -48.96
C PRO C 138 12.51 75.42 -49.89
N LEU C 139 11.35 75.14 -49.30
CA LEU C 139 10.06 75.13 -50.01
C LEU C 139 9.25 76.33 -49.53
N ALA C 140 9.35 77.47 -50.28
CA ALA C 140 8.85 78.80 -49.92
C ALA C 140 7.34 78.91 -50.11
N PRO C 141 6.64 79.55 -49.17
CA PRO C 141 5.20 79.82 -49.35
C PRO C 141 4.91 80.92 -50.37
N SER C 142 3.76 80.77 -51.03
CA SER C 142 3.24 81.78 -51.95
C SER C 142 1.85 82.23 -51.55
N GLY C 149 -6.14 80.98 -46.55
CA GLY C 149 -6.33 81.26 -45.12
C GLY C 149 -5.06 80.94 -44.33
N THR C 150 -4.48 79.78 -44.64
CA THR C 150 -3.26 79.27 -44.01
C THR C 150 -2.25 78.94 -45.09
N ALA C 151 -0.97 79.21 -44.82
CA ALA C 151 0.06 78.95 -45.82
C ALA C 151 0.89 77.75 -45.37
N ALA C 152 1.45 77.07 -46.36
CA ALA C 152 2.32 75.93 -46.11
C ALA C 152 3.74 76.27 -46.53
N LEU C 153 4.71 75.72 -45.82
CA LEU C 153 6.11 75.92 -46.15
C LEU C 153 6.87 74.69 -45.69
N GLY C 154 8.12 74.56 -46.12
CA GLY C 154 8.87 73.39 -45.72
C GLY C 154 10.33 73.38 -46.10
N CYS C 155 10.89 72.17 -46.04
CA CYS C 155 12.28 71.91 -46.39
C CYS C 155 12.35 70.58 -47.15
N LEU C 156 13.05 70.59 -48.27
CA LEU C 156 13.33 69.41 -49.09
C LEU C 156 14.74 68.92 -48.75
N VAL C 157 14.83 67.70 -48.23
CA VAL C 157 16.10 67.10 -47.81
C VAL C 157 16.46 66.03 -48.84
N LYS C 158 17.34 66.38 -49.79
CA LYS C 158 17.56 65.58 -50.98
C LYS C 158 18.98 65.01 -51.01
N ASP C 159 19.08 63.79 -51.55
CA ASP C 159 20.34 63.11 -51.86
C ASP C 159 21.22 62.87 -50.65
N TYR C 160 20.87 61.85 -49.84
CA TYR C 160 21.66 61.49 -48.68
C TYR C 160 21.67 59.98 -48.57
N PHE C 161 22.73 59.44 -47.95
CA PHE C 161 22.76 58.01 -47.70
C PHE C 161 23.68 57.81 -46.50
N PRO C 162 23.33 56.95 -45.52
CA PRO C 162 22.14 56.13 -45.31
C PRO C 162 21.09 56.76 -44.39
N GLU C 163 19.98 56.07 -44.20
CA GLU C 163 19.00 56.51 -43.21
C GLU C 163 19.57 56.42 -41.80
N PRO C 164 19.18 57.36 -40.91
CA PRO C 164 18.10 58.30 -41.17
C PRO C 164 18.52 59.76 -41.00
N VAL C 165 17.68 60.68 -41.45
CA VAL C 165 17.84 62.09 -41.11
C VAL C 165 16.62 62.48 -40.27
N THR C 166 16.85 63.39 -39.34
CA THR C 166 15.79 63.95 -38.51
C THR C 166 15.66 65.44 -38.75
N VAL C 167 14.42 65.90 -38.89
CA VAL C 167 14.14 67.31 -39.18
C VAL C 167 13.27 67.82 -38.04
N SER C 168 13.65 68.98 -37.50
CA SER C 168 12.86 69.66 -36.48
C SER C 168 12.59 71.08 -36.93
N TRP C 169 11.65 71.74 -36.27
CA TRP C 169 11.29 73.12 -36.60
C TRP C 169 11.39 74.01 -35.37
N ASN C 170 12.02 75.18 -35.56
CA ASN C 170 12.35 76.13 -34.50
C ASN C 170 12.92 75.44 -33.27
N SER C 171 13.90 74.56 -33.51
CA SER C 171 14.61 73.85 -32.45
C SER C 171 13.62 73.20 -31.47
N GLY C 172 12.55 72.62 -32.02
CA GLY C 172 11.54 71.97 -31.20
C GLY C 172 10.33 72.81 -30.85
N ALA C 173 10.41 74.14 -31.02
CA ALA C 173 9.34 75.01 -30.54
C ALA C 173 8.06 74.90 -31.36
N LEU C 174 8.15 74.61 -32.67
CA LEU C 174 6.97 74.50 -33.52
C LEU C 174 6.67 73.02 -33.72
N THR C 175 5.53 72.56 -33.19
CA THR C 175 5.19 71.15 -33.23
C THR C 175 3.84 70.86 -33.87
N SER C 176 2.87 71.78 -33.77
CA SER C 176 1.51 71.52 -34.21
C SER C 176 1.38 71.89 -35.67
N GLY C 177 1.00 70.93 -36.50
CA GLY C 177 0.83 71.14 -37.92
C GLY C 177 2.01 70.70 -38.75
N VAL C 178 3.02 70.05 -38.14
CA VAL C 178 4.21 69.60 -38.85
C VAL C 178 3.95 68.20 -39.41
N HIS C 179 4.48 67.95 -40.61
CA HIS C 179 4.35 66.68 -41.30
C HIS C 179 5.72 66.39 -41.91
N THR C 180 6.50 65.51 -41.29
CA THR C 180 7.77 65.05 -41.85
C THR C 180 7.59 63.72 -42.55
N PHE C 181 7.81 63.71 -43.86
CA PHE C 181 7.49 62.57 -44.70
C PHE C 181 8.51 61.44 -44.60
N PRO C 182 8.09 60.21 -44.88
CA PRO C 182 9.05 59.11 -45.02
C PRO C 182 9.97 59.35 -46.20
N ALA C 183 11.19 58.82 -46.11
CA ALA C 183 12.12 59.03 -47.21
C ALA C 183 11.67 58.23 -48.44
N VAL C 184 12.19 58.60 -49.61
CA VAL C 184 12.01 57.81 -50.82
C VAL C 184 13.36 57.47 -51.42
N LEU C 185 13.47 56.27 -51.99
CA LEU C 185 14.67 55.83 -52.69
C LEU C 185 14.61 56.25 -54.15
N GLN C 186 15.46 57.20 -54.54
CA GLN C 186 15.49 57.65 -55.93
C GLN C 186 16.25 56.64 -56.81
N SER C 187 16.09 56.80 -58.12
CA SER C 187 16.82 55.94 -59.05
C SER C 187 18.33 56.01 -58.82
N SER C 188 18.85 57.20 -58.51
CA SER C 188 20.26 57.38 -58.18
C SER C 188 20.74 56.50 -57.02
N GLY C 189 19.84 55.91 -56.24
CA GLY C 189 20.23 55.12 -55.09
C GLY C 189 20.42 55.86 -53.79
N LEU C 190 20.15 57.17 -53.76
CA LEU C 190 20.19 57.98 -52.55
C LEU C 190 18.77 58.32 -52.12
N TYR C 191 18.64 58.80 -50.88
CA TYR C 191 17.32 59.04 -50.30
C TYR C 191 16.97 60.53 -50.34
N SER C 192 15.67 60.80 -50.28
CA SER C 192 15.16 62.16 -50.25
C SER C 192 13.81 62.18 -49.54
N LEU C 193 13.54 63.25 -48.80
CA LEU C 193 12.26 63.42 -48.13
C LEU C 193 11.90 64.90 -48.12
N SER C 194 10.71 65.20 -47.61
CA SER C 194 10.28 66.57 -47.40
C SER C 194 9.68 66.66 -46.01
N SER C 195 9.80 67.84 -45.39
CA SER C 195 9.11 68.15 -44.15
C SER C 195 8.38 69.47 -44.30
N VAL C 196 7.10 69.52 -43.94
CA VAL C 196 6.26 70.68 -44.25
C VAL C 196 5.42 71.04 -43.03
N VAL C 197 5.25 72.34 -42.79
CA VAL C 197 4.40 72.88 -41.72
C VAL C 197 3.40 73.85 -42.33
N THR C 198 2.20 73.86 -41.77
CA THR C 198 1.19 74.88 -42.07
C THR C 198 1.05 75.87 -40.93
N VAL C 199 1.16 77.15 -41.26
CA VAL C 199 1.11 78.25 -40.31
C VAL C 199 0.07 79.26 -40.79
N PRO C 200 -0.36 80.17 -39.92
CA PRO C 200 -1.21 81.27 -40.40
C PRO C 200 -0.43 82.22 -41.30
N SER C 201 -1.04 82.57 -42.45
CA SER C 201 -0.38 83.43 -43.43
C SER C 201 -0.01 84.80 -42.88
N SER C 202 -0.82 85.33 -41.95
CA SER C 202 -0.54 86.63 -41.34
C SER C 202 0.83 86.67 -40.67
N SER C 203 1.43 85.52 -40.38
CA SER C 203 2.68 85.43 -39.62
C SER C 203 3.92 85.35 -40.49
N LEU C 204 3.79 85.22 -41.81
CA LEU C 204 4.97 85.02 -42.65
C LEU C 204 5.91 86.21 -42.57
N GLY C 205 5.38 87.42 -42.77
CA GLY C 205 6.17 88.64 -42.70
C GLY C 205 6.72 89.02 -41.33
N THR C 206 6.41 88.27 -40.27
CA THR C 206 6.89 88.58 -38.92
C THR C 206 7.71 87.48 -38.26
N GLN C 207 7.30 86.21 -38.40
CA GLN C 207 7.97 85.10 -37.75
C GLN C 207 8.94 84.42 -38.70
N THR C 208 10.19 84.28 -38.26
CA THR C 208 11.18 83.50 -39.01
C THR C 208 11.02 82.02 -38.69
N TYR C 209 11.18 81.19 -39.72
CA TYR C 209 11.00 79.74 -39.64
C TYR C 209 12.26 79.03 -40.11
N ILE C 210 12.97 78.38 -39.19
CA ILE C 210 14.18 77.64 -39.49
C ILE C 210 13.88 76.15 -39.34
N CYS C 211 14.39 75.34 -40.26
CA CYS C 211 14.35 73.90 -40.13
C CYS C 211 15.75 73.38 -39.83
N ASN C 212 15.83 72.45 -38.88
CA ASN C 212 17.10 71.90 -38.42
C ASN C 212 17.14 70.44 -38.85
N VAL C 213 18.00 70.15 -39.83
CA VAL C 213 18.16 68.81 -40.37
C VAL C 213 19.43 68.24 -39.76
N ASP C 214 19.37 66.98 -39.35
CA ASP C 214 20.51 66.26 -38.80
C ASP C 214 20.62 64.93 -39.52
N HIS C 215 21.86 64.57 -39.87
CA HIS C 215 22.21 63.32 -40.52
C HIS C 215 23.47 62.81 -39.85
N LYS C 216 23.28 62.09 -38.75
CA LYS C 216 24.41 61.58 -37.98
C LYS C 216 25.29 60.57 -38.72
N PRO C 217 24.77 59.71 -39.61
CA PRO C 217 25.68 58.82 -40.35
C PRO C 217 26.79 59.53 -41.11
N SER C 218 26.62 60.80 -41.48
CA SER C 218 27.71 61.56 -42.10
C SER C 218 28.13 62.77 -41.27
N ASN C 219 27.69 62.84 -40.01
CA ASN C 219 27.92 63.99 -39.13
C ASN C 219 27.60 65.31 -39.83
N THR C 220 26.46 65.36 -40.53
CA THR C 220 25.95 66.58 -41.15
C THR C 220 24.88 67.22 -40.26
N LYS C 221 25.05 68.49 -39.91
CA LYS C 221 23.99 69.29 -39.33
C LYS C 221 23.79 70.57 -40.15
N VAL C 222 22.55 70.87 -40.51
CA VAL C 222 22.23 72.02 -41.36
C VAL C 222 20.99 72.72 -40.81
N ASP C 223 21.06 74.06 -40.69
CA ASP C 223 19.94 74.89 -40.28
C ASP C 223 19.60 75.87 -41.40
N LYS C 224 18.46 75.65 -42.05
CA LYS C 224 18.03 76.44 -43.20
C LYS C 224 16.76 77.23 -42.88
N LYS C 225 16.80 78.55 -43.06
CA LYS C 225 15.64 79.40 -42.81
C LYS C 225 14.79 79.58 -44.07
N VAL C 226 13.48 79.53 -43.89
CA VAL C 226 12.49 79.55 -44.96
C VAL C 226 11.67 80.83 -44.88
N GLU C 227 11.89 81.74 -45.82
CA GLU C 227 11.31 83.08 -45.99
C GLU C 227 10.32 83.06 -47.17
N PRO C 228 9.28 83.90 -47.13
CA PRO C 228 8.29 83.89 -48.23
C PRO C 228 8.95 84.24 -49.56
N LYS C 229 8.44 83.63 -50.62
CA LYS C 229 9.08 83.66 -51.92
C LYS C 229 9.04 85.05 -52.55
N SER C 230 9.93 85.24 -53.52
CA SER C 230 10.23 86.52 -54.15
C SER C 230 10.18 86.54 -55.67
N ASP D 1 31.15 -7.38 -11.53
CA ASP D 1 30.26 -8.46 -11.95
C ASP D 1 29.74 -9.22 -10.74
N ILE D 2 28.46 -9.57 -10.77
CA ILE D 2 27.86 -10.26 -9.64
C ILE D 2 28.35 -11.70 -9.64
N GLN D 3 29.00 -12.10 -8.54
CA GLN D 3 29.46 -13.47 -8.42
C GLN D 3 28.31 -14.39 -7.97
N MET D 4 28.23 -15.57 -8.60
CA MET D 4 27.19 -16.56 -8.39
C MET D 4 27.81 -17.88 -7.95
N THR D 5 27.23 -18.50 -6.92
CA THR D 5 27.72 -19.82 -6.51
C THR D 5 26.57 -20.72 -6.11
N GLN D 6 26.52 -21.92 -6.70
CA GLN D 6 25.52 -22.93 -6.38
C GLN D 6 26.10 -23.95 -5.39
N SER D 7 25.20 -24.56 -4.60
CA SER D 7 25.56 -25.65 -3.71
C SER D 7 24.49 -26.73 -3.67
N PRO D 8 24.87 -28.01 -3.67
CA PRO D 8 26.23 -28.55 -3.81
C PRO D 8 26.64 -28.61 -5.30
N SER D 9 27.94 -28.80 -5.59
CA SER D 9 28.35 -28.89 -6.99
C SER D 9 27.77 -30.13 -7.66
N SER D 10 27.87 -31.28 -7.00
CA SER D 10 27.29 -32.51 -7.49
C SER D 10 26.53 -33.19 -6.36
N LEU D 11 25.49 -33.91 -6.75
CA LEU D 11 24.74 -34.72 -5.80
C LEU D 11 24.13 -35.87 -6.58
N SER D 12 23.63 -36.86 -5.84
CA SER D 12 22.87 -37.92 -6.47
C SER D 12 21.64 -38.22 -5.65
N ALA D 13 20.59 -38.67 -6.32
CA ALA D 13 19.30 -38.87 -5.67
C ALA D 13 18.60 -40.06 -6.28
N SER D 14 17.82 -40.76 -5.46
CA SER D 14 16.93 -41.82 -5.91
C SER D 14 15.59 -41.22 -6.34
N VAL D 15 14.96 -41.88 -7.33
CA VAL D 15 13.66 -41.43 -7.84
C VAL D 15 12.65 -41.32 -6.71
N GLY D 16 11.98 -40.16 -6.62
CA GLY D 16 11.04 -39.85 -5.57
C GLY D 16 11.55 -38.85 -4.54
N ASP D 17 12.87 -38.78 -4.34
CA ASP D 17 13.44 -37.92 -3.33
C ASP D 17 13.10 -36.45 -3.55
N LYS D 18 13.10 -35.70 -2.45
CA LYS D 18 13.10 -34.25 -2.51
C LYS D 18 14.53 -33.79 -2.62
N VAL D 19 14.77 -32.80 -3.48
CA VAL D 19 16.12 -32.31 -3.73
C VAL D 19 16.06 -30.78 -3.68
N THR D 20 16.89 -30.19 -2.83
CA THR D 20 17.01 -28.74 -2.82
C THR D 20 18.41 -28.32 -3.23
N ILE D 21 18.45 -27.31 -4.08
CA ILE D 21 19.67 -26.75 -4.63
C ILE D 21 19.68 -25.28 -4.27
N THR D 22 20.77 -24.82 -3.67
CA THR D 22 20.82 -23.48 -3.13
C THR D 22 21.69 -22.64 -4.05
N CYS D 23 21.29 -21.39 -4.27
CA CYS D 23 22.01 -20.49 -5.17
C CYS D 23 22.22 -19.21 -4.37
N ARG D 24 23.48 -18.89 -4.09
CA ARG D 24 23.83 -17.71 -3.31
C ARG D 24 24.60 -16.72 -4.17
N ALA D 25 24.34 -15.44 -3.92
CA ALA D 25 24.87 -14.33 -4.69
C ALA D 25 25.74 -13.43 -3.81
N SER D 26 26.68 -12.74 -4.45
CA SER D 26 27.59 -11.85 -3.74
C SER D 26 26.92 -10.54 -3.34
N GLN D 27 25.93 -10.09 -4.11
CA GLN D 27 25.06 -8.98 -3.72
C GLN D 27 23.63 -9.47 -3.56
N SER D 28 22.75 -8.53 -3.22
CA SER D 28 21.33 -8.80 -3.31
C SER D 28 20.90 -8.64 -4.76
N VAL D 29 20.05 -9.58 -5.21
CA VAL D 29 19.58 -9.64 -6.58
C VAL D 29 18.10 -9.27 -6.66
N THR D 30 17.53 -8.84 -5.54
CA THR D 30 16.14 -8.44 -5.35
C THR D 30 15.24 -9.25 -6.30
N LYS D 31 15.24 -10.58 -6.10
CA LYS D 31 14.32 -11.56 -6.67
C LYS D 31 14.37 -11.70 -8.19
N TYR D 32 15.32 -11.05 -8.88
CA TYR D 32 15.46 -11.23 -10.34
C TYR D 32 16.36 -12.44 -10.63
N LEU D 33 15.81 -13.64 -10.42
CA LEU D 33 16.59 -14.88 -10.41
C LEU D 33 15.87 -15.94 -11.23
N ASN D 34 16.57 -16.51 -12.24
CA ASN D 34 15.99 -17.48 -13.16
C ASN D 34 16.71 -18.82 -13.04
N TRP D 35 15.98 -19.90 -13.36
CA TRP D 35 16.47 -21.29 -13.33
C TRP D 35 16.28 -21.99 -14.67
N TYR D 36 17.34 -22.70 -15.14
CA TYR D 36 17.37 -23.41 -16.42
C TYR D 36 17.86 -24.86 -16.25
N GLN D 37 17.36 -25.72 -17.14
CA GLN D 37 17.69 -27.15 -17.20
C GLN D 37 18.48 -27.50 -18.44
N PHE D 38 19.59 -28.23 -18.25
CA PHE D 38 20.50 -28.64 -19.30
C PHE D 38 20.58 -30.17 -19.32
N LYS D 39 20.22 -30.76 -20.44
CA LYS D 39 20.43 -32.18 -20.71
C LYS D 39 21.29 -32.34 -21.95
N THR D 40 22.10 -33.40 -21.96
CA THR D 40 23.16 -33.50 -22.96
C THR D 40 22.58 -33.61 -24.37
N GLY D 41 21.46 -34.34 -24.52
CA GLY D 41 20.87 -34.47 -25.84
C GLY D 41 20.20 -33.21 -26.35
N GLN D 42 19.49 -32.49 -25.48
CA GLN D 42 18.52 -31.49 -25.93
C GLN D 42 19.01 -30.07 -25.71
N ALA D 43 18.23 -29.14 -26.27
CA ALA D 43 18.46 -27.72 -26.12
C ALA D 43 18.24 -27.31 -24.67
N PRO D 44 19.05 -26.39 -24.14
CA PRO D 44 18.75 -25.82 -22.83
C PRO D 44 17.31 -25.37 -22.74
N ARG D 45 16.76 -25.39 -21.54
CA ARG D 45 15.33 -25.19 -21.36
C ARG D 45 15.11 -24.44 -20.06
N ILE D 46 14.44 -23.28 -20.14
CA ILE D 46 14.15 -22.52 -18.95
C ILE D 46 13.03 -23.22 -18.16
N LEU D 47 13.08 -23.08 -16.83
CA LEU D 47 11.95 -23.54 -16.01
C LEU D 47 11.38 -22.49 -15.08
N ILE D 48 12.20 -21.61 -14.50
CA ILE D 48 11.64 -20.57 -13.64
C ILE D 48 12.22 -19.20 -13.94
N TYR D 49 11.39 -18.15 -13.79
CA TYR D 49 11.89 -16.79 -13.90
C TYR D 49 11.39 -15.99 -12.71
N GLY D 50 12.22 -15.04 -12.25
CA GLY D 50 11.86 -14.18 -11.14
C GLY D 50 11.54 -14.94 -9.87
N THR D 51 12.42 -15.84 -9.47
CA THR D 51 12.31 -16.60 -8.23
C THR D 51 11.16 -17.62 -8.25
N TYR D 52 9.90 -17.17 -8.41
CA TYR D 52 8.81 -18.13 -8.23
C TYR D 52 8.08 -18.56 -9.49
N THR D 53 8.14 -17.80 -10.58
CA THR D 53 7.16 -17.98 -11.64
C THR D 53 7.53 -19.15 -12.53
N LEU D 54 6.65 -20.15 -12.60
CA LEU D 54 6.81 -21.28 -13.50
C LEU D 54 6.33 -20.95 -14.91
N LEU D 55 7.05 -21.43 -15.91
CA LEU D 55 6.60 -21.27 -17.28
C LEU D 55 5.78 -22.46 -17.73
N SER D 56 4.92 -22.22 -18.71
CA SER D 56 4.03 -23.25 -19.22
C SER D 56 4.79 -24.49 -19.65
N GLY D 57 4.19 -25.65 -19.40
CA GLY D 57 4.78 -26.93 -19.75
C GLY D 57 5.87 -27.44 -18.83
N VAL D 58 6.34 -26.63 -17.88
CA VAL D 58 7.24 -27.13 -16.84
C VAL D 58 6.42 -27.78 -15.73
N SER D 59 6.86 -28.96 -15.29
CA SER D 59 6.12 -29.69 -14.26
C SER D 59 6.16 -28.94 -12.93
N PRO D 60 5.08 -29.01 -12.14
CA PRO D 60 5.03 -28.35 -10.83
C PRO D 60 5.85 -29.03 -9.74
N ARG D 61 6.48 -30.16 -10.04
CA ARG D 61 7.55 -30.72 -9.20
C ARG D 61 8.66 -29.69 -8.90
N PHE D 62 9.01 -28.85 -9.85
CA PHE D 62 9.95 -27.75 -9.64
C PHE D 62 9.31 -26.57 -8.91
N SER D 63 10.04 -26.00 -7.94
CA SER D 63 9.52 -24.82 -7.25
C SER D 63 10.69 -24.01 -6.73
N GLY D 64 10.57 -22.69 -6.85
CA GLY D 64 11.64 -21.78 -6.52
C GLY D 64 11.26 -20.94 -5.32
N ALA D 65 12.27 -20.48 -4.59
CA ALA D 65 12.00 -19.73 -3.37
C ALA D 65 13.23 -18.92 -3.05
N GLY D 66 13.04 -17.89 -2.23
CA GLY D 66 14.19 -17.13 -1.81
C GLY D 66 13.98 -15.65 -1.76
N SER D 67 15.04 -14.94 -1.38
CA SER D 67 15.05 -13.48 -1.34
C SER D 67 16.47 -13.06 -1.06
N GLY D 68 16.72 -11.76 -1.22
CA GLY D 68 18.02 -11.22 -0.86
C GLY D 68 19.11 -11.89 -1.67
N SER D 69 20.08 -12.49 -0.98
CA SER D 69 21.19 -13.19 -1.61
C SER D 69 21.04 -14.71 -1.60
N LEU D 70 19.88 -15.24 -1.23
CA LEU D 70 19.76 -16.67 -0.94
C LEU D 70 18.50 -17.20 -1.61
N TYR D 71 18.68 -18.13 -2.55
CA TYR D 71 17.57 -18.70 -3.28
C TYR D 71 17.70 -20.22 -3.27
N THR D 72 16.63 -20.91 -3.65
CA THR D 72 16.59 -22.36 -3.53
C THR D 72 15.56 -22.93 -4.49
N LEU D 73 16.04 -23.84 -5.35
CA LEU D 73 15.21 -24.65 -6.22
C LEU D 73 14.93 -25.99 -5.55
N THR D 74 13.71 -26.49 -5.71
CA THR D 74 13.31 -27.72 -5.04
C THR D 74 12.53 -28.61 -6.01
N ILE D 75 13.00 -29.85 -6.12
CA ILE D 75 12.36 -30.89 -6.93
C ILE D 75 11.63 -31.83 -5.98
N THR D 76 10.31 -31.96 -6.20
CA THR D 76 9.43 -32.58 -5.22
C THR D 76 9.48 -34.11 -5.28
N ASN D 77 9.35 -34.68 -6.48
CA ASN D 77 9.05 -36.11 -6.60
C ASN D 77 9.90 -36.69 -7.73
N ILE D 78 11.20 -36.40 -7.67
CA ILE D 78 12.15 -36.50 -8.79
C ILE D 78 11.94 -37.75 -9.66
N GLN D 79 11.84 -37.53 -10.97
CA GLN D 79 11.54 -38.58 -11.95
C GLN D 79 12.71 -38.70 -12.93
N PRO D 80 12.79 -39.79 -13.73
CA PRO D 80 13.93 -39.96 -14.65
C PRO D 80 14.23 -38.76 -15.55
N GLU D 81 13.23 -38.06 -16.07
CA GLU D 81 13.56 -36.99 -17.01
C GLU D 81 14.12 -35.76 -16.30
N ASP D 82 14.19 -35.76 -14.98
CA ASP D 82 14.73 -34.62 -14.26
C ASP D 82 16.23 -34.72 -14.03
N PHE D 83 16.85 -35.89 -14.19
CA PHE D 83 18.29 -35.99 -13.96
C PHE D 83 19.02 -35.25 -15.06
N ALA D 84 19.82 -34.26 -14.66
CA ALA D 84 20.32 -33.25 -15.60
C ALA D 84 21.25 -32.31 -14.86
N THR D 85 21.73 -31.25 -15.49
CA THR D 85 22.46 -30.24 -14.73
C THR D 85 21.71 -28.91 -14.79
N TYR D 86 21.64 -28.22 -13.65
CA TYR D 86 20.78 -27.07 -13.45
C TYR D 86 21.61 -25.80 -13.22
N TYR D 87 21.17 -24.69 -13.84
CA TYR D 87 21.86 -23.41 -13.70
C TYR D 87 20.91 -22.29 -13.23
N CYS D 88 21.41 -21.43 -12.32
CA CYS D 88 20.75 -20.20 -11.91
C CYS D 88 21.40 -18.96 -12.55
N GLN D 89 20.59 -17.91 -12.80
CA GLN D 89 21.06 -16.68 -13.43
C GLN D 89 20.41 -15.45 -12.79
N GLN D 90 21.18 -14.38 -12.61
CA GLN D 90 20.66 -13.10 -12.10
C GLN D 90 20.37 -12.08 -13.21
N ALA D 91 19.25 -11.38 -13.09
CA ALA D 91 18.88 -10.32 -14.05
C ALA D 91 18.94 -8.92 -13.44
N HIS D 92 19.47 -8.79 -12.22
CA HIS D 92 19.55 -7.48 -11.54
C HIS D 92 20.57 -6.51 -12.15
N SER D 93 21.78 -6.96 -12.45
CA SER D 93 22.82 -6.04 -12.91
C SER D 93 23.01 -5.94 -14.42
N THR D 94 23.90 -5.00 -14.79
CA THR D 94 24.19 -4.74 -16.21
C THR D 94 24.78 -5.95 -16.90
N PRO D 95 25.76 -6.70 -16.34
CA PRO D 95 26.23 -7.88 -17.07
C PRO D 95 25.65 -9.10 -16.37
N TRP D 96 24.74 -9.82 -17.03
CA TRP D 96 24.11 -10.95 -16.38
C TRP D 96 25.11 -12.07 -16.23
N THR D 97 25.05 -12.76 -15.10
CA THR D 97 25.99 -13.83 -14.81
C THR D 97 25.25 -15.07 -14.34
N PHE D 98 25.82 -16.23 -14.68
CA PHE D 98 25.27 -17.53 -14.32
C PHE D 98 26.07 -18.15 -13.19
N GLY D 99 25.46 -19.15 -12.54
CA GLY D 99 26.19 -20.02 -11.65
C GLY D 99 27.01 -21.04 -12.39
N GLN D 100 27.65 -21.93 -11.64
CA GLN D 100 28.53 -22.92 -12.23
C GLN D 100 27.81 -24.23 -12.54
N GLY D 101 26.66 -24.48 -11.96
CA GLY D 101 25.83 -25.62 -12.35
C GLY D 101 25.83 -26.71 -11.28
N THR D 102 24.68 -27.35 -11.11
CA THR D 102 24.54 -28.49 -10.20
C THR D 102 24.07 -29.70 -10.98
N HIS D 103 24.89 -30.75 -10.99
CA HIS D 103 24.59 -31.95 -11.78
C HIS D 103 23.89 -32.96 -10.87
N VAL D 104 22.71 -33.41 -11.29
CA VAL D 104 21.88 -34.33 -10.52
C VAL D 104 21.90 -35.63 -11.31
N ALA D 105 22.51 -36.63 -10.65
CA ALA D 105 22.83 -37.99 -11.04
C ALA D 105 22.09 -38.96 -10.12
N ALA D 106 22.09 -40.23 -10.51
CA ALA D 106 21.32 -41.26 -9.82
C ALA D 106 22.20 -41.96 -8.79
N ASN D 107 21.60 -42.25 -7.65
CA ASN D 107 22.16 -43.16 -6.64
C ASN D 107 21.59 -44.56 -6.82
N ARG D 108 22.45 -45.54 -6.60
CA ARG D 108 22.14 -46.95 -6.78
C ARG D 108 23.18 -47.76 -6.02
N THR D 109 22.96 -49.07 -5.98
CA THR D 109 23.84 -49.96 -5.22
C THR D 109 25.20 -50.09 -5.90
N VAL D 110 26.23 -50.30 -5.09
CA VAL D 110 27.59 -50.40 -5.60
C VAL D 110 27.63 -51.54 -6.62
N ALA D 111 28.35 -51.31 -7.73
CA ALA D 111 28.52 -52.31 -8.78
C ALA D 111 29.95 -52.28 -9.29
N ALA D 112 30.63 -53.42 -9.18
CA ALA D 112 32.03 -53.51 -9.57
C ALA D 112 32.19 -53.53 -11.10
N PRO D 113 33.33 -53.06 -11.60
CA PRO D 113 33.56 -53.02 -13.05
C PRO D 113 34.04 -54.34 -13.63
N SER D 114 33.65 -54.57 -14.89
CA SER D 114 34.27 -55.65 -15.65
C SER D 114 35.49 -55.07 -16.35
N VAL D 115 36.65 -55.71 -16.19
CA VAL D 115 37.91 -55.14 -16.69
C VAL D 115 38.36 -55.92 -17.92
N PHE D 116 38.77 -55.20 -18.95
CA PHE D 116 39.27 -55.76 -20.20
C PHE D 116 40.57 -55.06 -20.57
N ILE D 117 41.42 -55.74 -21.35
CA ILE D 117 42.62 -55.11 -21.87
C ILE D 117 42.72 -55.43 -23.36
N PHE D 118 43.12 -54.44 -24.15
CA PHE D 118 43.21 -54.52 -25.59
C PHE D 118 44.64 -54.22 -26.01
N PRO D 119 45.32 -55.14 -26.68
CA PRO D 119 46.66 -54.86 -27.23
C PRO D 119 46.56 -53.99 -28.46
N PRO D 120 47.67 -53.47 -28.98
CA PRO D 120 47.57 -52.59 -30.14
C PRO D 120 47.35 -53.38 -31.42
N SER D 121 46.57 -52.78 -32.31
CA SER D 121 46.25 -53.39 -33.60
C SER D 121 47.52 -53.53 -34.44
N ASP D 122 47.64 -54.67 -35.13
CA ASP D 122 48.75 -54.84 -36.07
C ASP D 122 48.84 -53.65 -37.02
N GLU D 123 47.72 -53.28 -37.63
CA GLU D 123 47.66 -52.13 -38.52
C GLU D 123 48.29 -50.91 -37.86
N GLN D 124 47.95 -50.66 -36.60
CA GLN D 124 48.49 -49.49 -35.94
C GLN D 124 49.95 -49.65 -35.57
N LEU D 125 50.41 -50.87 -35.24
CA LEU D 125 51.84 -51.03 -35.01
C LEU D 125 52.63 -50.78 -36.28
N LYS D 126 52.07 -51.16 -37.43
CA LYS D 126 52.66 -50.83 -38.71
C LYS D 126 52.76 -49.33 -38.88
N SER D 127 51.73 -48.58 -38.46
CA SER D 127 51.77 -47.13 -38.63
C SER D 127 52.92 -46.49 -37.86
N GLY D 128 53.39 -47.12 -36.78
CA GLY D 128 54.54 -46.65 -36.04
C GLY D 128 54.33 -46.16 -34.62
N THR D 129 53.11 -46.20 -34.10
CA THR D 129 52.85 -45.98 -32.68
C THR D 129 51.97 -47.12 -32.19
N ALA D 130 51.74 -47.18 -30.89
CA ALA D 130 51.01 -48.31 -30.31
C ALA D 130 50.16 -47.79 -29.17
N SER D 131 48.85 -48.05 -29.26
CA SER D 131 47.89 -47.72 -28.23
C SER D 131 47.35 -49.01 -27.62
N VAL D 132 47.33 -49.06 -26.29
CA VAL D 132 46.81 -50.20 -25.55
C VAL D 132 45.66 -49.67 -24.71
N VAL D 133 44.51 -50.33 -24.78
CA VAL D 133 43.30 -49.81 -24.16
C VAL D 133 42.94 -50.69 -22.96
N CYS D 134 42.62 -50.05 -21.84
CA CYS D 134 42.00 -50.73 -20.71
C CYS D 134 40.55 -50.27 -20.60
N LEU D 135 39.63 -51.22 -20.49
CA LEU D 135 38.21 -50.93 -20.40
C LEU D 135 37.66 -51.37 -19.05
N LEU D 136 36.97 -50.45 -18.38
CA LEU D 136 36.23 -50.73 -17.15
C LEU D 136 34.75 -50.52 -17.49
N ASN D 137 33.99 -51.61 -17.53
CA ASN D 137 32.61 -51.57 -18.00
C ASN D 137 31.63 -51.64 -16.85
N ASN D 138 30.67 -50.72 -16.88
CA ASN D 138 29.41 -50.75 -16.13
C ASN D 138 29.66 -50.90 -14.62
N PHE D 139 30.15 -49.80 -14.04
CA PHE D 139 30.52 -49.75 -12.63
C PHE D 139 29.90 -48.52 -11.97
N TYR D 140 29.90 -48.53 -10.63
CA TYR D 140 29.39 -47.43 -9.81
C TYR D 140 29.95 -47.58 -8.41
N PRO D 141 30.42 -46.50 -7.76
CA PRO D 141 30.43 -45.09 -8.16
C PRO D 141 31.48 -44.71 -9.18
N ARG D 142 31.44 -43.44 -9.58
CA ARG D 142 32.26 -42.96 -10.68
C ARG D 142 33.75 -43.06 -10.36
N GLU D 143 34.11 -42.95 -9.09
CA GLU D 143 35.51 -42.85 -8.70
C GLU D 143 36.18 -44.20 -8.91
N ALA D 144 37.21 -44.25 -9.74
CA ALA D 144 37.95 -45.48 -9.95
C ALA D 144 39.39 -45.16 -10.31
N LYS D 145 40.32 -45.97 -9.81
CA LYS D 145 41.75 -45.78 -10.07
C LYS D 145 42.27 -46.84 -11.05
N VAL D 146 43.06 -46.40 -12.02
CA VAL D 146 43.55 -47.22 -13.12
C VAL D 146 45.07 -47.04 -13.18
N GLN D 147 45.82 -48.09 -12.87
CA GLN D 147 47.26 -48.06 -12.85
C GLN D 147 47.82 -48.84 -14.05
N TRP D 148 48.88 -48.32 -14.66
CA TRP D 148 49.56 -49.00 -15.75
C TRP D 148 50.90 -49.56 -15.25
N LYS D 149 51.22 -50.81 -15.59
CA LYS D 149 52.53 -51.38 -15.24
C LYS D 149 53.12 -52.15 -16.41
N VAL D 150 54.33 -51.74 -16.80
CA VAL D 150 55.08 -52.30 -17.92
C VAL D 150 56.36 -52.92 -17.37
N ASP D 151 56.52 -54.24 -17.53
CA ASP D 151 57.66 -54.98 -16.98
C ASP D 151 57.81 -54.75 -15.50
N ASN D 152 56.67 -54.66 -14.80
CA ASN D 152 56.51 -54.47 -13.36
C ASN D 152 56.79 -53.02 -12.98
N ALA D 153 57.11 -52.18 -13.94
CA ALA D 153 57.38 -50.77 -13.68
C ALA D 153 56.11 -49.97 -13.88
N LEU D 154 55.84 -49.07 -12.94
CA LEU D 154 54.60 -48.33 -12.94
C LEU D 154 54.73 -47.13 -13.86
N GLN D 155 53.67 -46.86 -14.62
CA GLN D 155 53.73 -45.85 -15.66
C GLN D 155 53.09 -44.55 -15.18
N SER D 156 53.27 -43.49 -15.96
CA SER D 156 52.60 -42.23 -15.71
C SER D 156 52.91 -41.18 -16.77
N GLY D 157 51.88 -40.43 -17.17
CA GLY D 157 51.95 -39.38 -18.18
C GLY D 157 51.63 -39.81 -19.59
N ASN D 158 52.07 -41.00 -19.99
CA ASN D 158 51.81 -41.51 -21.33
C ASN D 158 50.37 -41.98 -21.53
N SER D 159 49.51 -41.98 -20.50
CA SER D 159 48.17 -42.54 -20.62
C SER D 159 47.10 -41.49 -20.36
N GLN D 160 45.96 -41.66 -21.02
CA GLN D 160 44.78 -40.82 -20.85
C GLN D 160 43.55 -41.64 -20.51
N GLU D 161 42.65 -41.05 -19.72
CA GLU D 161 41.41 -41.71 -19.33
C GLU D 161 40.20 -40.94 -19.88
N SER D 162 39.11 -41.67 -20.07
CA SER D 162 37.85 -41.07 -20.50
C SER D 162 36.70 -41.84 -19.86
N VAL D 163 35.60 -41.14 -19.57
CA VAL D 163 34.48 -41.69 -18.82
C VAL D 163 33.17 -41.27 -19.46
N THR D 164 32.28 -42.23 -19.67
CA THR D 164 30.98 -41.95 -20.27
C THR D 164 30.07 -41.22 -19.28
N GLU D 165 29.00 -40.64 -19.81
CA GLU D 165 27.96 -40.15 -18.93
C GLU D 165 27.14 -41.32 -18.39
N GLN D 166 26.46 -41.09 -17.28
CA GLN D 166 25.71 -42.16 -16.64
C GLN D 166 24.69 -42.73 -17.62
N ASP D 167 24.61 -44.05 -17.65
CA ASP D 167 23.74 -44.76 -18.59
C ASP D 167 22.28 -44.53 -18.27
N SER D 168 21.49 -44.29 -19.33
CA SER D 168 20.07 -43.96 -19.14
C SER D 168 19.33 -45.06 -18.39
N LYS D 169 19.64 -46.33 -18.70
CA LYS D 169 18.98 -47.48 -18.08
C LYS D 169 19.81 -48.14 -16.99
N ASP D 170 21.11 -48.34 -17.26
CA ASP D 170 22.00 -48.98 -16.29
C ASP D 170 22.25 -48.11 -15.06
N SER D 171 22.31 -46.79 -15.23
CA SER D 171 22.72 -45.83 -14.20
C SER D 171 24.18 -46.02 -13.75
N THR D 172 25.06 -46.46 -14.65
CA THR D 172 26.46 -46.69 -14.33
C THR D 172 27.39 -46.04 -15.36
N TYR D 173 28.68 -46.01 -15.01
CA TYR D 173 29.72 -45.39 -15.80
C TYR D 173 30.62 -46.47 -16.43
N SER D 174 31.33 -46.09 -17.49
CA SER D 174 32.42 -46.89 -18.04
C SER D 174 33.60 -45.99 -18.36
N LEU D 175 34.79 -46.59 -18.38
CA LEU D 175 36.02 -45.81 -18.44
C LEU D 175 37.06 -46.51 -19.30
N SER D 176 37.72 -45.73 -20.16
CA SER D 176 38.79 -46.22 -21.02
C SER D 176 40.09 -45.53 -20.65
N SER D 177 41.12 -46.32 -20.37
CA SER D 177 42.49 -45.81 -20.20
C SER D 177 43.34 -46.23 -21.39
N THR D 178 43.71 -45.28 -22.22
CA THR D 178 44.52 -45.54 -23.41
C THR D 178 45.97 -45.17 -23.11
N LEU D 179 46.87 -46.12 -23.28
CA LEU D 179 48.30 -45.96 -23.09
C LEU D 179 48.95 -45.89 -24.46
N THR D 180 49.58 -44.75 -24.77
CA THR D 180 50.14 -44.49 -26.08
C THR D 180 51.67 -44.45 -26.00
N LEU D 181 52.31 -45.08 -26.97
CA LEU D 181 53.74 -45.34 -26.94
C LEU D 181 54.28 -45.29 -28.35
N SER D 182 55.56 -44.95 -28.47
CA SER D 182 56.21 -45.11 -29.76
C SER D 182 56.33 -46.60 -30.03
N LYS D 183 56.37 -46.97 -31.30
CA LYS D 183 56.57 -48.39 -31.61
C LYS D 183 57.87 -48.89 -31.00
N ALA D 184 58.92 -48.06 -31.00
CA ALA D 184 60.18 -48.30 -30.30
C ALA D 184 59.97 -48.77 -28.86
N ASP D 185 59.41 -47.88 -28.02
CA ASP D 185 59.23 -48.17 -26.61
C ASP D 185 58.38 -49.41 -26.40
N TYR D 186 57.29 -49.57 -27.16
CA TYR D 186 56.47 -50.77 -27.03
C TYR D 186 57.29 -52.02 -27.35
N GLU D 187 58.21 -51.93 -28.32
CA GLU D 187 59.06 -53.07 -28.63
C GLU D 187 60.05 -53.38 -27.52
N LYS D 188 60.52 -52.36 -26.78
CA LYS D 188 61.46 -52.59 -25.69
C LYS D 188 60.97 -53.65 -24.71
N HIS D 189 59.78 -53.44 -24.15
CA HIS D 189 59.35 -54.17 -22.97
C HIS D 189 58.51 -55.39 -23.34
N LYS D 190 58.18 -56.19 -22.32
CA LYS D 190 57.47 -57.45 -22.49
C LYS D 190 56.04 -57.41 -21.98
N VAL D 191 55.83 -57.19 -20.69
CA VAL D 191 54.58 -57.50 -20.01
C VAL D 191 53.82 -56.20 -19.77
N TYR D 192 52.67 -56.04 -20.44
CA TYR D 192 51.85 -54.84 -20.31
C TYR D 192 50.60 -55.19 -19.49
N ALA D 193 50.38 -54.46 -18.39
CA ALA D 193 49.32 -54.82 -17.46
C ALA D 193 48.58 -53.58 -16.96
N CYS D 194 47.30 -53.79 -16.68
CA CYS D 194 46.37 -52.73 -16.27
C CYS D 194 45.78 -53.18 -14.94
N GLU D 195 45.98 -52.36 -13.91
CA GLU D 195 45.55 -52.61 -12.54
C GLU D 195 44.39 -51.70 -12.17
N VAL D 196 43.36 -52.24 -11.55
CA VAL D 196 42.12 -51.50 -11.29
C VAL D 196 41.83 -51.55 -9.80
N THR D 197 41.57 -50.38 -9.20
CA THR D 197 41.03 -50.28 -7.86
C THR D 197 39.70 -49.55 -7.87
N HIS D 198 38.73 -50.08 -7.13
CA HIS D 198 37.39 -49.53 -7.10
C HIS D 198 36.69 -50.01 -5.84
N GLN D 199 35.75 -49.19 -5.35
CA GLN D 199 35.08 -49.48 -4.08
C GLN D 199 34.45 -50.88 -4.08
N GLY D 200 33.79 -51.27 -5.17
CA GLY D 200 33.09 -52.53 -5.26
C GLY D 200 33.95 -53.76 -5.51
N LEU D 201 35.26 -53.59 -5.56
CA LEU D 201 36.23 -54.70 -5.64
C LEU D 201 36.86 -54.97 -4.28
N SER D 202 37.03 -56.25 -3.96
CA SER D 202 37.70 -56.59 -2.71
C SER D 202 39.21 -56.52 -2.87
N SER D 203 39.78 -57.19 -3.88
CA SER D 203 41.17 -57.00 -4.27
C SER D 203 41.25 -56.24 -5.59
N PRO D 204 42.25 -55.37 -5.77
CA PRO D 204 42.50 -54.80 -7.10
C PRO D 204 42.64 -55.87 -8.17
N VAL D 205 42.07 -55.61 -9.34
CA VAL D 205 42.00 -56.58 -10.44
C VAL D 205 42.95 -56.13 -11.54
N THR D 206 43.81 -57.05 -11.99
CA THR D 206 44.82 -56.75 -13.00
C THR D 206 44.65 -57.67 -14.21
N LYS D 207 44.76 -57.09 -15.40
CA LYS D 207 44.67 -57.79 -16.67
C LYS D 207 45.88 -57.45 -17.53
N SER D 208 46.46 -58.43 -18.21
CA SER D 208 47.77 -58.21 -18.80
C SER D 208 47.94 -59.07 -20.04
N PHE D 209 48.83 -58.62 -20.94
CA PHE D 209 49.26 -59.41 -22.10
C PHE D 209 50.75 -59.25 -22.36
N ASN D 210 51.24 -60.04 -23.32
CA ASN D 210 52.61 -59.94 -23.85
C ASN D 210 52.62 -59.51 -25.34
N VAL E 2 9.61 -20.25 -32.95
CA VAL E 2 9.26 -21.63 -32.63
C VAL E 2 10.52 -22.49 -32.71
N GLN E 3 11.34 -22.29 -33.75
CA GLN E 3 12.61 -23.01 -33.91
C GLN E 3 13.75 -22.05 -34.18
N LEU E 4 14.91 -22.40 -33.60
CA LEU E 4 16.13 -21.60 -33.65
C LEU E 4 17.27 -22.52 -34.10
N VAL E 5 17.75 -22.32 -35.33
CA VAL E 5 18.76 -23.21 -35.93
C VAL E 5 20.05 -22.40 -36.09
N GLU E 6 21.07 -22.74 -35.29
CA GLU E 6 22.37 -22.09 -35.39
C GLU E 6 23.29 -22.84 -36.36
N SER E 7 24.15 -22.09 -37.04
CA SER E 7 25.07 -22.66 -38.01
C SER E 7 26.24 -21.71 -38.22
N GLY E 8 27.33 -22.28 -38.71
CA GLY E 8 28.54 -21.55 -38.95
C GLY E 8 29.66 -22.54 -39.17
N PRO E 9 30.90 -22.06 -39.16
CA PRO E 9 32.02 -22.97 -39.37
C PRO E 9 32.27 -23.80 -38.13
N GLY E 10 32.85 -24.97 -38.31
CA GLY E 10 33.21 -25.78 -37.16
C GLY E 10 34.52 -25.33 -36.56
N LEU E 11 35.46 -24.96 -37.44
CA LEU E 11 36.84 -24.70 -37.07
C LEU E 11 37.23 -23.34 -37.62
N VAL E 12 37.89 -22.51 -36.79
CA VAL E 12 38.33 -21.20 -37.22
C VAL E 12 39.76 -21.03 -36.73
N GLN E 13 40.60 -20.43 -37.57
CA GLN E 13 41.99 -20.23 -37.19
C GLN E 13 42.11 -19.12 -36.15
N PRO E 14 43.10 -19.23 -35.28
CA PRO E 14 43.38 -18.12 -34.37
C PRO E 14 43.71 -16.82 -35.07
N TRP E 15 43.33 -15.75 -34.36
CA TRP E 15 43.42 -14.37 -34.78
C TRP E 15 42.53 -14.06 -35.98
N GLY E 16 41.66 -15.01 -36.30
CA GLY E 16 40.64 -14.83 -37.32
C GLY E 16 39.42 -14.17 -36.74
N THR E 17 38.36 -14.10 -37.57
CA THR E 17 37.05 -13.65 -37.15
C THR E 17 36.09 -14.80 -37.34
N LEU E 18 35.25 -15.07 -36.35
CA LEU E 18 34.32 -16.17 -36.32
C LEU E 18 32.92 -15.60 -36.49
N SER E 19 32.24 -16.00 -37.55
CA SER E 19 30.90 -15.50 -37.85
C SER E 19 29.92 -16.65 -37.80
N LEU E 20 28.82 -16.45 -37.06
CA LEU E 20 27.76 -17.43 -36.92
C LEU E 20 26.43 -16.79 -37.34
N THR E 21 25.50 -17.66 -37.74
CA THR E 21 24.14 -17.29 -38.12
C THR E 21 23.10 -18.17 -37.44
N CYS E 22 22.01 -17.55 -37.01
CA CYS E 22 20.89 -18.27 -36.40
C CYS E 22 19.60 -17.98 -37.18
N ARG E 23 19.06 -19.02 -37.82
CA ARG E 23 17.81 -18.94 -38.59
C ARG E 23 16.62 -19.18 -37.67
N VAL E 24 15.70 -18.22 -37.65
CA VAL E 24 14.54 -18.24 -36.78
C VAL E 24 13.33 -18.71 -37.57
N SER E 25 12.72 -19.82 -37.15
CA SER E 25 11.73 -20.50 -37.97
C SER E 25 10.30 -20.32 -37.46
N GLY E 26 10.10 -19.58 -36.37
CA GLY E 26 8.75 -19.42 -35.86
C GLY E 26 8.07 -18.12 -36.20
N ASP E 27 8.67 -17.01 -35.77
CA ASP E 27 8.15 -15.67 -36.01
C ASP E 27 9.31 -14.76 -36.39
N SER E 28 8.96 -13.51 -36.72
CA SER E 28 9.95 -12.54 -37.16
C SER E 28 10.84 -12.06 -36.02
N VAL E 29 12.11 -11.80 -36.37
CA VAL E 29 13.06 -11.24 -35.40
C VAL E 29 12.74 -9.80 -35.10
N SER E 30 12.02 -9.13 -36.00
CA SER E 30 11.47 -7.79 -35.81
C SER E 30 10.17 -7.78 -35.01
N ASN E 31 9.76 -8.92 -34.44
CA ASN E 31 8.70 -8.88 -33.44
C ASN E 31 9.16 -8.01 -32.28
N ASP E 32 8.43 -6.92 -32.06
CA ASP E 32 8.79 -5.99 -31.01
C ASP E 32 8.51 -6.48 -29.60
N ASN E 33 7.96 -7.69 -29.45
CA ASN E 33 7.78 -8.33 -28.16
C ASN E 33 9.00 -9.15 -27.72
N TYR E 34 10.02 -9.28 -28.56
CA TYR E 34 11.18 -10.10 -28.23
C TYR E 34 12.49 -9.36 -28.50
N TYR E 35 13.46 -9.57 -27.61
CA TYR E 35 14.88 -9.42 -27.89
C TYR E 35 15.47 -10.76 -28.31
N TRP E 36 16.69 -10.70 -28.86
CA TRP E 36 17.44 -11.88 -29.23
C TRP E 36 18.84 -11.77 -28.65
N ALA E 37 19.49 -12.91 -28.43
CA ALA E 37 20.76 -12.90 -27.72
C ALA E 37 21.64 -14.07 -28.12
N TRP E 38 22.93 -13.93 -27.81
CA TRP E 38 23.93 -14.99 -27.95
C TRP E 38 24.59 -15.30 -26.63
N ILE E 39 24.68 -16.59 -26.29
CA ILE E 39 25.27 -17.03 -25.04
C ILE E 39 26.20 -18.20 -25.35
N ARG E 40 27.36 -18.26 -24.68
CA ARG E 40 28.34 -19.30 -25.01
C ARG E 40 28.84 -19.99 -23.75
N GLN E 41 29.21 -21.25 -23.91
CA GLN E 41 29.76 -22.06 -22.84
C GLN E 41 31.14 -22.58 -23.21
N THR E 42 32.12 -22.31 -22.37
CA THR E 42 33.44 -22.86 -22.58
C THR E 42 33.48 -24.29 -22.07
N PRO E 43 34.43 -25.10 -22.53
CA PRO E 43 34.52 -26.46 -21.99
C PRO E 43 34.75 -26.50 -20.49
N GLY E 44 35.14 -25.39 -19.88
CA GLY E 44 35.21 -25.32 -18.43
C GLY E 44 33.88 -25.10 -17.77
N ARG E 45 32.79 -25.18 -18.53
CA ARG E 45 31.38 -25.13 -18.15
C ARG E 45 30.88 -23.75 -17.69
N GLU E 46 31.71 -22.71 -17.74
CA GLU E 46 31.26 -21.37 -17.42
C GLU E 46 30.40 -20.79 -18.54
N LEU E 47 29.24 -20.21 -18.18
CA LEU E 47 28.30 -19.67 -19.15
C LEU E 47 28.43 -18.15 -19.21
N GLN E 48 28.46 -17.60 -20.42
CA GLN E 48 28.71 -16.18 -20.64
C GLN E 48 27.70 -15.60 -21.61
N VAL E 49 27.19 -14.42 -21.27
CA VAL E 49 26.27 -13.70 -22.16
C VAL E 49 27.12 -12.83 -23.08
N ILE E 50 27.03 -13.09 -24.39
CA ILE E 50 27.81 -12.32 -25.34
C ILE E 50 27.16 -10.97 -25.60
N GLY E 51 25.85 -10.96 -25.81
CA GLY E 51 25.19 -9.73 -26.14
C GLY E 51 23.75 -9.89 -26.61
N THR E 52 23.01 -8.80 -26.54
CA THR E 52 21.63 -8.81 -26.98
C THR E 52 21.38 -7.74 -28.04
N ILE E 53 20.31 -7.92 -28.80
CA ILE E 53 19.93 -6.99 -29.86
C ILE E 53 18.41 -6.97 -29.97
N TYR E 54 17.87 -5.78 -30.25
CA TYR E 54 16.44 -5.56 -30.39
C TYR E 54 16.11 -5.29 -31.85
N TYR E 55 14.87 -5.61 -32.23
CA TYR E 55 14.38 -5.35 -33.59
C TYR E 55 14.67 -3.94 -34.06
N SER E 56 14.74 -2.97 -33.14
CA SER E 56 14.99 -1.59 -33.51
C SER E 56 16.44 -1.33 -33.86
N GLY E 57 17.34 -2.25 -33.51
CA GLY E 57 18.74 -2.08 -33.78
C GLY E 57 19.58 -1.91 -32.54
N THR E 58 18.97 -1.63 -31.39
CA THR E 58 19.73 -1.34 -30.19
C THR E 58 20.40 -2.60 -29.70
N THR E 59 21.67 -2.48 -29.33
CA THR E 59 22.45 -3.62 -28.86
C THR E 59 23.02 -3.35 -27.48
N TYR E 60 23.20 -4.43 -26.73
CA TYR E 60 24.06 -4.44 -25.55
C TYR E 60 25.13 -5.49 -25.77
N TYR E 61 26.36 -5.16 -25.38
CA TYR E 61 27.46 -6.09 -25.48
C TYR E 61 28.10 -6.25 -24.11
N ASN E 62 28.50 -7.47 -23.80
CA ASN E 62 29.24 -7.74 -22.57
C ASN E 62 30.51 -6.91 -22.54
N PRO E 63 30.76 -6.17 -21.45
CA PRO E 63 31.95 -5.30 -21.41
C PRO E 63 33.25 -5.99 -21.84
N SER E 64 33.49 -7.22 -21.39
CA SER E 64 34.75 -7.87 -21.71
C SER E 64 34.92 -8.18 -23.19
N LEU E 65 33.86 -8.08 -24.01
CA LEU E 65 33.94 -8.32 -25.45
C LEU E 65 33.62 -7.13 -26.34
N ARG E 66 33.12 -6.00 -25.79
CA ARG E 66 32.58 -4.93 -26.61
C ARG E 66 33.56 -4.43 -27.66
N ASN E 67 34.86 -4.42 -27.34
CA ASN E 67 35.88 -3.99 -28.28
C ASN E 67 35.92 -4.80 -29.57
N ARG E 68 35.29 -5.99 -29.60
CA ARG E 68 35.56 -6.92 -30.70
C ARG E 68 34.38 -7.81 -31.06
N VAL E 69 33.16 -7.39 -30.76
CA VAL E 69 31.99 -8.21 -31.06
C VAL E 69 30.95 -7.36 -31.78
N THR E 70 30.18 -8.01 -32.65
CA THR E 70 29.12 -7.32 -33.38
C THR E 70 27.95 -8.27 -33.56
N ILE E 71 26.76 -7.83 -33.19
CA ILE E 71 25.54 -8.59 -33.43
C ILE E 71 24.63 -7.75 -34.32
N SER E 72 23.90 -8.43 -35.19
CA SER E 72 22.92 -7.71 -36.02
C SER E 72 21.88 -8.72 -36.48
N LEU E 73 20.64 -8.26 -36.62
CA LEU E 73 19.63 -9.13 -37.21
C LEU E 73 19.39 -8.75 -38.65
N ASP E 74 19.09 -9.78 -39.45
CA ASP E 74 18.73 -9.68 -40.87
C ASP E 74 17.28 -10.13 -41.05
N LYS E 75 16.39 -9.12 -41.09
CA LYS E 75 14.96 -9.37 -41.17
C LYS E 75 14.60 -10.09 -42.47
N SER E 76 15.42 -9.90 -43.52
CA SER E 76 15.08 -10.41 -44.84
C SER E 76 15.05 -11.94 -44.91
N VAL E 77 15.93 -12.60 -44.17
CA VAL E 77 15.99 -14.05 -44.12
C VAL E 77 15.67 -14.58 -42.73
N ASN E 78 15.34 -13.68 -41.79
CA ASN E 78 14.93 -14.00 -40.42
C ASN E 78 16.06 -14.65 -39.63
N VAL E 79 17.27 -14.14 -39.82
CA VAL E 79 18.42 -14.67 -39.09
C VAL E 79 18.97 -13.57 -38.19
N VAL E 80 19.72 -13.99 -37.20
CA VAL E 80 20.49 -13.08 -36.35
C VAL E 80 21.93 -13.54 -36.41
N SER E 81 22.83 -12.59 -36.69
CA SER E 81 24.23 -12.89 -36.94
C SER E 81 25.10 -12.37 -35.81
N LEU E 82 26.18 -13.11 -35.58
CA LEU E 82 27.22 -12.77 -34.63
C LEU E 82 28.56 -12.80 -35.33
N ARG E 83 29.34 -11.74 -35.16
CA ARG E 83 30.73 -11.66 -35.60
C ARG E 83 31.63 -11.42 -34.40
N LEU E 84 32.70 -12.20 -34.29
CA LEU E 84 33.66 -12.07 -33.20
C LEU E 84 35.08 -12.06 -33.74
N GLY E 85 35.77 -10.92 -33.58
CA GLY E 85 37.07 -10.73 -34.20
C GLY E 85 38.20 -10.94 -33.19
N SER E 86 39.41 -11.07 -33.73
CA SER E 86 40.59 -11.37 -32.94
C SER E 86 40.35 -12.53 -31.98
N VAL E 87 39.88 -13.66 -32.54
CA VAL E 87 39.42 -14.79 -31.72
C VAL E 87 40.63 -15.57 -31.24
N SER E 88 40.57 -16.07 -30.02
CA SER E 88 41.66 -16.90 -29.50
C SER E 88 41.12 -18.29 -29.19
N ALA E 89 42.01 -19.15 -28.71
CA ALA E 89 41.58 -20.47 -28.21
C ALA E 89 40.58 -20.34 -27.08
N ALA E 90 40.73 -19.31 -26.24
CA ALA E 90 39.86 -19.11 -25.08
C ALA E 90 38.42 -18.83 -25.50
N ASP E 91 38.19 -18.73 -26.80
CA ASP E 91 36.85 -18.56 -27.35
C ASP E 91 36.28 -19.85 -27.89
N THR E 92 36.96 -20.97 -27.67
CA THR E 92 36.41 -22.26 -28.06
C THR E 92 35.24 -22.56 -27.15
N ALA E 93 34.05 -22.71 -27.72
CA ALA E 93 32.87 -22.82 -26.90
C ALA E 93 31.68 -23.31 -27.71
N GLN E 94 30.62 -23.69 -26.99
CA GLN E 94 29.31 -23.95 -27.54
C GLN E 94 28.54 -22.63 -27.60
N TYR E 95 28.01 -22.29 -28.78
CA TYR E 95 27.34 -21.01 -29.01
C TYR E 95 25.83 -21.18 -29.22
N TYR E 96 25.04 -20.70 -28.26
CA TYR E 96 23.59 -20.79 -28.30
C TYR E 96 22.98 -19.45 -28.71
N CYS E 97 21.97 -19.54 -29.58
CA CYS E 97 21.11 -18.44 -29.98
C CYS E 97 19.81 -18.49 -29.18
N VAL E 98 19.30 -17.33 -28.76
CA VAL E 98 18.31 -17.30 -27.68
C VAL E 98 17.29 -16.18 -27.91
N ARG E 99 16.06 -16.42 -27.43
CA ARG E 99 14.94 -15.49 -27.53
C ARG E 99 14.65 -14.94 -26.14
N MET E 100 14.18 -13.71 -26.09
CA MET E 100 13.95 -13.08 -24.80
C MET E 100 12.70 -12.22 -24.77
N PRO E 101 11.66 -12.60 -24.03
CA PRO E 101 10.46 -11.76 -23.94
C PRO E 101 10.78 -10.33 -23.53
N SER E 102 10.25 -9.39 -24.31
CA SER E 102 10.28 -7.97 -23.98
C SER E 102 8.91 -7.62 -23.39
N HIS E 103 8.82 -7.63 -22.07
CA HIS E 103 7.57 -7.30 -21.41
C HIS E 103 7.45 -5.80 -21.30
N GLY E 104 6.37 -5.27 -21.86
CA GLY E 104 6.14 -3.85 -21.83
C GLY E 104 5.73 -3.36 -20.46
N PHE E 105 5.73 -2.04 -20.34
CA PHE E 105 5.61 -1.37 -19.05
C PHE E 105 4.41 -1.89 -18.25
N TRP E 106 3.29 -2.15 -18.92
CA TRP E 106 2.07 -2.51 -18.22
C TRP E 106 1.89 -4.00 -17.98
N SER E 107 2.80 -4.84 -18.49
CA SER E 107 2.74 -6.26 -18.18
C SER E 107 2.83 -6.51 -16.67
N THR E 108 2.07 -7.50 -16.20
CA THR E 108 2.24 -7.96 -14.83
C THR E 108 3.70 -8.26 -14.56
N SER E 109 4.43 -8.71 -15.60
CA SER E 109 5.82 -9.16 -15.50
C SER E 109 6.78 -8.18 -16.14
N PHE E 110 6.67 -6.90 -15.79
CA PHE E 110 7.56 -5.86 -16.29
C PHE E 110 8.90 -5.87 -15.55
N SER E 111 9.99 -5.64 -16.30
CA SER E 111 11.37 -5.59 -15.80
C SER E 111 11.92 -6.98 -15.51
N TYR E 112 11.13 -8.03 -15.70
CA TYR E 112 11.59 -9.40 -15.53
C TYR E 112 12.22 -9.83 -16.86
N TRP E 113 13.54 -10.03 -16.86
CA TRP E 113 14.32 -10.33 -18.06
C TRP E 113 14.85 -11.76 -18.02
N TYR E 114 14.33 -12.62 -18.92
CA TYR E 114 14.67 -14.03 -18.90
C TYR E 114 14.77 -14.60 -20.31
N PHE E 115 15.59 -15.65 -20.46
CA PHE E 115 15.85 -16.28 -21.77
C PHE E 115 14.90 -17.44 -21.96
N ASP E 116 13.82 -17.24 -22.71
CA ASP E 116 12.72 -18.18 -22.68
C ASP E 116 12.79 -19.26 -23.76
N LEU E 117 13.71 -19.15 -24.72
CA LEU E 117 13.81 -20.17 -25.77
C LEU E 117 15.23 -20.23 -26.29
N TRP E 118 15.78 -21.45 -26.36
CA TRP E 118 17.17 -21.72 -26.70
C TRP E 118 17.28 -22.66 -27.89
N GLY E 119 18.27 -22.41 -28.75
CA GLY E 119 18.62 -23.35 -29.78
C GLY E 119 19.45 -24.48 -29.24
N ARG E 120 19.81 -25.40 -30.15
CA ARG E 120 20.54 -26.58 -29.74
C ARG E 120 22.01 -26.29 -29.48
N GLY E 121 22.51 -25.14 -29.92
CA GLY E 121 23.91 -24.81 -29.77
C GLY E 121 24.71 -25.13 -31.03
N HIS E 122 25.90 -24.55 -31.10
CA HIS E 122 26.80 -24.83 -32.22
C HIS E 122 28.23 -24.67 -31.73
N PHE E 123 29.04 -25.72 -31.88
CA PHE E 123 30.38 -25.74 -31.31
C PHE E 123 31.40 -25.18 -32.28
N VAL E 124 32.34 -24.40 -31.73
CA VAL E 124 33.40 -23.78 -32.53
C VAL E 124 34.71 -24.00 -31.81
N ALA E 125 35.65 -24.67 -32.47
CA ALA E 125 37.01 -24.80 -31.96
C ALA E 125 37.91 -23.77 -32.64
N VAL E 126 38.84 -23.22 -31.88
CA VAL E 126 39.82 -22.25 -32.39
C VAL E 126 41.20 -22.86 -32.15
N SER E 127 41.87 -23.26 -33.22
CA SER E 127 43.13 -23.97 -33.07
C SER E 127 43.95 -23.84 -34.35
N TRP E 128 45.26 -23.75 -34.17
CA TRP E 128 46.17 -23.80 -35.32
C TRP E 128 46.15 -25.12 -36.07
N ALA E 129 46.02 -26.25 -35.37
CA ALA E 129 46.00 -27.50 -36.10
C ALA E 129 44.96 -27.46 -37.20
N SER E 130 45.28 -28.13 -38.31
CA SER E 130 44.41 -28.20 -39.47
C SER E 130 43.60 -29.49 -39.42
N THR E 131 42.56 -29.55 -40.25
CA THR E 131 41.66 -30.69 -40.13
C THR E 131 42.42 -31.98 -40.51
N LYS E 132 41.90 -33.10 -39.99
CA LYS E 132 42.50 -34.42 -40.19
C LYS E 132 41.48 -35.53 -39.99
N GLY E 133 41.26 -36.36 -41.00
CA GLY E 133 40.34 -37.45 -40.83
C GLY E 133 41.02 -38.49 -39.95
N PRO E 134 40.24 -39.33 -39.29
CA PRO E 134 40.81 -40.29 -38.33
C PRO E 134 41.29 -41.60 -38.89
N SER E 135 42.24 -42.20 -38.16
CA SER E 135 42.61 -43.58 -38.41
C SER E 135 41.76 -44.46 -37.49
N VAL E 136 41.30 -45.58 -38.02
CA VAL E 136 40.42 -46.49 -37.30
C VAL E 136 41.14 -47.81 -37.15
N PHE E 137 41.33 -48.24 -35.91
CA PHE E 137 42.03 -49.49 -35.65
C PHE E 137 41.13 -50.44 -34.89
N PRO E 138 41.17 -51.73 -35.19
CA PRO E 138 40.31 -52.67 -34.46
C PRO E 138 40.83 -52.86 -33.04
N LEU E 139 39.90 -53.01 -32.11
CA LEU E 139 40.17 -53.48 -30.76
C LEU E 139 39.57 -54.88 -30.69
N ALA E 140 40.41 -55.87 -30.96
CA ALA E 140 40.01 -57.25 -31.17
C ALA E 140 39.65 -57.92 -29.84
N PRO E 141 38.60 -58.75 -29.83
CA PRO E 141 38.29 -59.53 -28.63
C PRO E 141 39.29 -60.66 -28.42
N SER E 142 39.68 -60.84 -27.16
CA SER E 142 40.78 -61.71 -26.79
C SER E 142 40.40 -62.51 -25.55
N SER E 143 41.35 -63.32 -25.07
CA SER E 143 41.18 -64.05 -23.81
C SER E 143 40.86 -63.14 -22.64
N LYS E 144 40.91 -61.82 -22.86
CA LYS E 144 40.77 -60.84 -21.81
C LYS E 144 39.46 -60.09 -21.90
N SER E 145 38.94 -59.98 -23.12
CA SER E 145 37.54 -59.62 -23.30
C SER E 145 36.62 -60.72 -22.80
N THR E 146 37.08 -61.96 -22.83
CA THR E 146 36.17 -63.09 -22.60
C THR E 146 35.84 -63.30 -21.13
N SER E 147 36.59 -62.70 -20.21
CA SER E 147 36.58 -63.14 -18.82
C SER E 147 35.19 -63.09 -18.20
N GLY E 148 34.25 -62.37 -18.79
CA GLY E 148 32.90 -62.34 -18.28
C GLY E 148 31.95 -63.39 -18.83
N GLY E 149 32.42 -64.31 -19.67
CA GLY E 149 31.54 -65.19 -20.43
C GLY E 149 30.89 -64.50 -21.62
N THR E 150 30.72 -63.18 -21.53
CA THR E 150 30.49 -62.29 -22.66
C THR E 150 31.80 -61.61 -22.99
N ALA E 151 32.07 -61.39 -24.28
CA ALA E 151 33.32 -60.79 -24.72
C ALA E 151 33.10 -59.36 -25.20
N ALA E 152 34.16 -58.56 -25.10
CA ALA E 152 34.17 -57.17 -25.53
C ALA E 152 35.08 -56.97 -26.74
N LEU E 153 34.69 -56.02 -27.58
CA LEU E 153 35.46 -55.65 -28.76
C LEU E 153 35.18 -54.18 -29.03
N GLY E 154 35.94 -53.59 -29.94
CA GLY E 154 35.71 -52.19 -30.22
C GLY E 154 36.48 -51.63 -31.38
N CYS E 155 36.54 -50.31 -31.41
CA CYS E 155 37.25 -49.54 -32.42
C CYS E 155 37.94 -48.36 -31.77
N LEU E 156 39.21 -48.18 -32.10
CA LEU E 156 39.98 -47.03 -31.66
C LEU E 156 39.98 -46.03 -32.80
N VAL E 157 39.40 -44.86 -32.58
CA VAL E 157 39.31 -43.81 -33.59
C VAL E 157 40.31 -42.75 -33.16
N LYS E 158 41.49 -42.77 -33.76
CA LYS E 158 42.64 -42.02 -33.25
C LYS E 158 43.08 -40.94 -34.22
N ASP E 159 43.55 -39.82 -33.62
CA ASP E 159 44.21 -38.71 -34.27
C ASP E 159 43.35 -38.01 -35.32
N TYR E 160 42.40 -37.19 -34.87
CA TYR E 160 41.54 -36.47 -35.79
C TYR E 160 41.31 -35.08 -35.21
N PHE E 161 41.04 -34.11 -36.08
CA PHE E 161 40.69 -32.78 -35.62
C PHE E 161 39.88 -32.09 -36.70
N PRO E 162 38.79 -31.40 -36.38
CA PRO E 162 38.16 -31.18 -35.09
C PRO E 162 37.01 -32.14 -34.89
N GLU E 163 36.36 -32.07 -33.73
CA GLU E 163 35.14 -32.80 -33.46
C GLU E 163 33.99 -32.28 -34.33
N PRO E 164 33.04 -33.16 -34.71
CA PRO E 164 32.92 -34.51 -34.16
C PRO E 164 32.94 -35.67 -35.15
N VAL E 165 33.08 -36.87 -34.61
CA VAL E 165 32.89 -38.12 -35.34
C VAL E 165 31.69 -38.83 -34.76
N THR E 166 30.97 -39.56 -35.61
CA THR E 166 29.85 -40.37 -35.13
C THR E 166 30.18 -41.82 -35.40
N VAL E 167 29.93 -42.67 -34.41
CA VAL E 167 30.26 -44.09 -34.52
C VAL E 167 28.98 -44.89 -34.33
N SER E 168 28.74 -45.84 -35.22
CA SER E 168 27.64 -46.77 -35.12
C SER E 168 28.22 -48.17 -35.26
N TRP E 169 27.44 -49.19 -34.91
CA TRP E 169 27.89 -50.56 -35.01
C TRP E 169 26.89 -51.34 -35.86
N ASN E 170 27.43 -52.13 -36.80
CA ASN E 170 26.65 -52.84 -37.81
C ASN E 170 25.59 -51.93 -38.44
N SER E 171 26.05 -50.75 -38.84
CA SER E 171 25.24 -49.73 -39.51
C SER E 171 23.94 -49.43 -38.77
N GLY E 172 24.02 -49.38 -37.44
CA GLY E 172 22.88 -49.10 -36.60
C GLY E 172 22.17 -50.32 -36.05
N ALA E 173 22.44 -51.50 -36.61
CA ALA E 173 21.68 -52.70 -36.23
C ALA E 173 22.02 -53.19 -34.83
N LEU E 174 23.26 -53.00 -34.38
CA LEU E 174 23.70 -53.44 -33.06
C LEU E 174 23.71 -52.22 -32.16
N THR E 175 22.84 -52.24 -31.15
CA THR E 175 22.65 -51.09 -30.27
C THR E 175 22.85 -51.38 -28.78
N SER E 176 22.60 -52.60 -28.32
CA SER E 176 22.60 -52.90 -26.89
C SER E 176 24.00 -53.30 -26.44
N GLY E 177 24.54 -52.54 -25.48
CA GLY E 177 25.86 -52.79 -24.93
C GLY E 177 26.97 -51.94 -25.50
N VAL E 178 26.67 -50.96 -26.34
CA VAL E 178 27.70 -50.13 -26.93
C VAL E 178 27.99 -48.95 -26.01
N HIS E 179 29.26 -48.57 -25.94
CA HIS E 179 29.74 -47.45 -25.13
C HIS E 179 30.76 -46.74 -26.01
N THR E 180 30.36 -45.61 -26.58
CA THR E 180 31.25 -44.73 -27.32
C THR E 180 31.67 -43.61 -26.40
N PHE E 181 32.97 -43.55 -26.11
CA PHE E 181 33.51 -42.66 -25.09
C PHE E 181 33.59 -41.23 -25.61
N PRO E 182 33.57 -40.24 -24.71
CA PRO E 182 33.87 -38.87 -25.12
C PRO E 182 35.31 -38.78 -25.60
N ALA E 183 35.57 -37.85 -26.52
CA ALA E 183 36.92 -37.74 -27.03
C ALA E 183 37.86 -37.18 -25.96
N VAL E 184 39.16 -37.36 -26.18
CA VAL E 184 40.19 -36.72 -25.38
C VAL E 184 41.13 -35.97 -26.31
N LEU E 185 41.60 -34.82 -25.84
CA LEU E 185 42.58 -34.02 -26.58
C LEU E 185 43.98 -34.48 -26.23
N GLN E 186 44.67 -35.10 -27.19
CA GLN E 186 46.03 -35.57 -26.96
C GLN E 186 47.02 -34.41 -27.05
N SER E 187 48.24 -34.68 -26.56
CA SER E 187 49.32 -33.70 -26.64
C SER E 187 49.55 -33.24 -28.07
N SER E 188 49.46 -34.16 -29.03
CA SER E 188 49.58 -33.83 -30.45
C SER E 188 48.61 -32.75 -30.91
N GLY E 189 47.57 -32.44 -30.13
CA GLY E 189 46.57 -31.49 -30.52
C GLY E 189 45.43 -32.05 -31.34
N LEU E 190 45.42 -33.37 -31.56
CA LEU E 190 44.34 -34.10 -32.21
C LEU E 190 43.56 -34.90 -31.19
N TYR E 191 42.38 -35.37 -31.60
CA TYR E 191 41.45 -36.05 -30.71
C TYR E 191 41.52 -37.56 -30.92
N SER E 192 41.08 -38.30 -29.91
CA SER E 192 41.03 -39.75 -30.01
C SER E 192 39.95 -40.27 -29.09
N LEU E 193 39.27 -41.33 -29.53
CA LEU E 193 38.25 -41.96 -28.70
C LEU E 193 38.26 -43.46 -28.96
N SER E 194 37.42 -44.16 -28.21
CA SER E 194 37.18 -45.58 -28.42
C SER E 194 35.68 -45.81 -28.38
N SER E 195 35.25 -46.83 -29.11
CA SER E 195 33.87 -47.30 -29.04
C SER E 195 33.92 -48.80 -28.82
N VAL E 196 33.18 -49.29 -27.82
CA VAL E 196 33.31 -50.68 -27.42
C VAL E 196 31.94 -51.30 -27.20
N VAL E 197 31.80 -52.57 -27.59
CA VAL E 197 30.58 -53.33 -27.42
C VAL E 197 30.90 -54.61 -26.67
N THR E 198 29.96 -55.03 -25.82
CA THR E 198 30.00 -56.34 -25.20
C THR E 198 28.93 -57.21 -25.85
N VAL E 199 29.33 -58.38 -26.31
CA VAL E 199 28.47 -59.33 -27.02
C VAL E 199 28.62 -60.67 -26.33
N PRO E 200 27.71 -61.62 -26.58
CA PRO E 200 27.94 -62.97 -26.05
C PRO E 200 29.13 -63.59 -26.79
N SER E 201 30.05 -64.18 -26.02
CA SER E 201 31.26 -64.75 -26.61
C SER E 201 30.93 -65.86 -27.61
N SER E 202 29.87 -66.62 -27.37
CA SER E 202 29.45 -67.68 -28.28
C SER E 202 29.19 -67.18 -29.70
N SER E 203 28.99 -65.87 -29.88
CA SER E 203 28.58 -65.29 -31.16
C SER E 203 29.72 -64.77 -32.02
N LEU E 204 30.96 -64.74 -31.51
CA LEU E 204 32.05 -64.14 -32.27
C LEU E 204 32.31 -64.86 -33.58
N GLY E 205 32.42 -66.18 -33.54
CA GLY E 205 32.68 -66.97 -34.73
C GLY E 205 31.56 -67.00 -35.76
N THR E 206 30.44 -66.35 -35.51
CA THR E 206 29.31 -66.34 -36.44
C THR E 206 28.91 -64.95 -36.91
N GLN E 207 28.90 -63.96 -36.02
CA GLN E 207 28.46 -62.62 -36.34
C GLN E 207 29.66 -61.72 -36.65
N THR E 208 29.62 -61.08 -37.81
CA THR E 208 30.63 -60.08 -38.13
C THR E 208 30.25 -58.76 -37.45
N TYR E 209 31.27 -58.06 -36.94
CA TYR E 209 31.06 -56.82 -36.21
C TYR E 209 31.88 -55.75 -36.90
N ILE E 210 31.19 -54.83 -37.55
CA ILE E 210 31.80 -53.71 -38.24
C ILE E 210 31.44 -52.46 -37.45
N CYS E 211 32.38 -51.56 -37.29
CA CYS E 211 32.07 -50.25 -36.72
C CYS E 211 32.14 -49.26 -37.88
N ASN E 212 31.15 -48.37 -37.91
CA ASN E 212 31.01 -47.41 -38.98
C ASN E 212 31.29 -46.04 -38.39
N VAL E 213 32.42 -45.48 -38.76
CA VAL E 213 32.87 -44.18 -38.30
C VAL E 213 32.60 -43.17 -39.40
N ASP E 214 32.11 -42.00 -39.00
CA ASP E 214 31.84 -40.91 -39.92
C ASP E 214 32.49 -39.67 -39.33
N HIS E 215 33.16 -38.91 -40.19
CA HIS E 215 33.80 -37.65 -39.84
C HIS E 215 33.55 -36.66 -40.97
N LYS E 216 32.41 -35.98 -40.92
CA LYS E 216 32.06 -35.06 -42.00
C LYS E 216 33.04 -33.89 -42.15
N PRO E 217 33.68 -33.36 -41.10
CA PRO E 217 34.67 -32.29 -41.33
C PRO E 217 35.79 -32.64 -42.30
N SER E 218 36.12 -33.92 -42.50
CA SER E 218 37.08 -34.31 -43.52
C SER E 218 36.47 -35.21 -44.57
N ASN E 219 35.14 -35.31 -44.60
CA ASN E 219 34.43 -36.24 -45.47
C ASN E 219 35.06 -37.63 -45.42
N THR E 220 35.34 -38.12 -44.21
CA THR E 220 35.83 -39.48 -44.03
C THR E 220 34.69 -40.40 -43.61
N LYS E 221 34.47 -41.46 -44.36
CA LYS E 221 33.62 -42.54 -43.89
C LYS E 221 34.41 -43.83 -43.95
N VAL E 222 34.42 -44.57 -42.85
CA VAL E 222 35.19 -45.80 -42.78
C VAL E 222 34.35 -46.84 -42.08
N ASP E 223 34.27 -48.02 -42.64
CA ASP E 223 33.57 -49.14 -42.02
C ASP E 223 34.66 -50.16 -41.80
N LYS E 224 35.03 -50.38 -40.57
CA LYS E 224 36.13 -51.29 -40.29
C LYS E 224 35.53 -52.46 -39.55
N LYS E 225 35.75 -53.66 -40.09
CA LYS E 225 35.27 -54.88 -39.51
C LYS E 225 36.32 -55.40 -38.57
N VAL E 226 35.87 -55.92 -37.43
CA VAL E 226 36.73 -56.31 -36.33
C VAL E 226 36.65 -57.83 -36.23
N GLU E 227 37.73 -58.46 -36.63
CA GLU E 227 37.52 -59.89 -36.52
C GLU E 227 38.29 -60.50 -35.35
N PRO E 228 37.78 -61.55 -34.74
CA PRO E 228 38.45 -62.15 -33.58
C PRO E 228 39.82 -62.78 -33.69
N LYS E 229 40.53 -62.56 -32.58
CA LYS E 229 41.94 -62.87 -32.23
C LYS E 229 41.93 -64.19 -31.44
N SER E 230 43.08 -64.87 -31.35
CA SER E 230 43.08 -66.25 -30.74
C SER E 230 44.10 -66.35 -29.60
N TRP F 22 23.74 0.43 -17.65
CA TRP F 22 24.04 1.52 -18.62
C TRP F 22 22.79 1.88 -19.42
N ASN F 23 22.22 0.89 -20.13
CA ASN F 23 21.04 1.18 -20.99
C ASN F 23 19.88 0.25 -20.65
N TRP F 24 18.69 0.84 -20.50
CA TRP F 24 17.38 0.16 -20.31
C TRP F 24 17.29 -0.87 -19.19
N PHE F 25 18.16 -1.88 -19.12
CA PHE F 25 17.84 -2.96 -18.19
C PHE F 25 17.89 -2.46 -16.74
N ASN F 26 19.06 -1.99 -16.33
CA ASN F 26 19.20 -1.15 -15.15
C ASN F 26 18.06 -0.12 -15.05
N ILE F 27 17.73 0.49 -16.19
CA ILE F 27 16.63 1.44 -16.22
C ILE F 27 15.33 0.76 -15.84
N THR F 28 15.16 -0.53 -16.20
CA THR F 28 13.91 -1.22 -15.88
C THR F 28 13.82 -1.53 -14.41
N ASN F 29 14.95 -1.79 -13.75
CA ASN F 29 14.90 -1.94 -12.30
C ASN F 29 14.43 -0.65 -11.65
N TRP F 30 15.13 0.45 -11.94
CA TRP F 30 14.70 1.71 -11.33
C TRP F 30 13.27 2.05 -11.73
N LEU F 31 12.87 1.69 -12.95
CA LEU F 31 11.52 1.98 -13.41
C LEU F 31 10.49 1.06 -12.79
N TRP F 32 10.86 -0.14 -12.36
CA TRP F 32 9.90 -0.96 -11.63
C TRP F 32 9.60 -0.31 -10.30
N TYR F 33 10.63 0.15 -9.61
CA TYR F 33 10.39 0.85 -8.36
C TYR F 33 9.61 2.14 -8.58
N ILE F 34 9.91 2.85 -9.67
CA ILE F 34 9.15 4.07 -10.01
C ILE F 34 7.70 3.74 -10.34
N LYS F 35 7.46 2.68 -11.11
CA LYS F 35 6.11 2.24 -11.40
C LYS F 35 5.34 1.94 -10.12
N LEU F 36 6.01 1.28 -9.17
CA LEU F 36 5.40 1.01 -7.87
C LEU F 36 5.01 2.31 -7.15
N PHE F 37 5.98 3.21 -6.99
CA PHE F 37 5.74 4.49 -6.32
C PHE F 37 4.62 5.28 -6.99
N ILE F 38 4.59 5.28 -8.32
CA ILE F 38 3.50 5.92 -9.03
C ILE F 38 2.18 5.25 -8.70
N MET F 39 2.17 3.91 -8.70
CA MET F 39 0.93 3.18 -8.48
C MET F 39 0.38 3.37 -7.08
N ILE F 40 1.20 3.74 -6.09
CA ILE F 40 0.60 3.94 -4.78
C ILE F 40 -0.03 5.33 -4.67
N VAL F 41 0.64 6.37 -5.19
CA VAL F 41 0.14 7.73 -5.00
C VAL F 41 -1.12 7.92 -5.84
N GLY F 42 -1.30 7.12 -6.88
CA GLY F 42 -2.63 6.98 -7.45
C GLY F 42 -3.64 6.59 -6.39
N GLY F 43 -3.32 5.57 -5.59
CA GLY F 43 -4.21 5.17 -4.52
C GLY F 43 -4.38 6.25 -3.47
N LEU F 44 -3.27 6.83 -3.01
CA LEU F 44 -3.33 7.89 -2.00
C LEU F 44 -4.07 9.12 -2.51
N VAL F 45 -4.01 9.41 -3.82
CA VAL F 45 -4.93 10.38 -4.39
C VAL F 45 -6.31 9.76 -4.56
N GLY F 46 -6.38 8.51 -5.02
CA GLY F 46 -7.66 7.85 -5.15
C GLY F 46 -8.41 7.76 -3.84
N LEU F 47 -7.73 7.41 -2.75
CA LEU F 47 -8.39 7.27 -1.45
C LEU F 47 -8.71 8.62 -0.81
N ARG F 48 -7.89 9.65 -1.03
CA ARG F 48 -8.28 10.98 -0.57
C ARG F 48 -9.44 11.52 -1.38
N ILE F 49 -9.64 11.05 -2.61
CA ILE F 49 -10.87 11.32 -3.33
C ILE F 49 -12.03 10.55 -2.71
N VAL F 50 -11.77 9.33 -2.21
CA VAL F 50 -12.83 8.51 -1.63
C VAL F 50 -13.26 9.06 -0.27
N PHE F 51 -12.30 9.33 0.63
CA PHE F 51 -12.71 9.87 1.92
C PHE F 51 -13.24 11.30 1.83
N ALA F 52 -13.01 12.00 0.73
CA ALA F 52 -13.60 13.33 0.56
C ALA F 52 -15.04 13.23 0.10
N VAL F 53 -15.31 12.41 -0.93
CA VAL F 53 -16.68 12.12 -1.34
C VAL F 53 -17.50 11.59 -0.18
N LEU F 54 -16.87 10.82 0.72
CA LEU F 54 -17.57 10.24 1.86
C LEU F 54 -17.90 11.25 2.96
N SER F 55 -17.28 12.41 2.99
CA SER F 55 -17.70 13.42 3.94
C SER F 55 -18.68 14.43 3.35
N VAL F 56 -18.80 14.48 2.02
CA VAL F 56 -19.91 15.20 1.39
C VAL F 56 -21.23 14.49 1.64
N VAL F 57 -21.25 13.17 1.46
CA VAL F 57 -22.41 12.37 1.83
C VAL F 57 -22.57 12.26 3.35
N ASN F 58 -21.52 12.57 4.13
CA ASN F 58 -21.61 12.54 5.60
C ASN F 58 -22.64 13.53 6.12
N ARG F 59 -22.55 14.78 5.67
CA ARG F 59 -23.51 15.81 6.09
C ARG F 59 -24.96 15.33 5.86
N VAL F 60 -25.24 14.72 4.69
CA VAL F 60 -26.55 14.18 4.33
C VAL F 60 -26.66 12.71 4.89
N ARG F 61 -26.71 12.60 6.25
CA ARG F 61 -26.99 11.39 7.03
C ARG F 61 -25.79 10.44 7.23
N GLN F 62 -26.00 9.15 7.02
CA GLN F 62 -24.91 8.17 7.16
C GLN F 62 -25.29 6.86 6.45
N ASP G 1 -30.58 -2.23 26.01
CA ASP G 1 -31.79 -2.39 25.20
C ASP G 1 -32.26 -1.03 24.72
N ILE G 2 -32.69 -0.95 23.46
CA ILE G 2 -33.11 0.33 22.90
C ILE G 2 -34.46 0.71 23.48
N GLN G 3 -34.53 1.86 24.14
CA GLN G 3 -35.81 2.31 24.66
C GLN G 3 -36.61 2.96 23.54
N MET G 4 -37.90 2.63 23.51
CA MET G 4 -38.83 3.08 22.48
C MET G 4 -39.97 3.85 23.13
N THR G 5 -40.30 5.01 22.58
CA THR G 5 -41.45 5.72 23.10
C THR G 5 -42.19 6.36 21.93
N GLN G 6 -43.47 6.09 21.86
CA GLN G 6 -44.34 6.66 20.85
C GLN G 6 -45.09 7.84 21.42
N SER G 7 -45.46 8.77 20.54
CA SER G 7 -46.30 9.87 20.92
C SER G 7 -47.28 10.14 19.78
N PRO G 8 -48.55 10.41 20.09
CA PRO G 8 -49.07 10.35 21.46
C PRO G 8 -49.42 8.93 21.87
N SER G 9 -49.63 8.68 23.17
CA SER G 9 -49.99 7.35 23.62
C SER G 9 -51.37 6.97 23.09
N SER G 10 -52.33 7.87 23.21
CA SER G 10 -53.66 7.68 22.68
C SER G 10 -54.07 8.92 21.90
N LEU G 11 -54.91 8.74 20.88
CA LEU G 11 -55.47 9.87 20.16
C LEU G 11 -56.81 9.43 19.59
N SER G 12 -57.59 10.41 19.14
CA SER G 12 -58.83 10.12 18.41
C SER G 12 -58.94 11.02 17.19
N ALA G 13 -59.62 10.50 16.17
CA ALA G 13 -59.74 11.16 14.89
C ALA G 13 -61.09 10.88 14.27
N SER G 14 -61.61 11.83 13.51
CA SER G 14 -62.79 11.62 12.71
C SER G 14 -62.40 10.98 11.38
N VAL G 15 -63.30 10.15 10.84
CA VAL G 15 -63.05 9.49 9.57
C VAL G 15 -62.72 10.52 8.50
N GLY G 16 -61.60 10.30 7.79
CA GLY G 16 -61.08 11.22 6.81
C GLY G 16 -59.84 11.96 7.25
N ASP G 17 -59.68 12.18 8.56
CA ASP G 17 -58.57 12.94 9.09
C ASP G 17 -57.22 12.33 8.70
N LYS G 18 -56.21 13.19 8.65
CA LYS G 18 -54.82 12.77 8.58
C LYS G 18 -54.32 12.54 10.00
N VAL G 19 -53.55 11.47 10.19
CA VAL G 19 -53.05 11.10 11.53
C VAL G 19 -51.56 10.81 11.42
N THR G 20 -50.76 11.49 12.25
CA THR G 20 -49.34 11.17 12.34
C THR G 20 -48.98 10.68 13.72
N ILE G 21 -48.17 9.64 13.76
CA ILE G 21 -47.71 8.99 14.98
C ILE G 21 -46.19 9.01 14.99
N THR G 22 -45.62 9.51 16.07
CA THR G 22 -44.18 9.72 16.13
C THR G 22 -43.58 8.64 17.02
N CYS G 23 -42.43 8.13 16.61
CA CYS G 23 -41.76 7.05 17.33
C CYS G 23 -40.33 7.50 17.54
N ARG G 24 -39.96 7.67 18.80
CA ARG G 24 -38.61 8.13 19.13
C ARG G 24 -37.87 7.02 19.85
N ALA G 25 -36.58 6.94 19.56
CA ALA G 25 -35.71 5.89 20.05
C ALA G 25 -34.62 6.51 20.91
N SER G 26 -34.10 5.70 21.83
CA SER G 26 -33.05 6.19 22.72
C SER G 26 -31.72 6.29 22.00
N GLN G 27 -31.52 5.44 21.00
CA GLN G 27 -30.41 5.53 20.06
C GLN G 27 -30.95 5.79 18.67
N SER G 28 -30.03 5.88 17.72
CA SER G 28 -30.38 5.83 16.30
C SER G 28 -30.60 4.39 15.89
N VAL G 29 -31.63 4.16 15.08
CA VAL G 29 -32.03 2.84 14.64
C VAL G 29 -31.74 2.65 13.15
N THR G 30 -31.08 3.63 12.54
CA THR G 30 -30.70 3.66 11.13
C THR G 30 -31.69 2.92 10.23
N LYS G 31 -32.91 3.44 10.21
CA LYS G 31 -34.00 3.11 9.28
C LYS G 31 -34.49 1.67 9.40
N TYR G 32 -34.01 0.89 10.36
CA TYR G 32 -34.54 -0.46 10.60
C TYR G 32 -35.72 -0.38 11.56
N LEU G 33 -36.83 0.13 11.04
CA LEU G 33 -37.96 0.51 11.87
C LEU G 33 -39.21 -0.06 11.22
N ASN G 34 -39.96 -0.85 11.96
CA ASN G 34 -41.13 -1.53 11.42
C ASN G 34 -42.37 -1.00 12.13
N TRP G 35 -43.50 -1.06 11.42
CA TRP G 35 -44.78 -0.63 11.95
C TRP G 35 -45.78 -1.77 11.80
N TYR G 36 -46.52 -2.03 12.89
CA TYR G 36 -47.51 -3.09 12.96
C TYR G 36 -48.84 -2.55 13.47
N GLN G 37 -49.91 -3.19 13.00
CA GLN G 37 -51.28 -2.88 13.36
C GLN G 37 -51.88 -4.00 14.20
N PHE G 38 -52.49 -3.63 15.31
CA PHE G 38 -53.10 -4.55 16.26
C PHE G 38 -54.58 -4.19 16.37
N LYS G 39 -55.45 -5.15 16.04
CA LYS G 39 -56.88 -5.06 16.29
C LYS G 39 -57.23 -6.23 17.18
N THR G 40 -58.22 -6.01 18.05
CA THR G 40 -58.45 -6.96 19.14
C THR G 40 -58.88 -8.34 18.64
N GLY G 41 -59.68 -8.40 17.57
CA GLY G 41 -60.11 -9.69 17.07
C GLY G 41 -59.02 -10.50 16.36
N GLN G 42 -58.19 -9.84 15.55
CA GLN G 42 -57.40 -10.58 14.58
C GLN G 42 -55.94 -10.64 14.99
N ALA G 43 -55.20 -11.42 14.22
CA ALA G 43 -53.77 -11.55 14.40
C ALA G 43 -53.11 -10.22 14.04
N PRO G 44 -52.08 -9.81 14.77
CA PRO G 44 -51.31 -8.64 14.36
C PRO G 44 -50.91 -8.74 12.89
N ARG G 45 -50.73 -7.56 12.28
CA ARG G 45 -50.57 -7.48 10.84
C ARG G 45 -49.57 -6.37 10.58
N ILE G 46 -48.47 -6.71 9.90
CA ILE G 46 -47.47 -5.71 9.57
C ILE G 46 -47.97 -4.82 8.45
N LEU G 47 -47.54 -3.57 8.48
CA LEU G 47 -47.81 -2.69 7.35
C LEU G 47 -46.56 -2.07 6.79
N ILE G 48 -45.58 -1.71 7.61
CA ILE G 48 -44.36 -1.16 7.03
C ILE G 48 -43.12 -1.81 7.64
N TYR G 49 -42.08 -1.97 6.81
CA TYR G 49 -40.78 -2.43 7.30
C TYR G 49 -39.71 -1.51 6.73
N GLY G 50 -38.67 -1.30 7.51
CA GLY G 50 -37.56 -0.46 7.09
C GLY G 50 -37.97 0.95 6.73
N THR G 51 -38.70 1.61 7.64
CA THR G 51 -39.10 3.01 7.49
C THR G 51 -40.15 3.23 6.40
N TYR G 52 -39.84 2.93 5.13
CA TYR G 52 -40.73 3.34 4.04
C TYR G 52 -41.51 2.23 3.36
N THR G 53 -41.09 0.97 3.45
CA THR G 53 -41.58 -0.03 2.51
C THR G 53 -42.96 -0.56 2.91
N LEU G 54 -43.93 -0.37 2.02
CA LEU G 54 -45.27 -0.91 2.21
C LEU G 54 -45.27 -2.37 1.76
N LEU G 55 -45.97 -3.20 2.51
CA LEU G 55 -46.13 -4.59 2.13
C LEU G 55 -47.41 -4.80 1.32
N SER G 56 -47.40 -5.87 0.52
CA SER G 56 -48.54 -6.17 -0.34
C SER G 56 -49.83 -6.25 0.47
N GLY G 57 -50.92 -5.77 -0.11
CA GLY G 57 -52.21 -5.80 0.56
C GLY G 57 -52.40 -4.74 1.62
N VAL G 58 -51.36 -4.01 1.99
CA VAL G 58 -51.50 -2.85 2.85
C VAL G 58 -51.93 -1.66 2.01
N SER G 59 -52.94 -0.93 2.47
CA SER G 59 -53.41 0.20 1.70
C SER G 59 -52.35 1.30 1.65
N PRO G 60 -52.23 2.01 0.52
CA PRO G 60 -51.25 3.09 0.40
C PRO G 60 -51.62 4.34 1.19
N ARG G 61 -52.79 4.35 1.84
CA ARG G 61 -53.07 5.36 2.87
C ARG G 61 -51.95 5.43 3.91
N PHE G 62 -51.41 4.27 4.28
CA PHE G 62 -50.28 4.21 5.19
C PHE G 62 -48.97 4.62 4.52
N SER G 63 -48.18 5.40 5.24
CA SER G 63 -46.87 5.78 4.72
C SER G 63 -45.93 6.11 5.86
N GLY G 64 -44.68 5.67 5.73
CA GLY G 64 -43.69 5.81 6.78
C GLY G 64 -42.57 6.75 6.38
N ALA G 65 -41.95 7.37 7.38
CA ALA G 65 -40.91 8.35 7.10
C ALA G 65 -40.05 8.47 8.35
N GLY G 66 -38.85 9.00 8.17
CA GLY G 66 -38.02 9.22 9.34
C GLY G 66 -36.56 8.88 9.14
N SER G 67 -35.78 9.06 10.20
CA SER G 67 -34.36 8.71 10.18
C SER G 67 -33.83 8.87 11.60
N GLY G 68 -32.62 8.36 11.82
CA GLY G 68 -31.96 8.55 13.09
C GLY G 68 -32.78 7.96 14.23
N SER G 69 -33.13 8.81 15.20
CA SER G 69 -33.93 8.41 16.35
C SER G 69 -35.39 8.84 16.25
N LEU G 70 -35.83 9.35 15.09
CA LEU G 70 -37.12 10.02 14.99
C LEU G 70 -37.83 9.50 13.74
N TYR G 71 -38.97 8.85 13.94
CA TYR G 71 -39.74 8.27 12.85
C TYR G 71 -41.20 8.68 12.97
N THR G 72 -41.96 8.45 11.89
CA THR G 72 -43.33 8.94 11.83
C THR G 72 -44.12 8.12 10.84
N LEU G 73 -45.22 7.53 11.33
CA LEU G 73 -46.22 6.86 10.52
C LEU G 73 -47.35 7.84 10.22
N THR G 74 -47.88 7.80 9.00
CA THR G 74 -48.90 8.74 8.62
C THR G 74 -50.00 8.01 7.87
N ILE G 75 -51.23 8.19 8.35
CA ILE G 75 -52.43 7.65 7.74
C ILE G 75 -53.13 8.80 7.04
N THR G 76 -53.33 8.66 5.74
CA THR G 76 -53.71 9.79 4.91
C THR G 76 -55.20 10.10 5.03
N ASN G 77 -56.05 9.09 4.92
CA ASN G 77 -57.47 9.32 4.68
C ASN G 77 -58.29 8.36 5.55
N ILE G 78 -57.98 8.34 6.84
CA ILE G 78 -58.33 7.30 7.80
C ILE G 78 -59.75 6.76 7.59
N GLN G 79 -59.87 5.45 7.53
CA GLN G 79 -61.10 4.73 7.22
C GLN G 79 -61.51 3.87 8.42
N PRO G 80 -62.76 3.38 8.47
CA PRO G 80 -63.16 2.57 9.64
C PRO G 80 -62.22 1.42 9.96
N GLU G 81 -61.69 0.76 8.94
CA GLU G 81 -60.84 -0.40 9.17
C GLU G 81 -59.45 0.00 9.65
N ASP G 82 -59.15 1.29 9.69
CA ASP G 82 -57.84 1.76 10.15
C ASP G 82 -57.79 2.02 11.65
N PHE G 83 -58.94 2.12 12.34
CA PHE G 83 -58.93 2.37 13.78
C PHE G 83 -58.43 1.14 14.52
N ALA G 84 -57.38 1.32 15.32
CA ALA G 84 -56.62 0.18 15.80
C ALA G 84 -55.54 0.67 16.74
N THR G 85 -54.65 -0.19 17.21
CA THR G 85 -53.49 0.33 17.94
C THR G 85 -52.22 -0.03 17.18
N TYR G 86 -51.31 0.91 17.11
CA TYR G 86 -50.16 0.80 16.22
C TYR G 86 -48.89 0.73 17.07
N TYR G 87 -47.97 -0.14 16.67
CA TYR G 87 -46.68 -0.30 17.35
C TYR G 87 -45.52 -0.15 16.39
N CYS G 88 -44.47 0.53 16.85
CA CYS G 88 -43.21 0.59 16.12
C CYS G 88 -42.21 -0.33 16.80
N GLN G 89 -41.29 -0.88 16.01
CA GLN G 89 -40.28 -1.83 16.47
C GLN G 89 -38.96 -1.53 15.78
N GLN G 90 -37.86 -1.63 16.52
CA GLN G 90 -36.52 -1.48 15.95
C GLN G 90 -35.87 -2.82 15.64
N ALA G 91 -35.21 -2.91 14.48
CA ALA G 91 -34.48 -4.10 14.07
C ALA G 91 -32.97 -3.87 14.07
N HIS G 92 -32.51 -2.72 14.57
CA HIS G 92 -31.10 -2.39 14.61
C HIS G 92 -30.27 -3.21 15.61
N SER G 93 -30.75 -3.37 16.85
CA SER G 93 -29.99 -4.04 17.90
C SER G 93 -30.30 -5.52 18.11
N THR G 94 -29.50 -6.12 19.01
CA THR G 94 -29.62 -7.55 19.32
C THR G 94 -30.97 -7.91 19.92
N PRO G 95 -31.54 -7.16 20.90
CA PRO G 95 -32.87 -7.56 21.39
C PRO G 95 -33.86 -6.58 20.79
N TRP G 96 -34.72 -7.07 19.91
CA TRP G 96 -35.66 -6.16 19.28
C TRP G 96 -36.67 -5.71 20.31
N THR G 97 -37.02 -4.44 20.24
CA THR G 97 -37.93 -3.85 21.19
C THR G 97 -39.02 -3.09 20.46
N PHE G 98 -40.20 -3.08 21.08
CA PHE G 98 -41.37 -2.42 20.56
C PHE G 98 -41.60 -1.12 21.32
N GLY G 99 -42.43 -0.26 20.74
CA GLY G 99 -42.93 0.87 21.48
C GLY G 99 -43.99 0.42 22.46
N GLN G 100 -44.58 1.39 23.12
CA GLN G 100 -45.56 1.11 24.15
C GLN G 100 -46.95 1.04 23.57
N GLY G 101 -47.13 1.56 22.37
CA GLY G 101 -48.35 1.43 21.60
C GLY G 101 -49.08 2.74 21.54
N THR G 102 -49.69 3.01 20.38
CA THR G 102 -50.51 4.19 20.18
C THR G 102 -51.91 3.73 19.81
N HIS G 103 -52.89 4.08 20.64
CA HIS G 103 -54.25 3.61 20.45
C HIS G 103 -55.02 4.67 19.66
N VAL G 104 -55.59 4.29 18.52
CA VAL G 104 -56.31 5.20 17.64
C VAL G 104 -57.78 4.78 17.70
N ALA G 105 -58.57 5.69 18.24
CA ALA G 105 -59.99 5.62 18.55
C ALA G 105 -60.76 6.65 17.74
N ALA G 106 -62.07 6.51 17.74
CA ALA G 106 -62.96 7.32 16.91
C ALA G 106 -63.47 8.52 17.69
N ASN G 107 -63.54 9.66 17.00
CA ASN G 107 -64.29 10.82 17.49
C ASN G 107 -65.69 10.83 16.90
N ARG G 108 -66.65 11.23 17.74
CA ARG G 108 -68.06 11.28 17.40
C ARG G 108 -68.73 12.18 18.44
N THR G 109 -70.01 12.45 18.23
CA THR G 109 -70.72 13.35 19.12
C THR G 109 -70.96 12.71 20.49
N VAL G 110 -70.99 13.56 21.52
CA VAL G 110 -71.18 13.08 22.89
C VAL G 110 -72.51 12.33 22.96
N ALA G 111 -72.53 11.20 23.67
CA ALA G 111 -73.77 10.44 23.84
C ALA G 111 -73.88 9.95 25.27
N ALA G 112 -74.98 10.31 25.92
CA ALA G 112 -75.18 9.95 27.32
C ALA G 112 -75.53 8.46 27.46
N PRO G 113 -75.21 7.86 28.61
CA PRO G 113 -75.47 6.43 28.80
C PRO G 113 -76.89 6.14 29.25
N SER G 114 -77.38 4.97 28.85
CA SER G 114 -78.61 4.44 29.42
C SER G 114 -78.23 3.61 30.64
N VAL G 115 -78.82 3.89 31.79
CA VAL G 115 -78.41 3.23 33.03
C VAL G 115 -79.47 2.23 33.49
N PHE G 116 -79.02 1.05 33.90
CA PHE G 116 -79.88 -0.01 34.42
C PHE G 116 -79.26 -0.53 35.71
N ILE G 117 -80.09 -1.09 36.60
CA ILE G 117 -79.58 -1.71 37.82
C ILE G 117 -80.21 -3.10 37.99
N PHE G 118 -79.39 -4.05 38.41
CA PHE G 118 -79.80 -5.43 38.56
C PHE G 118 -79.57 -5.88 39.99
N PRO G 119 -80.60 -6.32 40.72
CA PRO G 119 -80.41 -6.90 42.04
C PRO G 119 -79.87 -8.30 41.91
N PRO G 120 -79.45 -8.94 43.00
CA PRO G 120 -78.87 -10.28 42.87
C PRO G 120 -79.94 -11.34 42.66
N SER G 121 -79.57 -12.35 41.88
CA SER G 121 -80.50 -13.43 41.59
C SER G 121 -80.85 -14.18 42.86
N ASP G 122 -82.13 -14.51 43.00
CA ASP G 122 -82.58 -15.35 44.11
C ASP G 122 -81.72 -16.60 44.24
N GLU G 123 -81.56 -17.34 43.13
CA GLU G 123 -80.71 -18.53 43.10
C GLU G 123 -79.34 -18.23 43.68
N GLN G 124 -78.75 -17.09 43.30
CA GLN G 124 -77.42 -16.75 43.78
C GLN G 124 -77.45 -16.36 45.25
N LEU G 125 -78.53 -15.73 45.72
CA LEU G 125 -78.61 -15.47 47.15
C LEU G 125 -78.66 -16.78 47.91
N LYS G 126 -79.29 -17.80 47.31
CA LYS G 126 -79.24 -19.14 47.88
C LYS G 126 -77.80 -19.63 47.96
N SER G 127 -77.01 -19.36 46.92
CA SER G 127 -75.62 -19.84 46.89
C SER G 127 -74.75 -19.25 48.01
N GLY G 128 -75.07 -18.07 48.53
CA GLY G 128 -74.36 -17.48 49.65
C GLY G 128 -73.55 -16.22 49.42
N THR G 129 -73.53 -15.66 48.22
CA THR G 129 -72.98 -14.33 47.97
C THR G 129 -74.02 -13.57 47.18
N ALA G 130 -73.78 -12.28 46.96
CA ALA G 130 -74.79 -11.45 46.31
C ALA G 130 -74.04 -10.45 45.43
N SER G 131 -74.38 -10.45 44.16
CA SER G 131 -73.81 -9.51 43.20
C SER G 131 -74.89 -8.55 42.72
N VAL G 132 -74.58 -7.26 42.71
CA VAL G 132 -75.51 -6.27 42.23
C VAL G 132 -74.82 -5.57 41.07
N VAL G 133 -75.48 -5.49 39.92
CA VAL G 133 -74.84 -5.01 38.70
C VAL G 133 -75.42 -3.66 38.32
N CYS G 134 -74.55 -2.73 37.99
CA CYS G 134 -74.94 -1.50 37.34
C CYS G 134 -74.47 -1.52 35.90
N LEU G 135 -75.37 -1.21 34.97
CA LEU G 135 -75.08 -1.22 33.54
C LEU G 135 -75.17 0.18 32.95
N LEU G 136 -74.12 0.59 32.24
CA LEU G 136 -74.07 1.82 31.48
C LEU G 136 -73.98 1.47 30.00
N ASN G 137 -75.03 1.73 29.24
CA ASN G 137 -75.12 1.30 27.85
C ASN G 137 -74.89 2.46 26.89
N ASN G 138 -73.99 2.25 25.92
CA ASN G 138 -73.84 3.02 24.69
C ASN G 138 -73.64 4.52 24.95
N PHE G 139 -72.45 4.86 25.45
CA PHE G 139 -72.10 6.23 25.80
C PHE G 139 -70.76 6.61 25.19
N TYR G 140 -70.47 7.91 25.17
CA TYR G 140 -69.22 8.47 24.67
C TYR G 140 -69.03 9.88 25.19
N PRO G 141 -67.81 10.24 25.66
CA PRO G 141 -66.54 9.52 25.72
C PRO G 141 -66.45 8.48 26.83
N ARG G 142 -65.31 7.78 26.88
CA ARG G 142 -65.15 6.64 27.77
C ARG G 142 -65.21 7.01 29.25
N GLU G 143 -64.82 8.22 29.61
CA GLU G 143 -64.68 8.57 31.02
C GLU G 143 -66.06 8.72 31.65
N ALA G 144 -66.34 7.92 32.68
CA ALA G 144 -67.58 7.98 33.43
C ALA G 144 -67.31 7.51 34.86
N LYS G 145 -67.96 8.14 35.83
CA LYS G 145 -67.80 7.80 37.24
C LYS G 145 -69.01 7.05 37.76
N VAL G 146 -68.78 5.96 38.49
CA VAL G 146 -69.84 5.09 38.98
C VAL G 146 -69.61 4.87 40.46
N GLN G 147 -70.51 5.41 41.29
CA GLN G 147 -70.41 5.30 42.74
C GLN G 147 -71.48 4.33 43.25
N TRP G 148 -71.14 3.51 44.22
CA TRP G 148 -72.10 2.61 44.84
C TRP G 148 -72.50 3.14 46.21
N LYS G 149 -73.81 3.13 46.50
CA LYS G 149 -74.28 3.53 47.82
C LYS G 149 -75.33 2.58 48.36
N VAL G 150 -75.07 2.04 49.54
CA VAL G 150 -75.94 1.07 50.21
C VAL G 150 -76.41 1.74 51.49
N ASP G 151 -77.72 1.97 51.60
CA ASP G 151 -78.29 2.70 52.74
C ASP G 151 -77.56 4.02 52.93
N ASN G 152 -77.24 4.65 51.81
CA ASN G 152 -76.58 5.94 51.70
C ASN G 152 -75.10 5.82 52.02
N ALA G 153 -74.58 4.62 52.32
CA ALA G 153 -73.16 4.52 52.60
C ALA G 153 -72.43 4.14 51.33
N LEU G 154 -71.34 4.84 51.06
CA LEU G 154 -70.62 4.68 49.81
C LEU G 154 -69.64 3.53 49.86
N GLN G 155 -69.60 2.76 48.78
CA GLN G 155 -68.80 1.55 48.80
C GLN G 155 -67.52 1.85 48.03
N SER G 156 -66.49 1.05 48.31
CA SER G 156 -65.14 1.19 47.69
C SER G 156 -64.30 -0.06 47.96
N GLY G 157 -63.69 -0.63 46.92
CA GLY G 157 -62.83 -1.83 47.07
C GLY G 157 -63.62 -3.13 47.10
N ASN G 158 -64.93 -3.06 46.89
CA ASN G 158 -65.80 -4.27 46.89
C ASN G 158 -66.57 -4.32 45.57
N SER G 159 -66.23 -3.43 44.63
CA SER G 159 -66.90 -3.36 43.34
C SER G 159 -65.83 -3.44 42.27
N GLN G 160 -66.20 -4.03 41.12
CA GLN G 160 -65.32 -4.13 39.96
C GLN G 160 -65.97 -3.53 38.71
N GLU G 161 -65.17 -2.94 37.84
CA GLU G 161 -65.71 -2.37 36.62
C GLU G 161 -65.15 -3.08 35.39
N SER G 162 -65.91 -3.02 34.31
CA SER G 162 -65.46 -3.57 33.03
C SER G 162 -66.03 -2.69 31.92
N VAL G 163 -65.30 -2.57 30.82
CA VAL G 163 -65.63 -1.64 29.74
C VAL G 163 -65.42 -2.32 28.41
N THR G 164 -66.42 -2.21 27.53
CA THR G 164 -66.32 -2.79 26.20
C THR G 164 -65.34 -2.01 25.34
N GLU G 165 -64.93 -2.63 24.23
CA GLU G 165 -64.18 -1.93 23.21
C GLU G 165 -65.10 -1.01 22.44
N GLN G 166 -64.54 0.01 21.80
CA GLN G 166 -65.41 0.94 21.08
C GLN G 166 -66.21 0.16 20.05
N ASP G 167 -67.50 0.43 19.96
CA ASP G 167 -68.37 -0.33 19.06
C ASP G 167 -68.05 -0.04 17.60
N SER G 168 -67.99 -1.10 16.79
CA SER G 168 -67.60 -0.97 15.39
C SER G 168 -68.50 0.01 14.63
N LYS G 169 -69.80 -0.04 14.87
CA LYS G 169 -70.76 0.81 14.18
C LYS G 169 -71.22 2.00 15.00
N ASP G 170 -71.51 1.77 16.28
CA ASP G 170 -71.97 2.82 17.19
C ASP G 170 -70.87 3.83 17.50
N SER G 171 -69.61 3.39 17.58
CA SER G 171 -68.47 4.18 18.06
C SER G 171 -68.60 4.59 19.53
N THR G 172 -69.23 3.74 20.35
CA THR G 172 -69.44 4.04 21.76
C THR G 172 -69.01 2.88 22.66
N TYR G 173 -68.94 3.18 23.97
CA TYR G 173 -68.49 2.27 25.01
C TYR G 173 -69.68 1.85 25.88
N SER G 174 -69.53 0.73 26.60
CA SER G 174 -70.45 0.34 27.67
C SER G 174 -69.68 -0.17 28.87
N LEU G 175 -70.30 -0.10 30.06
CA LEU G 175 -69.55 -0.33 31.29
C LEU G 175 -70.42 -1.07 32.30
N SER G 176 -69.85 -2.08 32.95
CA SER G 176 -70.52 -2.86 33.98
C SER G 176 -69.80 -2.65 35.30
N SER G 177 -70.52 -2.20 36.32
CA SER G 177 -70.00 -2.15 37.69
C SER G 177 -70.68 -3.21 38.56
N THR G 178 -69.93 -4.23 38.97
CA THR G 178 -70.46 -5.30 39.80
C THR G 178 -70.04 -5.06 41.25
N LEU G 179 -71.02 -4.98 42.14
CA LEU G 179 -70.83 -4.80 43.57
C LEU G 179 -71.10 -6.14 44.24
N THR G 180 -70.09 -6.70 44.90
CA THR G 180 -70.18 -8.03 45.47
C THR G 180 -70.19 -7.94 46.99
N LEU G 181 -71.06 -8.74 47.61
CA LEU G 181 -71.38 -8.62 49.01
C LEU G 181 -71.64 -10.02 49.56
N SER G 182 -71.40 -10.18 50.86
CA SER G 182 -71.82 -11.42 51.52
C SER G 182 -73.34 -11.47 51.59
N LYS G 183 -73.88 -12.70 51.62
CA LYS G 183 -75.32 -12.81 51.81
C LYS G 183 -75.74 -12.15 53.12
N ALA G 184 -74.93 -12.33 54.18
CA ALA G 184 -75.09 -11.63 55.45
C ALA G 184 -75.30 -10.12 55.29
N ASP G 185 -74.25 -9.46 54.80
CA ASP G 185 -74.26 -8.01 54.65
C ASP G 185 -75.38 -7.56 53.73
N TYR G 186 -75.59 -8.27 52.63
CA TYR G 186 -76.69 -7.92 51.73
C TYR G 186 -78.04 -8.00 52.44
N GLU G 187 -78.21 -8.97 53.33
CA GLU G 187 -79.48 -9.04 54.05
C GLU G 187 -79.62 -7.90 55.04
N LYS G 188 -78.50 -7.44 55.63
CA LYS G 188 -78.57 -6.31 56.57
C LYS G 188 -79.31 -5.11 55.99
N HIS G 189 -78.86 -4.61 54.84
CA HIS G 189 -79.28 -3.27 54.44
C HIS G 189 -80.51 -3.34 53.54
N LYS G 190 -81.06 -2.17 53.22
CA LYS G 190 -82.29 -2.03 52.45
C LYS G 190 -82.08 -1.48 51.05
N VAL G 191 -81.58 -0.24 50.92
CA VAL G 191 -81.71 0.51 49.69
C VAL G 191 -80.36 0.48 48.98
N TYR G 192 -80.32 -0.17 47.83
CA TYR G 192 -79.10 -0.32 47.04
C TYR G 192 -79.19 0.59 45.83
N ALA G 193 -78.22 1.47 45.66
CA ALA G 193 -78.30 2.49 44.63
C ALA G 193 -76.96 2.68 43.95
N CYS G 194 -77.05 3.02 42.67
CA CYS G 194 -75.93 3.17 41.78
C CYS G 194 -76.00 4.58 41.20
N GLU G 195 -74.96 5.38 41.43
CA GLU G 195 -74.92 6.77 40.99
C GLU G 195 -73.92 6.91 39.86
N VAL G 196 -74.30 7.62 38.80
CA VAL G 196 -73.52 7.71 37.58
C VAL G 196 -73.29 9.20 37.28
N THR G 197 -72.04 9.56 37.01
CA THR G 197 -71.70 10.87 36.48
C THR G 197 -71.01 10.72 35.13
N HIS G 198 -71.40 11.57 34.18
CA HIS G 198 -70.89 11.49 32.83
C HIS G 198 -71.10 12.83 32.14
N GLN G 199 -70.20 13.13 31.20
CA GLN G 199 -70.21 14.43 30.53
C GLN G 199 -71.56 14.73 29.91
N GLY G 200 -72.17 13.75 29.24
CA GLY G 200 -73.42 14.00 28.55
C GLY G 200 -74.65 14.04 29.43
N LEU G 201 -74.49 13.92 30.74
CA LEU G 201 -75.56 14.09 31.71
C LEU G 201 -75.44 15.47 32.37
N SER G 202 -76.58 16.12 32.59
CA SER G 202 -76.57 17.41 33.28
C SER G 202 -76.47 17.23 34.77
N SER G 203 -77.33 16.40 35.34
CA SER G 203 -77.23 15.94 36.71
C SER G 203 -76.79 14.48 36.78
N PRO G 204 -75.99 14.11 37.77
CA PRO G 204 -75.72 12.70 38.01
C PRO G 204 -77.03 11.91 38.09
N VAL G 205 -77.01 10.71 37.50
CA VAL G 205 -78.20 9.87 37.39
C VAL G 205 -78.07 8.70 38.35
N THR G 206 -79.09 8.46 39.15
CA THR G 206 -79.05 7.42 40.16
C THR G 206 -80.20 6.45 39.93
N LYS G 207 -79.89 5.16 40.06
CA LYS G 207 -80.87 4.09 39.92
C LYS G 207 -80.78 3.19 41.14
N SER G 208 -81.93 2.75 41.64
CA SER G 208 -81.93 2.14 42.96
C SER G 208 -83.05 1.13 43.09
N PHE G 209 -82.87 0.18 44.01
CA PHE G 209 -83.92 -0.74 44.39
C PHE G 209 -83.87 -0.98 45.89
N ASN G 210 -84.87 -1.68 46.41
CA ASN G 210 -84.89 -2.15 47.79
C ASN G 210 -84.85 -3.67 47.75
N ARG G 211 -84.33 -4.30 48.79
CA ARG G 211 -84.50 -5.75 48.83
C ARG G 211 -85.97 -6.04 49.17
N GLY G 212 -86.61 -6.87 48.35
CA GLY G 212 -88.07 -6.90 48.28
C GLY G 212 -88.58 -5.92 47.24
N GLY G 213 -89.86 -5.59 47.34
CA GLY G 213 -90.48 -4.60 46.46
C GLY G 213 -90.12 -4.65 44.98
N VAL H 2 -48.80 -19.61 5.56
CA VAL H 2 -50.10 -19.00 5.30
C VAL H 2 -50.93 -18.95 6.59
N GLN H 3 -50.93 -20.04 7.38
CA GLN H 3 -51.64 -20.04 8.66
C GLN H 3 -50.76 -20.50 9.82
N LEU H 4 -50.95 -19.85 10.97
CA LEU H 4 -50.17 -20.09 12.19
C LEU H 4 -51.16 -20.29 13.33
N VAL H 5 -51.29 -21.52 13.81
CA VAL H 5 -52.29 -21.82 14.84
C VAL H 5 -51.53 -22.20 16.10
N GLU H 6 -51.59 -21.32 17.11
CA GLU H 6 -50.97 -21.62 18.38
C GLU H 6 -51.95 -22.31 19.31
N SER H 7 -51.42 -23.19 20.14
CA SER H 7 -52.22 -23.97 21.07
C SER H 7 -51.31 -24.43 22.18
N GLY H 8 -51.92 -24.75 23.30
CA GLY H 8 -51.18 -25.19 24.45
C GLY H 8 -52.11 -25.10 25.64
N PRO H 9 -51.57 -25.25 26.84
CA PRO H 9 -52.42 -25.17 28.02
C PRO H 9 -52.82 -23.73 28.26
N GLY H 10 -53.95 -23.56 28.92
CA GLY H 10 -54.45 -22.26 29.33
C GLY H 10 -53.79 -21.81 30.62
N LEU H 11 -53.54 -22.78 31.50
CA LEU H 11 -53.14 -22.50 32.87
C LEU H 11 -51.87 -23.24 33.26
N VAL H 12 -50.94 -22.51 33.89
CA VAL H 12 -49.70 -23.10 34.38
C VAL H 12 -49.44 -22.58 35.79
N GLN H 13 -49.00 -23.48 36.68
CA GLN H 13 -48.68 -23.15 38.07
C GLN H 13 -47.34 -22.42 38.16
N PRO H 14 -47.15 -21.55 39.16
CA PRO H 14 -45.83 -20.97 39.36
C PRO H 14 -44.76 -22.04 39.59
N TRP H 15 -43.55 -21.72 39.12
CA TRP H 15 -42.38 -22.61 39.10
C TRP H 15 -42.63 -23.84 38.25
N GLY H 16 -43.71 -23.85 37.47
CA GLY H 16 -43.95 -24.90 36.51
C GLY H 16 -43.27 -24.58 35.19
N THR H 17 -43.52 -25.43 34.20
CA THR H 17 -43.01 -25.21 32.86
C THR H 17 -44.19 -25.04 31.92
N LEU H 18 -44.11 -24.02 31.07
CA LEU H 18 -45.17 -23.66 30.15
C LEU H 18 -44.72 -24.05 28.75
N SER H 19 -45.46 -24.97 28.13
CA SER H 19 -45.13 -25.45 26.79
C SER H 19 -46.25 -25.13 25.81
N LEU H 20 -45.89 -24.53 24.67
CA LEU H 20 -46.81 -24.20 23.60
C LEU H 20 -46.34 -24.81 22.29
N THR H 21 -47.29 -25.01 21.38
CA THR H 21 -47.02 -25.51 20.03
C THR H 21 -47.74 -24.64 19.02
N CYS H 22 -47.07 -24.35 17.91
CA CYS H 22 -47.62 -23.58 16.81
C CYS H 22 -47.57 -24.41 15.53
N ARG H 23 -48.75 -24.76 15.02
CA ARG H 23 -48.87 -25.52 13.78
C ARG H 23 -48.87 -24.57 12.60
N VAL H 24 -47.94 -24.78 11.67
CA VAL H 24 -47.71 -23.93 10.51
C VAL H 24 -48.35 -24.60 9.29
N SER H 25 -49.29 -23.92 8.64
CA SER H 25 -50.15 -24.55 7.66
C SER H 25 -49.82 -24.16 6.22
N GLY H 26 -48.81 -23.33 5.99
CA GLY H 26 -48.52 -22.94 4.61
C GLY H 26 -47.38 -23.63 3.89
N ASP H 27 -46.17 -23.55 4.44
CA ASP H 27 -45.00 -24.18 3.84
C ASP H 27 -44.18 -24.84 4.95
N SER H 28 -43.12 -25.55 4.55
CA SER H 28 -42.31 -26.26 5.52
C SER H 28 -41.45 -25.31 6.34
N VAL H 29 -41.24 -25.67 7.61
CA VAL H 29 -40.36 -24.90 8.48
C VAL H 29 -38.90 -25.08 8.09
N SER H 30 -38.57 -26.19 7.40
CA SER H 30 -37.23 -26.35 6.85
C SER H 30 -37.03 -25.61 5.53
N ASN H 31 -38.02 -24.80 5.12
CA ASN H 31 -37.80 -23.82 4.08
C ASN H 31 -36.73 -22.86 4.59
N ASP H 32 -35.59 -22.81 3.90
CA ASP H 32 -34.49 -21.95 4.30
C ASP H 32 -34.75 -20.47 4.07
N ASN H 33 -35.93 -20.09 3.56
CA ASN H 33 -36.28 -18.69 3.38
C ASN H 33 -36.91 -18.02 4.60
N TYR H 34 -37.18 -18.72 5.70
CA TYR H 34 -37.82 -18.10 6.86
C TYR H 34 -37.13 -18.47 8.16
N TYR H 35 -37.04 -17.49 9.08
CA TYR H 35 -36.90 -17.76 10.51
C TYR H 35 -38.29 -17.81 11.16
N TRP H 36 -38.35 -18.32 12.38
CA TRP H 36 -39.57 -18.35 13.17
C TRP H 36 -39.31 -17.79 14.55
N ALA H 37 -40.35 -17.28 15.18
CA ALA H 37 -40.15 -16.56 16.43
C ALA H 37 -41.39 -16.65 17.30
N TRP H 38 -41.17 -16.36 18.58
CA TRP H 38 -42.23 -16.22 19.57
C TRP H 38 -42.16 -14.82 20.18
N ILE H 39 -43.31 -14.17 20.27
CA ILE H 39 -43.40 -12.82 20.79
C ILE H 39 -44.58 -12.81 21.76
N ARG H 40 -44.42 -12.13 22.89
CA ARG H 40 -45.48 -12.17 23.88
C ARG H 40 -45.81 -10.76 24.37
N GLN H 41 -47.06 -10.60 24.76
CA GLN H 41 -47.57 -9.34 25.30
C GLN H 41 -48.15 -9.57 26.69
N THR H 42 -47.65 -8.81 27.65
CA THR H 42 -48.13 -8.78 29.01
C THR H 42 -49.36 -7.89 29.07
N PRO H 43 -50.20 -8.04 30.10
CA PRO H 43 -51.35 -7.14 30.22
C PRO H 43 -50.97 -5.66 30.32
N GLY H 44 -49.71 -5.35 30.63
CA GLY H 44 -49.28 -3.97 30.58
C GLY H 44 -48.96 -3.44 29.20
N ARG H 45 -49.28 -4.20 28.15
CA ARG H 45 -49.19 -3.88 26.74
C ARG H 45 -47.76 -3.81 26.21
N GLU H 46 -46.75 -4.10 27.04
CA GLU H 46 -45.37 -4.16 26.59
C GLU H 46 -45.13 -5.45 25.80
N LEU H 47 -44.49 -5.32 24.63
CA LEU H 47 -44.24 -6.45 23.73
C LEU H 47 -42.80 -6.91 23.85
N GLN H 48 -42.61 -8.24 23.95
CA GLN H 48 -41.29 -8.81 24.19
C GLN H 48 -41.03 -9.95 23.21
N VAL H 49 -39.83 -9.97 22.64
CA VAL H 49 -39.42 -11.06 21.76
C VAL H 49 -38.77 -12.15 22.61
N ILE H 50 -39.37 -13.34 22.60
CA ILE H 50 -38.84 -14.44 23.39
C ILE H 50 -37.64 -15.05 22.70
N GLY H 51 -37.72 -15.25 21.40
CA GLY H 51 -36.62 -15.91 20.72
C GLY H 51 -36.92 -16.30 19.30
N THR H 52 -35.86 -16.54 18.55
CA THR H 52 -35.99 -16.95 17.17
C THR H 52 -35.25 -18.27 16.93
N ILE H 53 -35.61 -18.95 15.85
CA ILE H 53 -34.98 -20.23 15.49
C ILE H 53 -34.96 -20.38 13.97
N TYR H 54 -33.88 -20.96 13.46
CA TYR H 54 -33.67 -21.18 12.03
C TYR H 54 -33.78 -22.67 11.70
N TYR H 55 -34.17 -22.95 10.45
CA TYR H 55 -34.24 -24.34 9.98
C TYR H 55 -32.98 -25.14 10.31
N SER H 56 -31.83 -24.46 10.39
CA SER H 56 -30.55 -25.11 10.65
C SER H 56 -30.35 -25.49 12.11
N GLY H 57 -31.17 -24.97 13.02
CA GLY H 57 -31.03 -25.27 14.42
C GLY H 57 -30.59 -24.08 15.23
N THR H 58 -30.13 -23.02 14.57
CA THR H 58 -29.58 -21.89 15.29
C THR H 58 -30.69 -21.15 16.00
N THR H 59 -30.44 -20.80 17.26
CA THR H 59 -31.44 -20.11 18.06
C THR H 59 -30.86 -18.81 18.58
N TYR H 60 -31.74 -17.84 18.78
CA TYR H 60 -31.46 -16.67 19.59
C TYR H 60 -32.48 -16.59 20.71
N TYR H 61 -32.02 -16.25 21.91
CA TYR H 61 -32.91 -16.10 23.06
C TYR H 61 -32.71 -14.73 23.68
N ASN H 62 -33.80 -14.13 24.12
CA ASN H 62 -33.75 -12.89 24.86
C ASN H 62 -32.86 -13.06 26.09
N PRO H 63 -31.88 -12.18 26.29
CA PRO H 63 -30.97 -12.34 27.44
C PRO H 63 -31.68 -12.60 28.75
N SER H 64 -32.76 -11.86 29.03
CA SER H 64 -33.42 -12.00 30.33
C SER H 64 -34.05 -13.37 30.52
N LEU H 65 -34.19 -14.17 29.47
CA LEU H 65 -34.76 -15.50 29.58
C LEU H 65 -33.83 -16.65 29.21
N ARG H 66 -32.65 -16.37 28.63
CA ARG H 66 -31.85 -17.46 28.05
C ARG H 66 -31.58 -18.56 29.06
N ASN H 67 -31.41 -18.19 30.33
CA ASN H 67 -31.18 -19.19 31.36
C ASN H 67 -32.31 -20.21 31.46
N ARG H 68 -33.49 -19.92 30.85
CA ARG H 68 -34.68 -20.72 31.16
C ARG H 68 -35.68 -20.81 30.01
N VAL H 69 -35.24 -20.66 28.76
CA VAL H 69 -36.18 -20.72 27.66
C VAL H 69 -35.60 -21.65 26.60
N THR H 70 -36.48 -22.34 25.87
CA THR H 70 -36.07 -23.26 24.82
C THR H 70 -37.05 -23.20 23.66
N ILE H 71 -36.55 -23.00 22.46
CA ILE H 71 -37.36 -23.05 21.26
C ILE H 71 -36.87 -24.18 20.37
N SER H 72 -37.80 -24.84 19.68
CA SER H 72 -37.36 -25.87 18.75
C SER H 72 -38.45 -26.08 17.71
N LEU H 73 -38.04 -26.37 16.48
CA LEU H 73 -38.99 -26.75 15.45
C LEU H 73 -38.96 -28.26 15.21
N ASP H 74 -40.11 -28.79 14.85
CA ASP H 74 -40.26 -30.19 14.47
C ASP H 74 -40.63 -30.21 13.00
N LYS H 75 -39.59 -30.40 12.16
CA LYS H 75 -39.75 -30.37 10.71
C LYS H 75 -40.66 -31.49 10.25
N SER H 76 -40.69 -32.58 11.01
CA SER H 76 -41.41 -33.78 10.60
C SER H 76 -42.90 -33.55 10.55
N VAL H 77 -43.42 -32.74 11.48
CA VAL H 77 -44.84 -32.41 11.52
C VAL H 77 -45.06 -30.93 11.26
N ASN H 78 -43.99 -30.18 11.01
CA ASN H 78 -44.01 -28.78 10.64
C ASN H 78 -44.57 -27.88 11.74
N VAL H 79 -44.23 -28.16 13.00
CA VAL H 79 -44.71 -27.34 14.12
C VAL H 79 -43.49 -26.67 14.76
N VAL H 80 -43.73 -25.61 15.51
CA VAL H 80 -42.68 -24.98 16.32
C VAL H 80 -43.13 -24.88 17.78
N SER H 81 -42.29 -25.36 18.68
CA SER H 81 -42.62 -25.49 20.09
C SER H 81 -41.79 -24.50 20.90
N LEU H 82 -42.39 -24.03 22.00
CA LEU H 82 -41.77 -23.14 22.98
C LEU H 82 -41.91 -23.74 24.37
N ARG H 83 -40.81 -23.79 25.12
CA ARG H 83 -40.82 -24.14 26.54
C ARG H 83 -40.24 -23.00 27.37
N LEU H 84 -40.93 -22.65 28.44
CA LEU H 84 -40.50 -21.60 29.36
C LEU H 84 -40.64 -22.13 30.78
N GLY H 85 -39.51 -22.30 31.45
CA GLY H 85 -39.47 -22.95 32.74
C GLY H 85 -39.34 -21.98 33.90
N SER H 86 -39.59 -22.52 35.09
CA SER H 86 -39.59 -21.75 36.32
C SER H 86 -40.40 -20.47 36.15
N VAL H 87 -41.63 -20.64 35.70
CA VAL H 87 -42.48 -19.54 35.29
C VAL H 87 -43.09 -18.88 36.54
N SER H 88 -43.22 -17.56 36.51
CA SER H 88 -43.84 -16.85 37.62
C SER H 88 -45.09 -16.15 37.12
N ALA H 89 -45.76 -15.45 38.03
CA ALA H 89 -46.91 -14.62 37.65
C ALA H 89 -46.54 -13.58 36.59
N ALA H 90 -45.33 -13.04 36.64
CA ALA H 90 -44.94 -12.02 35.68
C ALA H 90 -44.85 -12.55 34.25
N ASP H 91 -45.03 -13.86 34.02
CA ASP H 91 -45.03 -14.44 32.68
C ASP H 91 -46.41 -14.70 32.12
N THR H 92 -47.46 -14.25 32.79
CA THR H 92 -48.81 -14.37 32.25
C THR H 92 -48.95 -13.40 31.09
N ALA H 93 -49.25 -13.92 29.90
CA ALA H 93 -49.23 -13.07 28.71
C ALA H 93 -49.92 -13.79 27.54
N GLN H 94 -50.19 -13.00 26.51
CA GLN H 94 -50.61 -13.49 25.20
C GLN H 94 -49.37 -13.86 24.38
N TYR H 95 -49.34 -15.07 23.87
CA TYR H 95 -48.18 -15.62 23.18
C TYR H 95 -48.44 -15.79 21.68
N TYR H 96 -47.79 -15.00 20.86
CA TYR H 96 -47.94 -15.05 19.43
C TYR H 96 -46.78 -15.82 18.81
N CYS H 97 -47.11 -16.65 17.84
CA CYS H 97 -46.16 -17.34 16.97
C CYS H 97 -46.04 -16.56 15.67
N VAL H 98 -44.82 -16.44 15.14
CA VAL H 98 -44.54 -15.41 14.15
C VAL H 98 -43.52 -15.95 13.14
N ARG H 99 -43.64 -15.45 11.90
CA ARG H 99 -42.77 -15.82 10.79
C ARG H 99 -41.89 -14.63 10.46
N MET H 100 -40.69 -14.90 9.99
CA MET H 100 -39.78 -13.80 9.75
C MET H 100 -38.99 -14.04 8.47
N PRO H 101 -39.21 -13.22 7.44
CA PRO H 101 -38.45 -13.37 6.20
C PRO H 101 -36.95 -13.37 6.44
N SER H 102 -36.29 -14.40 5.88
CA SER H 102 -34.84 -14.50 5.81
C SER H 102 -34.41 -14.08 4.42
N HIS H 103 -34.03 -12.81 4.30
CA HIS H 103 -33.59 -12.32 3.00
C HIS H 103 -32.13 -12.69 2.84
N GLY H 104 -31.82 -13.42 1.78
CA GLY H 104 -30.47 -13.86 1.52
C GLY H 104 -29.57 -12.73 1.07
N PHE H 105 -28.27 -13.04 1.05
CA PHE H 105 -27.25 -12.00 0.90
C PHE H 105 -27.54 -11.09 -0.28
N TRP H 106 -28.00 -11.65 -1.41
CA TRP H 106 -28.18 -10.85 -2.61
C TRP H 106 -29.59 -10.25 -2.73
N SER H 107 -30.50 -10.57 -1.82
CA SER H 107 -31.82 -9.93 -1.83
C SER H 107 -31.72 -8.42 -1.71
N THR H 108 -32.60 -7.72 -2.44
CA THR H 108 -32.76 -6.27 -2.27
C THR H 108 -32.97 -5.89 -0.82
N SER H 109 -33.65 -6.75 -0.04
CA SER H 109 -34.04 -6.41 1.32
C SER H 109 -33.20 -7.21 2.29
N PHE H 110 -31.88 -7.18 2.11
CA PHE H 110 -30.95 -7.87 2.98
C PHE H 110 -30.71 -7.09 4.28
N SER H 111 -30.63 -7.82 5.39
CA SER H 111 -30.40 -7.32 6.75
C SER H 111 -31.67 -6.69 7.31
N TYR H 112 -32.75 -6.64 6.54
CA TYR H 112 -34.03 -6.12 7.03
C TYR H 112 -34.77 -7.25 7.73
N TRP H 113 -34.91 -7.13 9.04
CA TRP H 113 -35.49 -8.19 9.85
C TRP H 113 -36.82 -7.71 10.41
N TYR H 114 -37.91 -8.29 9.92
CA TYR H 114 -39.25 -7.85 10.29
C TYR H 114 -40.15 -9.07 10.38
N PHE H 115 -41.17 -8.95 11.21
CA PHE H 115 -42.11 -10.03 11.49
C PHE H 115 -43.30 -9.90 10.55
N ASP H 116 -43.31 -10.69 9.47
CA ASP H 116 -44.23 -10.40 8.38
C ASP H 116 -45.55 -11.15 8.49
N LEU H 117 -45.66 -12.09 9.43
CA LEU H 117 -46.88 -12.85 9.59
C LEU H 117 -47.02 -13.30 11.04
N TRP H 118 -48.18 -13.06 11.63
CA TRP H 118 -48.44 -13.31 13.04
C TRP H 118 -49.64 -14.21 13.21
N GLY H 119 -49.57 -15.10 14.20
CA GLY H 119 -50.73 -15.87 14.57
C GLY H 119 -51.70 -15.09 15.43
N ARG H 120 -52.79 -15.76 15.80
CA ARG H 120 -53.85 -15.11 16.54
C ARG H 120 -53.49 -14.90 18.00
N GLY H 121 -52.48 -15.58 18.49
CA GLY H 121 -52.11 -15.48 19.89
C GLY H 121 -52.69 -16.62 20.70
N HIS H 122 -52.15 -16.80 21.90
CA HIS H 122 -52.67 -17.80 22.83
C HIS H 122 -52.39 -17.30 24.22
N PHE H 123 -53.43 -17.16 25.03
CA PHE H 123 -53.28 -16.55 26.32
C PHE H 123 -52.93 -17.63 27.33
N VAL H 124 -52.02 -17.29 28.24
CA VAL H 124 -51.56 -18.22 29.26
C VAL H 124 -51.59 -17.47 30.58
N ALA H 125 -52.37 -17.99 31.51
CA ALA H 125 -52.42 -17.50 32.88
C ALA H 125 -51.52 -18.37 33.74
N VAL H 126 -50.86 -17.75 34.70
CA VAL H 126 -50.00 -18.43 35.64
C VAL H 126 -50.63 -18.15 37.00
N SER H 127 -51.19 -19.19 37.60
CA SER H 127 -51.94 -18.99 38.84
C SER H 127 -52.00 -20.29 39.63
N TRP H 128 -51.95 -20.12 40.94
CA TRP H 128 -52.15 -21.23 41.86
C TRP H 128 -53.57 -21.80 41.78
N ALA H 129 -54.57 -20.94 41.56
CA ALA H 129 -55.95 -21.42 41.47
C ALA H 129 -56.10 -22.55 40.47
N SER H 130 -57.00 -23.47 40.79
CA SER H 130 -57.30 -24.64 39.99
C SER H 130 -58.50 -24.37 39.10
N THR H 131 -58.69 -25.22 38.10
CA THR H 131 -59.75 -24.90 37.15
C THR H 131 -61.10 -24.97 37.85
N LYS H 132 -62.08 -24.23 37.29
CA LYS H 132 -63.42 -24.18 37.89
C LYS H 132 -64.47 -23.76 36.87
N GLY H 133 -65.50 -24.57 36.65
CA GLY H 133 -66.55 -24.16 35.74
C GLY H 133 -67.40 -23.11 36.46
N PRO H 134 -68.09 -22.27 35.70
CA PRO H 134 -68.86 -21.15 36.26
C PRO H 134 -70.29 -21.40 36.72
N SER H 135 -70.72 -20.56 37.66
CA SER H 135 -72.14 -20.46 38.01
C SER H 135 -72.78 -19.35 37.17
N VAL H 136 -74.00 -19.59 36.71
CA VAL H 136 -74.73 -18.66 35.84
C VAL H 136 -75.99 -18.18 36.54
N PHE H 137 -76.10 -16.87 36.72
CA PHE H 137 -77.25 -16.29 37.39
C PHE H 137 -78.00 -15.31 36.49
N PRO H 138 -79.33 -15.28 36.55
CA PRO H 138 -80.08 -14.37 35.69
C PRO H 138 -79.93 -12.94 36.17
N LEU H 139 -79.87 -12.02 35.21
CA LEU H 139 -80.02 -10.59 35.47
C LEU H 139 -81.38 -10.21 34.86
N ALA H 140 -82.43 -10.25 35.70
CA ALA H 140 -83.82 -10.14 35.27
C ALA H 140 -84.22 -8.71 34.93
N PRO H 141 -84.98 -8.52 33.85
CA PRO H 141 -85.54 -7.20 33.56
C PRO H 141 -86.69 -6.87 34.51
N SER H 142 -86.77 -5.60 34.92
CA SER H 142 -87.81 -5.17 35.85
C SER H 142 -88.73 -4.15 35.17
N SER H 143 -89.27 -3.21 35.96
CA SER H 143 -90.26 -2.24 35.51
C SER H 143 -89.52 -1.04 34.91
N LYS H 144 -89.31 -1.08 33.60
CA LYS H 144 -88.57 0.02 32.91
C LYS H 144 -89.54 0.98 32.22
N SER H 145 -90.51 1.51 32.97
CA SER H 145 -91.51 2.49 32.48
C SER H 145 -92.33 1.93 31.30
N THR H 146 -92.65 0.64 31.33
CA THR H 146 -93.46 -0.02 30.28
C THR H 146 -92.83 0.22 28.89
N SER H 147 -93.66 0.64 27.92
CA SER H 147 -93.25 0.88 26.51
C SER H 147 -92.25 2.03 26.39
N GLY H 148 -92.29 2.99 27.31
CA GLY H 148 -91.42 4.18 27.23
C GLY H 148 -89.94 3.85 27.27
N GLY H 149 -89.52 2.90 28.11
CA GLY H 149 -88.09 2.56 28.20
C GLY H 149 -87.77 1.13 27.77
N THR H 150 -86.79 0.98 26.88
CA THR H 150 -86.35 -0.36 26.39
C THR H 150 -85.81 -1.14 27.60
N ALA H 151 -86.11 -2.44 27.69
CA ALA H 151 -85.67 -3.19 28.87
C ALA H 151 -84.31 -3.83 28.63
N ALA H 152 -83.58 -4.03 29.72
CA ALA H 152 -82.28 -4.69 29.72
C ALA H 152 -82.37 -6.01 30.47
N LEU H 153 -81.58 -6.99 30.03
CA LEU H 153 -81.54 -8.27 30.72
C LEU H 153 -80.17 -8.87 30.49
N GLY H 154 -79.84 -9.91 31.25
CA GLY H 154 -78.54 -10.50 31.05
C GLY H 154 -78.27 -11.78 31.81
N CYS H 155 -76.98 -12.10 31.88
CA CYS H 155 -76.44 -13.26 32.57
C CYS H 155 -75.15 -12.90 33.28
N LEU H 156 -75.05 -13.27 34.54
CA LEU H 156 -73.84 -13.11 35.34
C LEU H 156 -73.13 -14.46 35.35
N VAL H 157 -71.93 -14.51 34.80
CA VAL H 157 -71.13 -15.73 34.70
C VAL H 157 -70.03 -15.57 35.73
N LYS H 158 -70.22 -16.09 36.94
CA LYS H 158 -69.21 -15.81 37.99
C LYS H 158 -68.45 -17.06 38.46
N ASP H 159 -67.25 -16.83 39.02
CA ASP H 159 -66.37 -17.86 39.62
C ASP H 159 -65.93 -18.92 38.60
N TYR H 160 -65.07 -18.57 37.64
CA TYR H 160 -64.59 -19.62 36.75
C TYR H 160 -63.10 -19.40 36.53
N PHE H 161 -62.38 -20.47 36.24
CA PHE H 161 -60.98 -20.29 35.92
C PHE H 161 -60.55 -21.48 35.07
N PRO H 162 -59.77 -21.30 34.01
CA PRO H 162 -59.23 -20.10 33.38
C PRO H 162 -60.08 -19.63 32.23
N GLU H 163 -59.68 -18.52 31.62
CA GLU H 163 -60.31 -18.06 30.40
C GLU H 163 -60.03 -19.03 29.26
N PRO H 164 -60.97 -19.17 28.30
CA PRO H 164 -62.14 -18.29 28.17
C PRO H 164 -63.50 -18.95 28.16
N VAL H 165 -64.55 -18.13 28.30
CA VAL H 165 -65.94 -18.54 28.08
C VAL H 165 -66.50 -17.79 26.88
N THR H 166 -67.41 -18.44 26.16
CA THR H 166 -68.11 -17.83 25.04
C THR H 166 -69.61 -17.78 25.33
N VAL H 167 -70.23 -16.64 25.07
CA VAL H 167 -71.65 -16.43 25.36
C VAL H 167 -72.39 -16.07 24.08
N SER H 168 -73.53 -16.74 23.84
CA SER H 168 -74.41 -16.44 22.72
C SER H 168 -75.83 -16.23 23.27
N TRP H 169 -76.69 -15.65 22.44
CA TRP H 169 -78.08 -15.41 22.84
C TRP H 169 -79.05 -16.03 21.85
N ASN H 170 -80.07 -16.70 22.40
CA ASN H 170 -81.04 -17.50 21.65
C ASN H 170 -80.36 -18.36 20.61
N SER H 171 -79.30 -19.06 21.04
CA SER H 171 -78.56 -20.00 20.20
C SER H 171 -78.15 -19.36 18.87
N GLY H 172 -77.73 -18.09 18.92
CA GLY H 172 -77.29 -17.36 17.76
C GLY H 172 -78.37 -16.49 17.13
N ALA H 173 -79.63 -16.70 17.48
CA ALA H 173 -80.72 -16.00 16.80
C ALA H 173 -80.77 -14.53 17.18
N LEU H 174 -80.37 -14.19 18.41
CA LEU H 174 -80.38 -12.82 18.87
C LEU H 174 -78.96 -12.25 18.80
N THR H 175 -78.78 -11.30 17.92
CA THR H 175 -77.46 -10.74 17.68
C THR H 175 -77.39 -9.24 17.87
N SER H 176 -78.50 -8.52 17.63
CA SER H 176 -78.48 -7.08 17.61
C SER H 176 -78.76 -6.53 19.00
N GLY H 177 -77.83 -5.75 19.54
CA GLY H 177 -77.99 -5.19 20.85
C GLY H 177 -77.30 -5.93 21.98
N VAL H 178 -76.50 -6.96 21.66
CA VAL H 178 -75.83 -7.72 22.70
C VAL H 178 -74.49 -7.07 23.04
N HIS H 179 -74.13 -7.11 24.31
CA HIS H 179 -72.89 -6.55 24.83
C HIS H 179 -72.36 -7.57 25.83
N THR H 180 -71.34 -8.34 25.45
CA THR H 180 -70.66 -9.25 26.34
C THR H 180 -69.38 -8.61 26.86
N PHE H 181 -69.32 -8.38 28.16
CA PHE H 181 -68.25 -7.60 28.76
C PHE H 181 -66.98 -8.43 28.90
N PRO H 182 -65.81 -7.78 28.94
CA PRO H 182 -64.57 -8.48 29.28
C PRO H 182 -64.59 -9.01 30.70
N ALA H 183 -63.88 -10.12 30.95
CA ALA H 183 -63.88 -10.65 32.30
C ALA H 183 -63.08 -9.76 33.25
N VAL H 184 -63.32 -9.91 34.55
CA VAL H 184 -62.51 -9.30 35.59
C VAL H 184 -62.03 -10.38 36.55
N LEU H 185 -60.82 -10.22 37.05
CA LEU H 185 -60.25 -11.13 38.03
C LEU H 185 -60.62 -10.71 39.46
N GLN H 186 -61.45 -11.50 40.14
CA GLN H 186 -61.83 -11.18 41.50
C GLN H 186 -60.69 -11.54 42.46
N SER H 187 -60.81 -11.03 43.69
CA SER H 187 -59.82 -11.33 44.74
C SER H 187 -59.65 -12.83 44.96
N SER H 188 -60.74 -13.59 44.88
CA SER H 188 -60.70 -15.05 44.99
C SER H 188 -59.75 -15.70 43.98
N GLY H 189 -59.32 -14.97 42.95
CA GLY H 189 -58.48 -15.55 41.94
C GLY H 189 -59.21 -16.24 40.81
N LEU H 190 -60.54 -16.18 40.80
CA LEU H 190 -61.34 -16.68 39.71
C LEU H 190 -61.92 -15.51 38.92
N TYR H 191 -62.44 -15.82 37.73
CA TYR H 191 -62.89 -14.80 36.80
C TYR H 191 -64.41 -14.68 36.85
N SER H 192 -64.90 -13.54 36.41
CA SER H 192 -66.33 -13.32 36.36
C SER H 192 -66.65 -12.28 35.28
N LEU H 193 -67.78 -12.45 34.59
CA LEU H 193 -68.19 -11.47 33.59
C LEU H 193 -69.71 -11.38 33.58
N SER H 194 -70.22 -10.44 32.78
CA SER H 194 -71.65 -10.33 32.55
C SER H 194 -71.87 -10.16 31.06
N SER H 195 -73.02 -10.63 30.58
CA SER H 195 -73.46 -10.39 29.21
C SER H 195 -74.88 -9.87 29.23
N VAL H 196 -75.13 -8.78 28.52
CA VAL H 196 -76.41 -8.07 28.64
C VAL H 196 -76.94 -7.69 27.26
N VAL H 197 -78.26 -7.79 27.11
CA VAL H 197 -78.96 -7.40 25.88
C VAL H 197 -80.03 -6.40 26.24
N THR H 198 -80.24 -5.45 25.33
CA THR H 198 -81.36 -4.53 25.39
C THR H 198 -82.39 -4.92 24.33
N VAL H 199 -83.64 -5.06 24.77
CA VAL H 199 -84.74 -5.50 23.91
C VAL H 199 -85.88 -4.50 24.05
N PRO H 200 -86.83 -4.52 23.10
CA PRO H 200 -88.04 -3.71 23.28
C PRO H 200 -88.88 -4.27 24.43
N SER H 201 -89.35 -3.37 25.30
CA SER H 201 -90.12 -3.80 26.46
C SER H 201 -91.39 -4.55 26.08
N SER H 202 -92.02 -4.17 24.95
CA SER H 202 -93.22 -4.84 24.46
C SER H 202 -93.03 -6.34 24.22
N SER H 203 -91.78 -6.80 24.09
CA SER H 203 -91.46 -8.17 23.70
C SER H 203 -91.19 -9.12 24.86
N LEU H 204 -91.11 -8.63 26.10
CA LEU H 204 -90.72 -9.52 27.20
C LEU H 204 -91.73 -10.66 27.42
N GLY H 205 -93.02 -10.34 27.50
CA GLY H 205 -94.03 -11.36 27.69
C GLY H 205 -94.28 -12.35 26.55
N THR H 206 -93.59 -12.22 25.42
CA THR H 206 -93.79 -13.13 24.28
C THR H 206 -92.56 -13.90 23.85
N GLN H 207 -91.39 -13.26 23.81
CA GLN H 207 -90.17 -13.88 23.32
C GLN H 207 -89.37 -14.36 24.53
N THR H 208 -89.01 -15.64 24.52
CA THR H 208 -88.12 -16.17 25.55
C THR H 208 -86.67 -15.88 25.19
N TYR H 209 -85.87 -15.56 26.23
CA TYR H 209 -84.47 -15.18 26.06
C TYR H 209 -83.58 -16.08 26.90
N ILE H 210 -82.82 -16.94 26.23
CA ILE H 210 -81.87 -17.85 26.87
C ILE H 210 -80.46 -17.39 26.49
N CYS H 211 -79.53 -17.43 27.45
CA CYS H 211 -78.12 -17.20 27.17
C CYS H 211 -77.41 -18.55 27.24
N ASN H 212 -76.52 -18.77 26.28
CA ASN H 212 -75.78 -20.01 26.09
C ASN H 212 -74.32 -19.75 26.42
N VAL H 213 -73.87 -20.28 27.55
CA VAL H 213 -72.51 -20.15 28.04
C VAL H 213 -71.74 -21.43 27.77
N ASP H 214 -70.49 -21.27 27.32
CA ASP H 214 -69.59 -22.37 27.07
C ASP H 214 -68.27 -22.06 27.76
N HIS H 215 -67.73 -23.07 28.44
CA HIS H 215 -66.43 -22.99 29.12
C HIS H 215 -65.74 -24.32 28.83
N LYS H 216 -65.05 -24.37 27.70
CA LYS H 216 -64.41 -25.60 27.28
C LYS H 216 -63.30 -26.08 28.22
N PRO H 217 -62.51 -25.22 28.89
CA PRO H 217 -61.51 -25.73 29.84
C PRO H 217 -62.05 -26.61 30.95
N SER H 218 -63.31 -26.50 31.32
CA SER H 218 -63.87 -27.44 32.30
C SER H 218 -65.02 -28.25 31.73
N ASN H 219 -65.19 -28.23 30.41
CA ASN H 219 -66.32 -28.85 29.71
C ASN H 219 -67.67 -28.52 30.36
N THR H 220 -67.88 -27.24 30.68
CA THR H 220 -69.16 -26.77 31.17
C THR H 220 -69.93 -26.12 30.02
N LYS H 221 -71.14 -26.60 29.77
CA LYS H 221 -72.07 -25.89 28.90
C LYS H 221 -73.35 -25.67 29.66
N VAL H 222 -73.84 -24.44 29.67
CA VAL H 222 -75.04 -24.08 30.43
C VAL H 222 -75.91 -23.14 29.60
N ASP H 223 -77.22 -23.43 29.55
CA ASP H 223 -78.22 -22.60 28.88
C ASP H 223 -79.21 -22.12 29.93
N LYS H 224 -79.16 -20.82 30.23
CA LYS H 224 -80.00 -20.21 31.26
C LYS H 224 -80.98 -19.23 30.66
N LYS H 225 -82.25 -19.44 30.94
CA LYS H 225 -83.29 -18.57 30.45
C LYS H 225 -83.53 -17.48 31.48
N VAL H 226 -83.74 -16.27 30.99
CA VAL H 226 -83.85 -15.07 31.80
C VAL H 226 -85.29 -14.59 31.66
N GLU H 227 -86.06 -14.75 32.75
CA GLU H 227 -87.46 -14.39 32.71
C GLU H 227 -87.67 -13.12 33.52
N PRO H 228 -88.62 -12.28 33.13
CA PRO H 228 -88.85 -11.05 33.88
C PRO H 228 -89.30 -11.36 35.30
N LYS H 229 -88.88 -10.52 36.23
CA LYS H 229 -89.09 -10.84 37.64
C LYS H 229 -90.57 -10.69 37.99
N SER H 230 -90.97 -11.32 39.09
CA SER H 230 -92.38 -11.42 39.44
C SER H 230 -92.67 -10.96 40.88
N TRP I 18 -20.38 -16.26 31.84
CA TRP I 18 -19.65 -15.08 31.33
C TRP I 18 -19.59 -15.13 29.80
N ALA I 19 -20.10 -16.21 29.21
CA ALA I 19 -20.06 -16.30 27.73
C ALA I 19 -21.37 -15.75 27.15
N SER I 20 -21.28 -14.57 26.54
CA SER I 20 -22.44 -13.91 25.89
C SER I 20 -22.05 -13.62 24.45
N LEU I 21 -22.89 -13.99 23.49
CA LEU I 21 -22.49 -13.76 22.08
C LEU I 21 -23.42 -12.78 21.39
N TRP I 22 -23.00 -12.37 20.20
CA TRP I 22 -23.70 -11.44 19.31
C TRP I 22 -24.05 -12.11 17.98
N ASN I 23 -25.23 -11.77 17.47
CA ASN I 23 -26.05 -12.63 16.63
C ASN I 23 -25.64 -12.52 15.18
N TRP I 24 -26.02 -13.54 14.40
CA TRP I 24 -26.17 -13.35 12.96
C TRP I 24 -26.95 -12.07 12.64
N PHE I 25 -27.92 -11.75 13.50
CA PHE I 25 -28.75 -10.57 13.28
C PHE I 25 -27.93 -9.29 13.44
N ASN I 26 -27.08 -9.23 14.47
CA ASN I 26 -26.19 -8.07 14.62
C ASN I 26 -25.18 -8.00 13.49
N ILE I 27 -24.73 -9.16 13.01
CA ILE I 27 -23.73 -9.23 11.95
C ILE I 27 -24.25 -8.66 10.64
N THR I 28 -25.53 -8.88 10.33
CA THR I 28 -26.07 -8.39 9.06
C THR I 28 -25.97 -6.87 8.91
N ASN I 29 -25.92 -6.11 10.02
CA ASN I 29 -25.78 -4.66 9.90
C ASN I 29 -24.45 -4.30 9.25
N TRP I 30 -23.37 -4.99 9.63
CA TRP I 30 -22.09 -4.76 8.99
C TRP I 30 -22.05 -5.40 7.61
N LEU I 31 -22.69 -6.56 7.46
CA LEU I 31 -22.72 -7.22 6.15
C LEU I 31 -23.40 -6.37 5.10
N TRP I 32 -24.28 -5.46 5.49
CA TRP I 32 -24.88 -4.58 4.49
C TRP I 32 -23.84 -3.65 3.89
N TYR I 33 -23.03 -3.01 4.73
CA TYR I 33 -21.97 -2.14 4.22
C TYR I 33 -20.92 -2.95 3.47
N ILE I 34 -20.64 -4.16 3.93
CA ILE I 34 -19.72 -5.03 3.20
C ILE I 34 -20.25 -5.33 1.81
N LYS I 35 -21.55 -5.63 1.70
CA LYS I 35 -22.18 -5.84 0.40
C LYS I 35 -22.07 -4.60 -0.48
N LEU I 36 -22.29 -3.42 0.11
CA LEU I 36 -22.13 -2.18 -0.66
C LEU I 36 -20.72 -2.07 -1.23
N PHE I 37 -19.71 -2.23 -0.37
CA PHE I 37 -18.33 -2.19 -0.81
C PHE I 37 -18.07 -3.23 -1.90
N ILE I 38 -18.65 -4.42 -1.74
CA ILE I 38 -18.43 -5.49 -2.72
C ILE I 38 -19.02 -5.11 -4.07
N MET I 39 -20.18 -4.48 -4.08
CA MET I 39 -20.81 -4.17 -5.36
C MET I 39 -20.17 -2.98 -6.05
N ILE I 40 -19.67 -1.98 -5.30
CA ILE I 40 -19.04 -0.86 -6.00
C ILE I 40 -17.75 -1.33 -6.67
N VAL I 41 -17.11 -2.37 -6.11
CA VAL I 41 -15.86 -2.88 -6.66
C VAL I 41 -16.12 -3.72 -7.90
N GLY I 42 -17.08 -4.64 -7.82
CA GLY I 42 -17.39 -5.48 -8.98
C GLY I 42 -17.70 -4.68 -10.22
N GLY I 43 -18.37 -3.53 -10.04
CA GLY I 43 -18.69 -2.68 -11.17
C GLY I 43 -17.51 -1.94 -11.74
N LEU I 44 -16.56 -1.55 -10.88
CA LEU I 44 -15.42 -0.78 -11.36
C LEU I 44 -14.19 -1.63 -11.67
N VAL I 45 -14.08 -2.83 -11.09
CA VAL I 45 -12.92 -3.68 -11.36
C VAL I 45 -13.42 -5.04 -11.82
N GLY I 46 -13.33 -6.04 -10.96
CA GLY I 46 -13.83 -7.37 -11.29
C GLY I 46 -12.78 -8.36 -11.73
N LEU I 47 -11.91 -7.94 -12.66
CA LEU I 47 -10.87 -8.81 -13.21
C LEU I 47 -9.51 -8.58 -12.54
N ARG I 48 -9.09 -7.32 -12.41
CA ARG I 48 -7.83 -7.00 -11.78
C ARG I 48 -7.78 -7.50 -10.35
N ILE I 49 -8.94 -7.67 -9.72
CA ILE I 49 -9.00 -8.00 -8.30
C ILE I 49 -8.49 -9.42 -8.04
N VAL I 50 -8.88 -10.39 -8.87
CA VAL I 50 -8.55 -11.77 -8.55
C VAL I 50 -7.06 -12.02 -8.69
N PHE I 51 -6.35 -11.14 -9.41
CA PHE I 51 -4.89 -11.03 -9.33
C PHE I 51 -4.43 -10.07 -8.25
N ALA I 52 -5.23 -9.05 -7.91
CA ALA I 52 -4.91 -8.18 -6.78
C ALA I 52 -4.99 -8.90 -5.44
N VAL I 53 -5.57 -10.09 -5.39
CA VAL I 53 -5.52 -10.93 -4.20
C VAL I 53 -4.37 -11.92 -4.28
N LEU I 54 -4.09 -12.47 -5.46
CA LEU I 54 -2.92 -13.33 -5.58
C LEU I 54 -1.67 -12.54 -5.24
N SER I 55 -1.69 -11.22 -5.48
CA SER I 55 -0.60 -10.38 -4.98
C SER I 55 -0.46 -10.48 -3.46
N VAL I 56 -1.55 -10.64 -2.71
CA VAL I 56 -1.43 -10.51 -1.26
C VAL I 56 -0.97 -11.81 -0.62
N VAL I 57 -1.48 -12.95 -1.10
CA VAL I 57 -0.86 -14.22 -0.72
C VAL I 57 0.62 -14.19 -1.08
N ASN I 58 0.97 -13.59 -2.22
CA ASN I 58 2.39 -13.39 -2.49
C ASN I 58 2.99 -12.39 -1.51
N ARG I 59 2.19 -11.44 -1.00
CA ARG I 59 2.72 -10.52 -0.01
C ARG I 59 2.98 -11.24 1.31
N VAL I 60 2.23 -12.30 1.57
CA VAL I 60 2.35 -13.01 2.85
C VAL I 60 3.75 -13.58 2.99
N ARG I 61 4.26 -14.21 1.93
CA ARG I 61 5.66 -14.68 1.90
C ARG I 61 6.70 -13.65 2.24
N ASP J 1 4.46 -24.25 19.55
CA ASP J 1 5.19 -23.04 19.90
C ASP J 1 6.36 -22.83 18.95
N ILE J 2 6.58 -21.59 18.54
CA ILE J 2 7.66 -21.31 17.59
C ILE J 2 8.99 -21.42 18.32
N GLN J 3 9.86 -22.31 17.86
CA GLN J 3 11.18 -22.43 18.46
C GLN J 3 12.10 -21.35 17.88
N MET J 4 12.91 -20.74 18.76
CA MET J 4 13.82 -19.65 18.45
C MET J 4 15.23 -20.06 18.80
N THR J 5 16.18 -19.82 17.89
CA THR J 5 17.57 -20.09 18.21
C THR J 5 18.47 -19.00 17.63
N GLN J 6 19.32 -18.43 18.47
CA GLN J 6 20.26 -17.42 18.06
C GLN J 6 21.64 -18.04 17.82
N SER J 7 22.41 -17.41 16.94
CA SER J 7 23.79 -17.78 16.71
C SER J 7 24.62 -16.51 16.54
N PRO J 8 25.82 -16.46 17.11
CA PRO J 8 26.36 -17.51 17.98
C PRO J 8 25.78 -17.35 19.36
N SER J 9 25.92 -18.36 20.23
CA SER J 9 25.37 -18.24 21.58
C SER J 9 26.10 -17.15 22.35
N SER J 10 27.42 -17.14 22.28
CA SER J 10 28.22 -16.09 22.90
C SER J 10 29.26 -15.61 21.88
N LEU J 11 29.62 -14.33 21.98
CA LEU J 11 30.69 -13.81 21.14
C LEU J 11 31.37 -12.66 21.87
N SER J 12 32.53 -12.26 21.37
CA SER J 12 33.21 -11.08 21.86
C SER J 12 33.74 -10.25 20.71
N ALA J 13 33.83 -8.94 20.93
CA ALA J 13 34.20 -8.00 19.89
C ALA J 13 35.02 -6.88 20.53
N SER J 14 35.94 -6.32 19.75
CA SER J 14 36.68 -5.14 20.16
C SER J 14 35.86 -3.90 19.82
N VAL J 15 36.02 -2.86 20.65
CA VAL J 15 35.31 -1.62 20.43
C VAL J 15 35.58 -1.11 19.02
N GLY J 16 34.50 -0.80 18.30
CA GLY J 16 34.54 -0.39 16.91
C GLY J 16 34.04 -1.44 15.92
N ASP J 17 34.18 -2.72 16.27
CA ASP J 17 33.79 -3.79 15.35
C ASP J 17 32.32 -3.72 15.00
N LYS J 18 32.00 -4.24 13.81
CA LYS J 18 30.63 -4.53 13.41
C LYS J 18 30.31 -5.93 13.94
N VAL J 19 29.09 -6.10 14.46
CA VAL J 19 28.68 -7.36 15.08
C VAL J 19 27.32 -7.74 14.53
N THR J 20 27.21 -8.96 14.00
CA THR J 20 25.93 -9.48 13.56
C THR J 20 25.54 -10.71 14.37
N ILE J 21 24.27 -10.74 14.76
CA ILE J 21 23.67 -11.79 15.56
C ILE J 21 22.52 -12.34 14.75
N THR J 22 22.48 -13.66 14.56
CA THR J 22 21.50 -14.26 13.68
C THR J 22 20.45 -14.96 14.53
N CYS J 23 19.19 -14.85 14.12
CA CYS J 23 18.07 -15.43 14.86
C CYS J 23 17.26 -16.22 13.85
N ARG J 24 17.21 -17.54 14.03
CA ARG J 24 16.48 -18.39 13.10
C ARG J 24 15.29 -19.02 13.82
N ALA J 25 14.21 -19.17 13.05
CA ALA J 25 12.92 -19.62 13.55
C ALA J 25 12.50 -20.93 12.90
N SER J 26 11.68 -21.68 13.64
CA SER J 26 11.19 -22.97 13.18
C SER J 26 10.09 -22.85 12.13
N GLN J 27 9.30 -21.78 12.16
CA GLN J 27 8.37 -21.45 11.08
C GLN J 27 8.80 -20.14 10.45
N SER J 28 8.04 -19.71 9.46
CA SER J 28 8.19 -18.34 8.99
C SER J 28 7.44 -17.46 9.97
N VAL J 29 8.05 -16.33 10.33
CA VAL J 29 7.51 -15.40 11.30
C VAL J 29 7.06 -14.11 10.64
N THR J 30 7.09 -14.08 9.31
CA THR J 30 6.71 -12.96 8.46
C THR J 30 6.99 -11.64 9.15
N LYS J 31 8.26 -11.39 9.43
CA LYS J 31 8.82 -10.12 9.87
C LYS J 31 8.30 -9.60 11.21
N TYR J 32 7.51 -10.39 11.95
CA TYR J 32 7.08 -9.97 13.28
C TYR J 32 8.13 -10.39 14.31
N LEU J 33 9.24 -9.67 14.31
CA LEU J 33 10.42 -10.09 15.04
C LEU J 33 10.96 -8.89 15.81
N ASN J 34 11.12 -9.04 17.13
CA ASN J 34 11.55 -7.94 17.98
C ASN J 34 12.91 -8.30 18.60
N TRP J 35 13.69 -7.26 18.92
CA TRP J 35 15.00 -7.39 19.56
C TRP J 35 15.06 -6.57 20.83
N TYR J 36 15.59 -7.17 21.90
CA TYR J 36 15.70 -6.56 23.23
C TYR J 36 17.12 -6.69 23.75
N GLN J 37 17.49 -5.71 24.58
CA GLN J 37 18.79 -5.62 25.24
C GLN J 37 18.65 -5.81 26.74
N PHE J 38 19.49 -6.69 27.29
CA PHE J 38 19.50 -7.03 28.71
C PHE J 38 20.88 -6.69 29.26
N LYS J 39 20.91 -5.80 30.26
CA LYS J 39 22.11 -5.53 31.03
C LYS J 39 21.79 -5.86 32.47
N THR J 40 22.81 -6.35 33.18
CA THR J 40 22.54 -6.96 34.48
C THR J 40 22.00 -5.96 35.50
N GLY J 41 22.49 -4.72 35.47
CA GLY J 41 21.98 -3.75 36.43
C GLY J 41 20.56 -3.30 36.17
N GLN J 42 20.22 -3.08 34.91
CA GLN J 42 19.03 -2.31 34.57
C GLN J 42 17.91 -3.20 34.06
N ALA J 43 16.77 -2.56 33.89
CA ALA J 43 15.59 -3.21 33.33
C ALA J 43 15.84 -3.54 31.86
N PRO J 44 15.35 -4.69 31.39
CA PRO J 44 15.39 -4.98 29.96
C PRO J 44 14.85 -3.80 29.17
N ARG J 45 15.32 -3.70 27.93
CA ARG J 45 15.09 -2.52 27.11
C ARG J 45 14.89 -2.99 25.69
N ILE J 46 13.75 -2.63 25.11
CA ILE J 46 13.49 -2.99 23.73
C ILE J 46 14.33 -2.08 22.84
N LEU J 47 14.77 -2.61 21.70
CA LEU J 47 15.40 -1.75 20.72
C LEU J 47 14.76 -1.84 19.35
N ILE J 48 14.31 -3.01 18.91
CA ILE J 48 13.65 -3.08 17.62
C ILE J 48 12.35 -3.88 17.68
N TYR J 49 11.37 -3.47 16.87
CA TYR J 49 10.13 -4.20 16.71
C TYR J 49 9.86 -4.35 15.22
N GLY J 50 9.23 -5.46 14.86
CA GLY J 50 8.87 -5.73 13.49
C GLY J 50 10.05 -5.72 12.55
N THR J 51 11.08 -6.50 12.92
CA THR J 51 12.30 -6.74 12.16
C THR J 51 13.22 -5.52 12.04
N TYR J 52 12.75 -4.44 11.40
CA TYR J 52 13.64 -3.32 11.09
C TYR J 52 13.41 -2.05 11.91
N THR J 53 12.26 -1.85 12.54
CA THR J 53 11.88 -0.51 12.99
C THR J 53 12.60 -0.19 14.32
N LEU J 54 13.39 0.87 14.32
CA LEU J 54 14.05 1.33 15.54
C LEU J 54 13.13 2.18 16.40
N LEU J 55 13.24 2.00 17.71
CA LEU J 55 12.50 2.82 18.66
C LEU J 55 13.31 4.02 19.12
N SER J 56 12.58 5.06 19.56
CA SER J 56 13.19 6.31 19.99
C SER J 56 14.22 6.08 21.09
N GLY J 57 15.30 6.85 21.05
CA GLY J 57 16.36 6.74 22.05
C GLY J 57 17.32 5.59 21.85
N VAL J 58 17.02 4.68 20.92
CA VAL J 58 17.98 3.65 20.53
C VAL J 58 18.96 4.23 19.52
N SER J 59 20.25 3.97 19.74
CA SER J 59 21.27 4.50 18.85
C SER J 59 21.15 3.83 17.47
N PRO J 60 21.42 4.57 16.40
CA PRO J 60 21.34 3.99 15.04
C PRO J 60 22.47 3.04 14.69
N ARG J 61 23.45 2.83 15.58
CA ARG J 61 24.35 1.70 15.44
C ARG J 61 23.60 0.39 15.29
N PHE J 62 22.51 0.24 16.01
CA PHE J 62 21.64 -0.93 15.88
C PHE J 62 20.81 -0.88 14.61
N SER J 63 20.72 -2.03 13.93
CA SER J 63 19.89 -2.15 12.75
C SER J 63 19.48 -3.60 12.57
N GLY J 64 18.24 -3.80 12.16
CA GLY J 64 17.65 -5.13 12.06
C GLY J 64 17.37 -5.48 10.62
N ALA J 65 17.34 -6.77 10.33
CA ALA J 65 17.15 -7.20 8.95
C ALA J 65 16.64 -8.63 8.94
N GLY J 66 16.04 -9.02 7.83
CA GLY J 66 15.62 -10.40 7.71
C GLY J 66 14.28 -10.60 7.03
N SER J 67 13.87 -11.86 6.92
CA SER J 67 12.58 -12.22 6.35
C SER J 67 12.40 -13.71 6.55
N GLY J 68 11.18 -14.17 6.31
CA GLY J 68 10.94 -15.61 6.34
C GLY J 68 11.28 -16.16 7.71
N SER J 69 12.19 -17.13 7.75
CA SER J 69 12.60 -17.73 9.00
C SER J 69 13.96 -17.24 9.52
N LEU J 70 14.53 -16.20 8.91
CA LEU J 70 15.93 -15.85 9.16
C LEU J 70 16.08 -14.35 9.35
N TYR J 71 16.54 -13.93 10.54
CA TYR J 71 16.71 -12.52 10.86
C TYR J 71 18.11 -12.27 11.45
N THR J 72 18.48 -11.00 11.54
CA THR J 72 19.84 -10.63 11.93
C THR J 72 19.86 -9.20 12.48
N LEU J 73 20.36 -9.07 13.72
CA LEU J 73 20.65 -7.79 14.35
C LEU J 73 22.10 -7.43 14.12
N THR J 74 22.37 -6.14 13.87
CA THR J 74 23.71 -5.68 13.54
C THR J 74 24.04 -4.39 14.29
N ILE J 75 25.16 -4.41 15.00
CA ILE J 75 25.68 -3.26 15.71
C ILE J 75 26.85 -2.71 14.89
N THR J 76 26.76 -1.44 14.49
CA THR J 76 27.64 -0.88 13.47
C THR J 76 29.01 -0.52 14.07
N ASN J 77 29.03 0.18 15.21
CA ASN J 77 30.26 0.85 15.67
C ASN J 77 30.41 0.64 17.17
N ILE J 78 30.30 -0.63 17.56
CA ILE J 78 30.04 -1.09 18.91
C ILE J 78 30.83 -0.26 19.92
N GLN J 79 30.11 0.22 20.94
CA GLN J 79 30.64 1.12 21.95
C GLN J 79 30.56 0.45 23.31
N PRO J 80 31.25 0.98 24.33
CA PRO J 80 31.22 0.35 25.66
C PRO J 80 29.80 0.09 26.15
N GLU J 81 28.88 1.01 25.87
CA GLU J 81 27.51 0.92 26.36
C GLU J 81 26.68 -0.13 25.62
N ASP J 82 27.22 -0.73 24.57
CA ASP J 82 26.51 -1.76 23.83
C ASP J 82 26.76 -3.18 24.33
N PHE J 83 27.80 -3.41 25.14
CA PHE J 83 28.09 -4.77 25.61
C PHE J 83 27.04 -5.25 26.60
N ALA J 84 26.41 -6.38 26.27
CA ALA J 84 25.17 -6.76 26.94
C ALA J 84 24.73 -8.12 26.42
N THR J 85 23.58 -8.63 26.82
CA THR J 85 23.08 -9.83 26.17
C THR J 85 21.77 -9.52 25.47
N TYR J 86 21.61 -10.04 24.26
CA TYR J 86 20.54 -9.67 23.36
C TYR J 86 19.60 -10.84 23.13
N TYR J 87 18.28 -10.55 23.10
CA TYR J 87 17.27 -11.57 22.87
C TYR J 87 16.37 -11.18 21.71
N CYS J 88 16.01 -12.18 20.90
CA CYS J 88 15.00 -12.02 19.85
C CYS J 88 13.70 -12.69 20.27
N GLN J 89 12.58 -12.14 19.78
CA GLN J 89 11.23 -12.60 20.10
C GLN J 89 10.34 -12.55 18.87
N GLN J 90 9.49 -13.57 18.71
CA GLN J 90 8.49 -13.63 17.64
C GLN J 90 7.10 -13.21 18.07
N ALA J 91 6.42 -12.43 17.22
CA ALA J 91 5.05 -12.00 17.46
C ALA J 91 4.06 -12.63 16.48
N HIS J 92 4.48 -13.59 15.66
CA HIS J 92 3.60 -14.23 14.69
C HIS J 92 2.55 -15.16 15.30
N SER J 93 2.94 -16.03 16.22
CA SER J 93 2.01 -17.04 16.76
C SER J 93 1.33 -16.69 18.10
N THR J 94 0.41 -17.58 18.49
CA THR J 94 -0.37 -17.40 19.72
C THR J 94 0.48 -17.38 20.99
N PRO J 95 1.45 -18.28 21.22
CA PRO J 95 2.24 -18.15 22.45
C PRO J 95 3.58 -17.61 22.03
N TRP J 96 3.88 -16.38 22.44
CA TRP J 96 5.12 -15.76 22.03
C TRP J 96 6.32 -16.41 22.70
N THR J 97 7.39 -16.58 21.94
CA THR J 97 8.59 -17.23 22.43
C THR J 97 9.83 -16.41 22.10
N PHE J 98 10.81 -16.48 22.99
CA PHE J 98 12.08 -15.79 22.87
C PHE J 98 13.17 -16.76 22.45
N GLY J 99 14.28 -16.19 21.97
CA GLY J 99 15.49 -16.97 21.81
C GLY J 99 16.14 -17.21 23.15
N GLN J 100 17.29 -17.86 23.11
CA GLN J 100 17.99 -18.24 24.33
C GLN J 100 18.96 -17.16 24.78
N GLY J 101 19.31 -16.26 23.88
CA GLY J 101 20.09 -15.08 24.22
C GLY J 101 21.49 -15.21 23.64
N THR J 102 22.01 -14.08 23.16
CA THR J 102 23.37 -13.98 22.66
C THR J 102 24.11 -12.96 23.50
N HIS J 103 25.17 -13.39 24.17
CA HIS J 103 25.91 -12.54 25.07
C HIS J 103 27.08 -11.90 24.34
N VAL J 104 27.16 -10.59 24.35
CA VAL J 104 28.18 -9.83 23.65
C VAL J 104 29.07 -9.20 24.72
N ALA J 105 30.31 -9.65 24.72
CA ALA J 105 31.44 -9.40 25.61
C ALA J 105 32.58 -8.70 24.88
N ALA J 106 33.53 -8.23 25.67
CA ALA J 106 34.65 -7.41 25.25
C ALA J 106 35.84 -8.30 24.96
N ASN J 107 36.57 -7.94 23.91
CA ASN J 107 37.90 -8.48 23.60
C ASN J 107 39.05 -7.64 24.13
N ARG J 108 40.12 -8.32 24.57
CA ARG J 108 41.31 -7.72 25.15
C ARG J 108 42.37 -8.80 25.04
N THR J 109 43.61 -8.44 25.36
CA THR J 109 44.70 -9.38 25.22
C THR J 109 44.61 -10.46 26.27
N VAL J 110 45.09 -11.66 25.93
CA VAL J 110 45.00 -12.81 26.84
C VAL J 110 45.71 -12.43 28.12
N ALA J 111 45.10 -12.81 29.24
CA ALA J 111 45.66 -12.55 30.55
C ALA J 111 45.46 -13.74 31.46
N ALA J 112 46.57 -14.28 31.96
CA ALA J 112 46.52 -15.45 32.81
C ALA J 112 46.00 -15.06 34.19
N PRO J 113 45.40 -16.00 34.91
CA PRO J 113 44.85 -15.67 36.23
C PRO J 113 45.91 -15.70 37.31
N SER J 114 45.73 -14.84 38.31
CA SER J 114 46.50 -14.96 39.52
C SER J 114 45.75 -15.89 40.45
N VAL J 115 46.41 -16.92 40.96
CA VAL J 115 45.72 -17.94 41.74
C VAL J 115 46.11 -17.78 43.19
N PHE J 116 45.11 -17.85 44.06
CA PHE J 116 45.28 -17.76 45.49
C PHE J 116 44.49 -18.92 46.11
N ILE J 117 44.90 -19.37 47.30
CA ILE J 117 44.14 -20.38 48.03
C ILE J 117 43.98 -19.93 49.48
N PHE J 118 42.80 -20.16 50.03
CA PHE J 118 42.45 -19.75 51.38
C PHE J 118 42.07 -21.00 52.17
N PRO J 119 42.74 -21.30 53.28
CA PRO J 119 42.33 -22.41 54.14
C PRO J 119 41.12 -21.97 54.96
N PRO J 120 40.45 -22.90 55.65
CA PRO J 120 39.26 -22.48 56.40
C PRO J 120 39.60 -21.77 57.70
N SER J 121 38.74 -20.82 58.03
CA SER J 121 38.90 -20.04 59.24
C SER J 121 38.75 -20.95 60.46
N ASP J 122 39.61 -20.73 61.46
CA ASP J 122 39.49 -21.44 62.74
C ASP J 122 38.06 -21.35 63.28
N GLU J 123 37.50 -20.14 63.34
CA GLU J 123 36.13 -19.96 63.81
C GLU J 123 35.16 -20.92 63.11
N GLN J 124 35.29 -21.06 61.80
CA GLN J 124 34.37 -21.94 61.09
C GLN J 124 34.66 -23.41 61.39
N LEU J 125 35.91 -23.78 61.63
CA LEU J 125 36.17 -25.15 62.08
C LEU J 125 35.53 -25.41 63.44
N LYS J 126 35.50 -24.38 64.29
CA LYS J 126 34.77 -24.49 65.54
C LYS J 126 33.30 -24.77 65.28
N SER J 127 32.72 -24.10 64.27
CA SER J 127 31.29 -24.31 63.98
C SER J 127 31.00 -25.74 63.53
N GLY J 128 31.98 -26.43 62.95
CA GLY J 128 31.83 -27.83 62.59
C GLY J 128 31.84 -28.18 61.11
N THR J 129 32.02 -27.23 60.21
CA THR J 129 32.27 -27.52 58.80
C THR J 129 33.50 -26.72 58.36
N ALA J 130 33.96 -26.98 57.13
CA ALA J 130 35.20 -26.37 56.63
C ALA J 130 35.05 -26.08 55.15
N SER J 131 35.27 -24.81 54.79
CA SER J 131 35.26 -24.33 53.41
C SER J 131 36.67 -23.91 53.02
N VAL J 132 37.12 -24.35 51.85
CA VAL J 132 38.43 -24.01 51.32
C VAL J 132 38.22 -23.29 50.00
N VAL J 133 38.85 -22.12 49.84
CA VAL J 133 38.56 -21.25 48.69
C VAL J 133 39.76 -21.23 47.75
N CYS J 134 39.50 -21.38 46.46
CA CYS J 134 40.47 -21.09 45.42
C CYS J 134 40.01 -19.86 44.66
N LEU J 135 40.91 -18.89 44.48
CA LEU J 135 40.62 -17.64 43.79
C LEU J 135 41.45 -17.53 42.53
N LEU J 136 40.79 -17.25 41.40
CA LEU J 136 41.43 -16.96 40.13
C LEU J 136 41.11 -15.50 39.82
N ASN J 137 42.13 -14.65 39.88
CA ASN J 137 41.92 -13.21 39.79
C ASN J 137 42.32 -12.66 38.42
N ASN J 138 41.41 -11.89 37.84
CA ASN J 138 41.63 -10.94 36.73
C ASN J 138 42.28 -11.62 35.51
N PHE J 139 41.47 -12.44 34.84
CA PHE J 139 41.92 -13.20 33.69
C PHE J 139 40.98 -13.06 32.49
N TYR J 140 41.47 -13.47 31.33
CA TYR J 140 40.76 -13.49 30.05
C TYR J 140 41.51 -14.41 29.10
N PRO J 141 40.80 -15.29 28.37
CA PRO J 141 39.33 -15.41 28.32
C PRO J 141 38.72 -16.13 29.53
N ARG J 142 37.38 -16.20 29.49
CA ARG J 142 36.57 -16.65 30.63
C ARG J 142 36.82 -18.11 30.98
N GLU J 143 37.18 -18.93 30.01
CA GLU J 143 37.25 -20.37 30.20
C GLU J 143 38.44 -20.77 31.06
N ALA J 144 38.17 -21.44 32.18
CA ALA J 144 39.24 -21.93 33.04
C ALA J 144 38.76 -23.19 33.77
N LYS J 145 39.66 -24.15 33.93
CA LYS J 145 39.37 -25.40 34.60
C LYS J 145 40.02 -25.41 35.97
N VAL J 146 39.26 -25.83 36.99
CA VAL J 146 39.71 -25.79 38.37
C VAL J 146 39.49 -27.16 38.96
N GLN J 147 40.58 -27.86 39.27
CA GLN J 147 40.57 -29.19 39.80
C GLN J 147 40.95 -29.12 41.27
N TRP J 148 40.28 -29.92 42.08
CA TRP J 148 40.58 -30.02 43.50
C TRP J 148 41.34 -31.31 43.75
N LYS J 149 42.42 -31.25 44.53
CA LYS J 149 43.15 -32.45 44.91
C LYS J 149 43.49 -32.43 46.39
N VAL J 150 43.06 -33.49 47.07
CA VAL J 150 43.24 -33.66 48.50
C VAL J 150 44.13 -34.89 48.68
N ASP J 151 45.32 -34.66 49.26
CA ASP J 151 46.34 -35.72 49.41
C ASP J 151 46.63 -36.36 48.05
N ASN J 152 46.64 -35.52 47.01
CA ASN J 152 46.92 -35.84 45.62
C ASN J 152 45.74 -36.55 44.98
N ALA J 153 44.63 -36.77 45.69
CA ALA J 153 43.47 -37.43 45.11
C ALA J 153 42.51 -36.37 44.59
N LEU J 154 42.02 -36.60 43.38
CA LEU J 154 41.21 -35.61 42.70
C LEU J 154 39.76 -35.71 43.14
N GLN J 155 39.14 -34.55 43.34
CA GLN J 155 37.81 -34.45 43.93
C GLN J 155 36.75 -34.24 42.86
N SER J 156 35.49 -34.33 43.29
CA SER J 156 34.35 -34.00 42.44
C SER J 156 33.05 -34.12 43.21
N GLY J 157 32.16 -33.17 42.97
CA GLY J 157 30.86 -33.10 43.60
C GLY J 157 30.85 -32.24 44.85
N ASN J 158 31.92 -32.30 45.65
CA ASN J 158 32.02 -31.52 46.88
C ASN J 158 32.33 -30.04 46.65
N SER J 159 32.55 -29.57 45.42
CA SER J 159 32.97 -28.20 45.18
C SER J 159 31.99 -27.44 44.29
N GLN J 160 31.90 -26.12 44.52
CA GLN J 160 31.08 -25.22 43.71
C GLN J 160 31.93 -24.07 43.18
N GLU J 161 31.61 -23.59 41.97
CA GLU J 161 32.32 -22.47 41.35
C GLU J 161 31.41 -21.27 41.15
N SER J 162 32.00 -20.08 41.10
CA SER J 162 31.28 -18.84 40.83
C SER J 162 32.17 -17.89 40.03
N VAL J 163 31.55 -17.08 39.17
CA VAL J 163 32.29 -16.23 38.23
C VAL J 163 31.67 -14.84 38.15
N THR J 164 32.49 -13.80 38.29
CA THR J 164 32.01 -12.43 38.18
C THR J 164 31.67 -12.08 36.74
N GLU J 165 30.93 -11.00 36.57
CA GLU J 165 30.76 -10.45 35.24
C GLU J 165 32.03 -9.72 34.81
N GLN J 166 32.20 -9.56 33.49
CA GLN J 166 33.40 -8.94 32.98
C GLN J 166 33.55 -7.53 33.55
N ASP J 167 34.77 -7.20 33.97
CA ASP J 167 35.01 -5.92 34.63
C ASP J 167 34.86 -4.75 33.66
N SER J 168 34.18 -3.69 34.12
CA SER J 168 33.87 -2.55 33.26
C SER J 168 35.12 -1.94 32.63
N LYS J 169 36.19 -1.80 33.42
CA LYS J 169 37.43 -1.18 32.97
C LYS J 169 38.51 -2.20 32.62
N ASP J 170 38.66 -3.23 33.47
CA ASP J 170 39.65 -4.26 33.26
C ASP J 170 39.37 -5.11 32.02
N SER J 171 38.10 -5.36 31.72
CA SER J 171 37.65 -6.30 30.69
C SER J 171 38.05 -7.75 30.99
N THR J 172 38.11 -8.13 32.27
CA THR J 172 38.49 -9.48 32.66
C THR J 172 37.52 -10.06 33.69
N TYR J 173 37.65 -11.37 33.91
CA TYR J 173 36.81 -12.15 34.81
C TYR J 173 37.60 -12.57 36.05
N SER J 174 36.88 -12.92 37.12
CA SER J 174 37.47 -13.60 38.27
C SER J 174 36.55 -14.72 38.73
N LEU J 175 37.13 -15.73 39.40
CA LEU J 175 36.41 -16.97 39.66
C LEU J 175 36.79 -17.55 41.02
N SER J 176 35.80 -17.99 41.80
CA SER J 176 36.02 -18.62 43.10
C SER J 176 35.52 -20.06 43.05
N SER J 177 36.38 -21.01 43.39
CA SER J 177 35.98 -22.40 43.60
C SER J 177 36.04 -22.73 45.09
N THR J 178 34.88 -22.92 45.72
CA THR J 178 34.80 -23.24 47.13
C THR J 178 34.55 -24.75 47.29
N LEU J 179 35.44 -25.40 48.05
CA LEU J 179 35.36 -26.82 48.36
C LEU J 179 34.88 -26.95 49.81
N THR J 180 33.73 -27.58 50.00
CA THR J 180 33.10 -27.66 51.31
C THR J 180 33.16 -29.09 51.81
N LEU J 181 33.50 -29.23 53.09
CA LEU J 181 33.83 -30.50 53.72
C LEU J 181 33.37 -30.45 55.17
N SER J 182 33.08 -31.63 55.72
CA SER J 182 32.87 -31.71 57.15
C SER J 182 34.19 -31.46 57.86
N LYS J 183 34.11 -30.96 59.10
CA LYS J 183 35.34 -30.80 59.88
C LYS J 183 36.08 -32.12 60.03
N ALA J 184 35.36 -33.21 60.22
CA ALA J 184 35.87 -34.57 60.20
C ALA J 184 36.82 -34.81 59.03
N ASP J 185 36.25 -34.78 57.82
CA ASP J 185 37.00 -35.07 56.61
C ASP J 185 38.19 -34.13 56.45
N TYR J 186 37.99 -32.84 56.71
CA TYR J 186 39.11 -31.91 56.62
C TYR J 186 40.22 -32.29 57.60
N GLU J 187 39.85 -32.80 58.78
CA GLU J 187 40.87 -33.24 59.74
C GLU J 187 41.59 -34.48 59.25
N LYS J 188 40.90 -35.34 58.51
CA LYS J 188 41.52 -36.56 57.98
C LYS J 188 42.82 -36.25 57.25
N HIS J 189 42.74 -35.40 56.23
CA HIS J 189 43.82 -35.30 55.27
C HIS J 189 44.80 -34.18 55.61
N LYS J 190 45.89 -34.13 54.83
CA LYS J 190 46.98 -33.19 55.05
C LYS J 190 47.06 -32.13 53.97
N VAL J 191 47.31 -32.51 52.72
CA VAL J 191 47.79 -31.60 51.69
C VAL J 191 46.62 -31.27 50.75
N TYR J 192 46.18 -30.01 50.79
CA TYR J 192 45.07 -29.51 49.97
C TYR J 192 45.59 -28.60 48.86
N ALA J 193 45.25 -28.92 47.62
CA ALA J 193 45.80 -28.24 46.46
C ALA J 193 44.71 -27.99 45.43
N CYS J 194 44.89 -26.89 44.72
CA CYS J 194 43.97 -26.38 43.73
C CYS J 194 44.77 -26.25 42.45
N GLU J 195 44.32 -26.95 41.42
CA GLU J 195 44.99 -27.03 40.13
C GLU J 195 44.19 -26.25 39.10
N VAL J 196 44.87 -25.44 38.30
CA VAL J 196 44.24 -24.51 37.36
C VAL J 196 44.78 -24.81 35.97
N THR J 197 43.87 -24.94 35.01
CA THR J 197 44.24 -24.96 33.61
C THR J 197 43.55 -23.80 32.92
N HIS J 198 44.30 -23.09 32.08
CA HIS J 198 43.78 -21.90 31.44
C HIS J 198 44.63 -21.59 30.21
N GLN J 199 43.99 -20.97 29.21
CA GLN J 199 44.68 -20.70 27.95
C GLN J 199 45.97 -19.92 28.18
N GLY J 200 45.91 -18.89 29.03
CA GLY J 200 47.06 -18.05 29.23
C GLY J 200 48.11 -18.64 30.14
N LEU J 201 47.90 -19.86 30.60
CA LEU J 201 48.88 -20.64 31.35
C LEU J 201 49.52 -21.67 30.42
N SER J 202 50.84 -21.84 30.54
CA SER J 202 51.52 -22.86 29.74
C SER J 202 51.37 -24.24 30.36
N SER J 203 51.71 -24.36 31.63
CA SER J 203 51.46 -25.50 32.49
C SER J 203 50.36 -25.20 33.50
N PRO J 204 49.53 -26.17 33.85
CA PRO J 204 48.60 -26.00 34.97
C PRO J 204 49.32 -25.54 36.24
N VAL J 205 48.67 -24.63 36.96
CA VAL J 205 49.24 -23.99 38.14
C VAL J 205 48.55 -24.53 39.37
N THR J 206 49.32 -24.96 40.36
CA THR J 206 48.76 -25.57 41.56
C THR J 206 49.20 -24.77 42.78
N LYS J 207 48.26 -24.55 43.69
CA LYS J 207 48.48 -23.86 44.96
C LYS J 207 47.96 -24.74 46.08
N SER J 208 48.70 -24.79 47.18
CA SER J 208 48.46 -25.83 48.17
C SER J 208 48.84 -25.36 49.55
N PHE J 209 48.24 -26.00 50.56
CA PHE J 209 48.66 -25.82 51.94
C PHE J 209 48.63 -27.19 52.61
N ASN J 210 49.14 -27.28 53.84
CA ASN J 210 49.03 -28.53 54.57
C ASN J 210 48.19 -28.54 55.84
N ARG J 211 47.54 -27.43 56.21
CA ARG J 211 46.69 -27.40 57.41
C ARG J 211 47.54 -27.41 58.68
N GLY J 212 48.38 -26.38 58.83
CA GLY J 212 49.21 -26.23 60.02
C GLY J 212 50.02 -24.96 60.00
N VAL K 2 5.54 5.27 32.63
CA VAL K 2 6.87 5.86 32.74
C VAL K 2 7.72 4.98 33.67
N GLN K 3 7.16 4.55 34.80
CA GLN K 3 7.88 3.65 35.71
C GLN K 3 7.04 2.42 36.08
N LEU K 4 7.71 1.28 36.18
CA LEU K 4 7.08 -0.01 36.46
C LEU K 4 7.83 -0.64 37.62
N VAL K 5 7.22 -0.70 38.79
CA VAL K 5 7.89 -1.19 39.99
C VAL K 5 7.21 -2.49 40.41
N GLU K 6 7.92 -3.61 40.26
CA GLU K 6 7.40 -4.88 40.72
C GLU K 6 7.84 -5.14 42.15
N SER K 7 6.98 -5.81 42.91
CA SER K 7 7.26 -6.09 44.30
C SER K 7 6.40 -7.26 44.75
N GLY K 8 6.85 -7.91 45.82
CA GLY K 8 6.20 -9.06 46.37
C GLY K 8 7.12 -9.78 47.32
N PRO K 9 6.74 -10.99 47.73
CA PRO K 9 7.58 -11.75 48.65
C PRO K 9 8.81 -12.31 47.93
N GLY K 10 9.86 -12.53 48.72
CA GLY K 10 11.10 -13.14 48.27
C GLY K 10 11.02 -14.65 48.23
N LEU K 11 10.30 -15.22 49.20
CA LEU K 11 10.27 -16.65 49.48
C LEU K 11 8.85 -17.15 49.52
N VAL K 12 8.60 -18.28 48.84
CA VAL K 12 7.30 -18.91 48.80
C VAL K 12 7.50 -20.39 49.07
N GLN K 13 6.63 -20.96 49.85
CA GLN K 13 6.76 -22.38 50.14
C GLN K 13 6.30 -23.19 48.93
N PRO K 14 6.87 -24.38 48.72
CA PRO K 14 6.34 -25.27 47.67
C PRO K 14 4.88 -25.59 47.92
N TRP K 15 4.14 -25.79 46.83
CA TRP K 15 2.69 -26.00 46.82
C TRP K 15 1.91 -24.81 47.38
N GLY K 16 2.57 -23.67 47.57
CA GLY K 16 1.93 -22.43 47.94
C GLY K 16 1.42 -21.64 46.74
N THR K 17 0.95 -20.44 47.02
CA THR K 17 0.52 -19.49 45.99
C THR K 17 1.42 -18.27 46.05
N LEU K 18 1.87 -17.82 44.88
CA LEU K 18 2.80 -16.72 44.71
C LEU K 18 2.06 -15.52 44.13
N SER K 19 2.02 -14.42 44.88
CA SER K 19 1.31 -13.22 44.43
C SER K 19 2.30 -12.07 44.31
N LEU K 20 2.28 -11.40 43.15
CA LEU K 20 3.11 -10.24 42.86
C LEU K 20 2.24 -9.06 42.47
N THR K 21 2.79 -7.86 42.66
CA THR K 21 2.13 -6.62 42.27
C THR K 21 3.11 -5.74 41.51
N CYS K 22 2.62 -5.09 40.46
CA CYS K 22 3.41 -4.15 39.67
C CYS K 22 2.69 -2.81 39.69
N ARG K 23 3.33 -1.84 40.35
CA ARG K 23 2.83 -0.48 40.46
C ARG K 23 3.29 0.34 39.27
N VAL K 24 2.33 0.92 38.54
CA VAL K 24 2.61 1.66 37.32
C VAL K 24 2.57 3.15 37.65
N SER K 25 3.69 3.83 37.43
CA SER K 25 3.88 5.17 37.95
C SER K 25 3.82 6.25 36.87
N GLY K 26 3.58 5.86 35.62
CA GLY K 26 3.53 6.84 34.56
C GLY K 26 2.16 7.28 34.11
N ASP K 27 1.36 6.32 33.65
CA ASP K 27 0.00 6.58 33.19
C ASP K 27 -0.90 5.50 33.75
N SER K 28 -2.20 5.65 33.51
CA SER K 28 -3.18 4.70 34.05
C SER K 28 -3.12 3.35 33.35
N VAL K 29 -3.37 2.30 34.13
CA VAL K 29 -3.44 0.96 33.57
C VAL K 29 -4.71 0.78 32.74
N SER K 30 -5.72 1.60 33.00
CA SER K 30 -6.93 1.66 32.17
C SER K 30 -6.75 2.53 30.92
N ASN K 31 -5.54 2.98 30.62
CA ASN K 31 -5.26 3.54 29.30
C ASN K 31 -5.52 2.46 28.25
N ASP K 32 -6.48 2.71 27.37
CA ASP K 32 -6.80 1.71 26.35
C ASP K 32 -5.77 1.61 25.25
N ASN K 33 -4.68 2.37 25.30
CA ASN K 33 -3.60 2.26 24.35
C ASN K 33 -2.54 1.23 24.72
N TYR K 34 -2.64 0.60 25.89
CA TYR K 34 -1.63 -0.36 26.32
C TYR K 34 -2.29 -1.64 26.81
N TYR K 35 -1.67 -2.77 26.47
CA TYR K 35 -1.83 -3.98 27.25
C TYR K 35 -0.73 -4.04 28.30
N TRP K 36 -0.92 -4.92 29.28
CA TRP K 36 0.10 -5.15 30.30
C TRP K 36 0.34 -6.64 30.36
N ALA K 37 1.53 -7.02 30.80
CA ALA K 37 1.92 -8.42 30.70
C ALA K 37 2.93 -8.74 31.79
N TRP K 38 3.07 -10.04 32.04
CA TRP K 38 4.10 -10.57 32.92
C TRP K 38 4.98 -11.53 32.15
N ILE K 39 6.29 -11.36 32.30
CA ILE K 39 7.28 -12.17 31.60
C ILE K 39 8.32 -12.59 32.63
N ARG K 40 8.78 -13.84 32.56
CA ARG K 40 9.70 -14.31 33.57
C ARG K 40 10.91 -15.01 32.95
N GLN K 41 12.02 -14.92 33.67
CA GLN K 41 13.28 -15.54 33.31
C GLN K 41 13.74 -16.48 34.41
N THR K 42 13.99 -17.72 34.04
CA THR K 42 14.55 -18.72 34.92
C THR K 42 16.05 -18.53 34.96
N PRO K 43 16.73 -19.03 36.00
CA PRO K 43 18.20 -18.93 36.00
C PRO K 43 18.86 -19.60 34.81
N GLY K 44 18.14 -20.45 34.08
CA GLY K 44 18.69 -20.97 32.84
C GLY K 44 18.60 -20.02 31.68
N ARG K 45 18.21 -18.77 31.94
CA ARG K 45 18.15 -17.62 31.03
C ARG K 45 17.04 -17.68 29.99
N GLU K 46 16.18 -18.71 30.00
CA GLU K 46 15.04 -18.79 29.10
C GLU K 46 13.92 -17.83 29.51
N LEU K 47 13.40 -17.08 28.54
CA LEU K 47 12.37 -16.06 28.78
C LEU K 47 11.00 -16.59 28.36
N GLN K 48 10.00 -16.38 29.22
CA GLN K 48 8.66 -16.93 29.04
C GLN K 48 7.60 -15.86 29.25
N VAL K 49 6.60 -15.84 28.37
CA VAL K 49 5.47 -14.93 28.54
C VAL K 49 4.43 -15.63 29.40
N ILE K 50 4.12 -15.07 30.57
CA ILE K 50 3.14 -15.67 31.46
C ILE K 50 1.73 -15.34 30.99
N GLY K 51 1.49 -14.08 30.61
CA GLY K 51 0.17 -13.66 30.21
C GLY K 51 0.03 -12.17 30.04
N THR K 52 -1.01 -11.78 29.31
CA THR K 52 -1.32 -10.38 29.06
C THR K 52 -2.73 -10.04 29.52
N ILE K 53 -2.97 -8.74 29.72
CA ILE K 53 -4.26 -8.24 30.16
C ILE K 53 -4.51 -6.85 29.57
N TYR K 54 -5.76 -6.58 29.21
CA TYR K 54 -6.18 -5.31 28.63
C TYR K 54 -7.02 -4.54 29.65
N TYR K 55 -6.98 -3.20 29.53
CA TYR K 55 -7.80 -2.34 30.37
C TYR K 55 -9.25 -2.80 30.42
N SER K 56 -9.74 -3.41 29.33
CA SER K 56 -11.12 -3.86 29.22
C SER K 56 -11.39 -5.15 29.97
N GLY K 57 -10.36 -5.87 30.38
CA GLY K 57 -10.51 -7.11 31.10
C GLY K 57 -10.07 -8.35 30.34
N THR K 58 -9.88 -8.27 29.03
CA THR K 58 -9.56 -9.46 28.27
C THR K 58 -8.15 -9.92 28.61
N THR K 59 -7.98 -11.23 28.82
CA THR K 59 -6.68 -11.77 29.18
C THR K 59 -6.27 -12.85 28.19
N TYR K 60 -4.95 -12.99 28.02
CA TYR K 60 -4.38 -14.17 27.40
C TYR K 60 -3.43 -14.81 28.40
N TYR K 61 -3.47 -16.14 28.47
CA TYR K 61 -2.58 -16.90 29.33
C TYR K 61 -1.85 -17.94 28.51
N ASN K 62 -0.59 -18.14 28.84
CA ASN K 62 0.20 -19.19 28.22
C ASN K 62 -0.47 -20.54 28.47
N PRO K 63 -0.72 -21.33 27.42
CA PRO K 63 -1.41 -22.62 27.61
C PRO K 63 -0.84 -23.47 28.73
N SER K 64 0.49 -23.56 28.83
CA SER K 64 1.11 -24.43 29.80
C SER K 64 0.86 -23.99 31.25
N LEU K 65 0.35 -22.76 31.45
CA LEU K 65 0.06 -22.27 32.79
C LEU K 65 -1.41 -21.95 33.05
N ARG K 66 -2.27 -21.97 32.03
CA ARG K 66 -3.64 -21.46 32.19
C ARG K 66 -4.38 -22.14 33.35
N ASN K 67 -4.10 -23.41 33.59
CA ASN K 67 -4.73 -24.14 34.68
C ASN K 67 -4.46 -23.52 36.06
N ARG K 68 -3.46 -22.62 36.20
CA ARG K 68 -3.02 -22.24 37.54
C ARG K 68 -2.48 -20.82 37.64
N VAL K 69 -2.91 -19.91 36.76
CA VAL K 69 -2.42 -18.54 36.77
C VAL K 69 -3.60 -17.58 36.70
N THR K 70 -3.44 -16.41 37.31
CA THR K 70 -4.47 -15.38 37.30
C THR K 70 -3.78 -14.02 37.23
N ILE K 71 -4.19 -13.19 36.27
CA ILE K 71 -3.71 -11.82 36.18
C ILE K 71 -4.91 -10.88 36.30
N SER K 72 -4.71 -9.74 36.95
CA SER K 72 -5.80 -8.77 37.00
C SER K 72 -5.24 -7.40 37.26
N LEU K 73 -5.87 -6.37 36.69
CA LEU K 73 -5.45 -5.04 37.07
C LEU K 73 -6.46 -4.45 38.05
N ASP K 74 -5.94 -3.63 38.96
CA ASP K 74 -6.74 -2.90 39.93
C ASP K 74 -6.57 -1.41 39.62
N LYS K 75 -7.54 -0.88 38.88
CA LYS K 75 -7.50 0.49 38.42
C LYS K 75 -7.48 1.45 39.60
N SER K 76 -8.05 1.01 40.73
CA SER K 76 -8.24 1.89 41.88
C SER K 76 -6.91 2.32 42.45
N VAL K 77 -5.92 1.43 42.43
CA VAL K 77 -4.59 1.71 42.91
C VAL K 77 -3.56 1.68 41.78
N ASN K 78 -4.02 1.43 40.55
CA ASN K 78 -3.18 1.46 39.35
C ASN K 78 -2.11 0.38 39.38
N VAL K 79 -2.48 -0.81 39.85
CA VAL K 79 -1.50 -1.89 39.89
C VAL K 79 -1.98 -2.99 38.96
N VAL K 80 -1.04 -3.84 38.57
CA VAL K 80 -1.38 -5.06 37.84
C VAL K 80 -0.78 -6.21 38.65
N SER K 81 -1.63 -7.20 38.96
CA SER K 81 -1.28 -8.27 39.86
C SER K 81 -1.19 -9.60 39.12
N LEU K 82 -0.30 -10.45 39.61
CA LEU K 82 -0.13 -11.81 39.12
C LEU K 82 -0.22 -12.75 40.31
N ARG K 83 -1.05 -13.79 40.19
CA ARG K 83 -1.11 -14.88 41.14
C ARG K 83 -0.80 -16.17 40.40
N LEU K 84 0.08 -16.99 40.97
CA LEU K 84 0.47 -18.26 40.39
C LEU K 84 0.43 -19.32 41.48
N GLY K 85 -0.48 -20.29 41.35
CA GLY K 85 -0.76 -21.23 42.39
C GLY K 85 -0.12 -22.60 42.17
N SER K 86 -0.12 -23.39 43.23
CA SER K 86 0.52 -24.70 43.27
C SER K 86 1.94 -24.62 42.70
N VAL K 87 2.71 -23.69 43.28
CA VAL K 87 4.02 -23.32 42.76
C VAL K 87 5.06 -24.35 43.19
N SER K 88 6.01 -24.62 42.31
CA SER K 88 7.08 -25.56 42.64
C SER K 88 8.41 -24.83 42.60
N ALA K 89 9.48 -25.58 42.88
CA ALA K 89 10.84 -25.03 42.73
C ALA K 89 11.11 -24.55 41.31
N ALA K 90 10.55 -25.24 40.32
CA ALA K 90 10.77 -24.90 38.91
C ALA K 90 10.21 -23.55 38.53
N ASP K 91 9.54 -22.87 39.45
CA ASP K 91 9.02 -21.53 39.23
C ASP K 91 9.90 -20.44 39.83
N THR K 92 11.07 -20.78 40.35
CA THR K 92 12.00 -19.77 40.85
C THR K 92 12.59 -18.99 39.68
N ALA K 93 12.36 -17.67 39.66
CA ALA K 93 12.72 -16.88 38.50
C ALA K 93 12.67 -15.38 38.83
N GLN K 94 13.23 -14.59 37.91
CA GLN K 94 13.07 -13.15 37.89
C GLN K 94 11.78 -12.83 37.14
N TYR K 95 10.91 -12.04 37.76
CA TYR K 95 9.58 -11.73 37.23
C TYR K 95 9.50 -10.27 36.82
N TYR K 96 9.39 -10.04 35.52
CA TYR K 96 9.31 -8.69 34.97
C TYR K 96 7.85 -8.37 34.64
N CYS K 97 7.46 -7.16 34.97
CA CYS K 97 6.21 -6.55 34.57
C CYS K 97 6.44 -5.66 33.37
N VAL K 98 5.51 -5.67 32.41
CA VAL K 98 5.86 -5.15 31.10
C VAL K 98 4.65 -4.46 30.47
N ARG K 99 4.93 -3.44 29.67
CA ARG K 99 3.94 -2.66 28.95
C ARG K 99 4.10 -3.01 27.49
N MET K 100 2.97 -2.97 26.79
CA MET K 100 2.83 -3.35 25.40
C MET K 100 1.88 -2.44 24.61
N PRO K 101 2.40 -1.66 23.68
CA PRO K 101 1.53 -0.81 22.86
C PRO K 101 0.40 -1.58 22.20
N SER K 102 -0.82 -1.06 22.36
CA SER K 102 -2.00 -1.54 21.63
C SER K 102 -2.23 -0.57 20.48
N HIS K 103 -1.71 -0.91 19.31
CA HIS K 103 -1.86 -0.06 18.14
C HIS K 103 -3.20 -0.33 17.51
N GLY K 104 -4.00 0.71 17.37
CA GLY K 104 -5.30 0.55 16.78
C GLY K 104 -5.24 0.36 15.27
N PHE K 105 -6.40 -0.03 14.74
CA PHE K 105 -6.53 -0.49 13.36
C PHE K 105 -5.92 0.48 12.37
N TRP K 106 -6.09 1.77 12.59
CA TRP K 106 -5.64 2.74 11.59
C TRP K 106 -4.21 3.22 11.81
N SER K 107 -3.55 2.80 12.89
CA SER K 107 -2.13 3.09 13.12
C SER K 107 -1.25 2.52 12.01
N THR K 108 -0.20 3.28 11.65
CA THR K 108 0.83 2.74 10.76
C THR K 108 1.36 1.40 11.27
N SER K 109 1.40 1.24 12.59
CA SER K 109 2.04 0.07 13.19
C SER K 109 0.99 -0.87 13.79
N PHE K 110 -0.01 -1.21 12.98
CA PHE K 110 -1.06 -2.15 13.38
C PHE K 110 -0.57 -3.58 13.28
N SER K 111 -0.97 -4.41 14.25
CA SER K 111 -0.65 -5.83 14.38
C SER K 111 0.78 -6.04 14.86
N TYR K 112 1.55 -4.99 15.07
CA TYR K 112 2.90 -5.10 15.60
C TYR K 112 2.81 -5.11 17.12
N TRP K 113 3.12 -6.26 17.72
CA TRP K 113 2.96 -6.50 19.14
C TRP K 113 4.35 -6.67 19.75
N TYR K 114 4.76 -5.70 20.57
CA TYR K 114 6.11 -5.70 21.12
C TYR K 114 6.06 -5.18 22.55
N PHE K 115 7.02 -5.60 23.36
CA PHE K 115 7.05 -5.25 24.78
C PHE K 115 7.92 -4.00 24.90
N ASP K 116 7.28 -2.84 24.98
CA ASP K 116 8.05 -1.62 24.77
C ASP K 116 8.55 -1.07 26.10
N LEU K 117 8.13 -1.63 27.23
CA LEU K 117 8.64 -1.07 28.48
C LEU K 117 8.67 -2.13 29.55
N TRP K 118 9.81 -2.26 30.25
CA TRP K 118 10.02 -3.33 31.20
C TRP K 118 10.39 -2.76 32.55
N GLY K 119 9.90 -3.40 33.61
CA GLY K 119 10.34 -3.10 34.95
C GLY K 119 11.68 -3.76 35.24
N ARG K 120 12.16 -3.53 36.45
CA ARG K 120 13.48 -4.03 36.83
C ARG K 120 13.48 -5.52 37.14
N GLY K 121 12.32 -6.11 37.34
CA GLY K 121 12.28 -7.52 37.68
C GLY K 121 12.16 -7.70 39.19
N HIS K 122 11.77 -8.91 39.58
CA HIS K 122 11.72 -9.22 41.02
C HIS K 122 11.95 -10.72 41.16
N PHE K 123 12.98 -11.08 41.94
CA PHE K 123 13.38 -12.48 42.01
C PHE K 123 12.62 -13.15 43.14
N VAL K 124 12.20 -14.39 42.89
CA VAL K 124 11.44 -15.17 43.85
C VAL K 124 12.05 -16.56 43.91
N ALA K 125 12.53 -16.95 45.08
CA ALA K 125 12.98 -18.30 45.33
C ALA K 125 11.88 -19.10 46.00
N VAL K 126 11.78 -20.37 45.66
CA VAL K 126 10.79 -21.26 46.25
C VAL K 126 11.58 -22.37 46.94
N SER K 127 11.59 -22.35 48.27
CA SER K 127 12.42 -23.30 49.00
C SER K 127 11.89 -23.45 50.41
N TRP K 128 11.98 -24.66 50.92
CA TRP K 128 11.70 -24.95 52.32
C TRP K 128 12.84 -24.17 52.99
N ALA K 129 12.67 -22.89 53.38
CA ALA K 129 13.84 -22.28 53.99
C ALA K 129 13.61 -21.21 55.07
N SER K 130 12.38 -20.87 55.44
CA SER K 130 12.17 -19.83 56.45
C SER K 130 12.93 -18.56 56.09
N THR K 131 14.14 -18.41 56.63
CA THR K 131 15.05 -17.27 56.59
C THR K 131 16.26 -17.67 57.41
N LYS K 132 17.38 -17.04 57.11
CA LYS K 132 18.62 -17.34 57.82
C LYS K 132 19.57 -16.16 57.69
N GLY K 133 19.98 -15.58 58.81
CA GLY K 133 20.93 -14.51 58.70
C GLY K 133 22.22 -15.25 58.39
N PRO K 134 23.18 -14.59 57.76
CA PRO K 134 24.39 -15.31 57.34
C PRO K 134 25.46 -15.41 58.41
N SER K 135 26.28 -16.45 58.28
CA SER K 135 27.50 -16.51 59.04
C SER K 135 28.62 -15.89 58.21
N VAL K 136 29.48 -15.13 58.87
CA VAL K 136 30.55 -14.42 58.19
C VAL K 136 31.88 -14.93 58.74
N PHE K 137 32.72 -15.45 57.85
CA PHE K 137 34.00 -16.00 58.26
C PHE K 137 35.14 -15.27 57.53
N PRO K 138 36.26 -15.02 58.22
CA PRO K 138 37.37 -14.32 57.56
C PRO K 138 38.10 -15.19 56.56
N LEU K 139 38.54 -14.57 55.45
CA LEU K 139 39.50 -15.14 54.51
C LEU K 139 40.81 -14.36 54.66
N ALA K 140 41.71 -14.88 55.49
CA ALA K 140 42.93 -14.22 55.93
C ALA K 140 43.98 -14.23 54.82
N PRO K 141 44.71 -13.13 54.65
CA PRO K 141 45.83 -13.13 53.69
C PRO K 141 47.00 -13.96 54.19
N SER K 142 47.39 -14.96 53.40
CA SER K 142 48.44 -15.89 53.81
C SER K 142 49.43 -16.13 52.68
N SER K 143 50.37 -17.06 52.89
CA SER K 143 51.46 -17.27 51.94
C SER K 143 50.95 -17.52 50.53
N LYS K 144 49.81 -18.16 50.43
CA LYS K 144 49.24 -18.54 49.15
C LYS K 144 48.30 -17.49 48.62
N SER K 145 48.18 -16.37 49.35
CA SER K 145 47.44 -15.18 48.95
C SER K 145 48.37 -14.05 48.50
N THR K 146 49.61 -14.44 48.25
CA THR K 146 50.77 -13.55 47.97
C THR K 146 50.75 -12.90 46.58
N SER K 147 50.49 -13.66 45.52
CA SER K 147 50.52 -13.08 44.14
C SER K 147 51.88 -12.42 43.92
N GLY K 148 51.91 -11.15 43.53
CA GLY K 148 53.21 -10.49 43.29
C GLY K 148 53.32 -9.18 44.04
N GLY K 149 53.42 -9.26 45.36
CA GLY K 149 53.58 -8.09 46.25
C GLY K 149 52.26 -7.50 46.70
N THR K 150 51.15 -7.97 46.13
CA THR K 150 49.80 -7.47 46.50
C THR K 150 49.04 -8.66 47.07
N ALA K 151 48.53 -8.55 48.30
CA ALA K 151 47.88 -9.72 48.91
C ALA K 151 46.37 -9.73 48.69
N ALA K 152 45.78 -10.93 48.69
CA ALA K 152 44.33 -11.06 48.60
C ALA K 152 43.75 -11.44 49.95
N LEU K 153 42.55 -10.93 50.22
CA LEU K 153 41.84 -11.24 51.44
C LEU K 153 40.35 -11.16 51.17
N GLY K 154 39.56 -11.64 52.12
CA GLY K 154 38.14 -11.58 51.85
C GLY K 154 37.25 -11.97 53.01
N CYS K 155 35.97 -12.24 52.66
CA CYS K 155 34.94 -12.66 53.56
C CYS K 155 34.05 -13.74 52.92
N LEU K 156 33.84 -14.81 53.69
CA LEU K 156 32.94 -15.90 53.30
C LEU K 156 31.59 -15.70 54.01
N VAL K 157 30.54 -15.50 53.21
CA VAL K 157 29.19 -15.27 53.72
C VAL K 157 28.38 -16.53 53.45
N LYS K 158 28.24 -17.42 54.43
CA LYS K 158 27.74 -18.76 54.21
C LYS K 158 26.42 -18.99 54.92
N ASP K 159 25.56 -19.78 54.28
CA ASP K 159 24.31 -20.30 54.84
C ASP K 159 23.39 -19.17 55.26
N TYR K 160 22.72 -18.55 54.29
CA TYR K 160 21.78 -17.47 54.57
C TYR K 160 20.64 -17.67 53.61
N PHE K 161 19.46 -17.18 53.98
CA PHE K 161 18.37 -17.27 53.03
C PHE K 161 17.36 -16.19 53.34
N PRO K 162 16.81 -15.48 52.34
CA PRO K 162 17.01 -15.48 50.89
C PRO K 162 17.98 -14.40 50.42
N GLU K 163 18.23 -14.35 49.11
CA GLU K 163 19.00 -13.25 48.57
C GLU K 163 18.23 -11.94 48.69
N PRO K 164 18.94 -10.81 48.87
CA PRO K 164 20.40 -10.74 48.73
C PRO K 164 21.14 -10.21 49.95
N VAL K 165 22.46 -10.35 49.92
CA VAL K 165 23.34 -9.70 50.88
C VAL K 165 24.20 -8.69 50.13
N THR K 166 24.53 -7.61 50.81
CA THR K 166 25.42 -6.60 50.28
C THR K 166 26.68 -6.50 51.13
N VAL K 167 27.83 -6.45 50.46
CA VAL K 167 29.12 -6.43 51.13
C VAL K 167 29.85 -5.16 50.74
N SER K 168 30.38 -4.46 51.74
CA SER K 168 31.23 -3.29 51.54
C SER K 168 32.52 -3.50 52.30
N TRP K 169 33.52 -2.68 51.99
CA TRP K 169 34.81 -2.79 52.66
C TRP K 169 35.15 -1.43 53.26
N ASN K 170 35.60 -1.46 54.51
CA ASN K 170 35.83 -0.26 55.31
C ASN K 170 34.67 0.72 55.15
N SER K 171 33.46 0.18 55.31
CA SER K 171 32.23 0.96 55.26
C SER K 171 32.17 1.84 54.02
N GLY K 172 32.58 1.28 52.87
CA GLY K 172 32.56 2.03 51.64
C GLY K 172 33.88 2.68 51.27
N ALA K 173 34.81 2.80 52.20
CA ALA K 173 36.03 3.57 51.94
C ALA K 173 36.92 2.84 50.95
N LEU K 174 36.91 1.51 50.94
CA LEU K 174 37.73 0.71 50.05
C LEU K 174 36.86 0.23 48.90
N THR K 175 37.17 0.70 47.69
CA THR K 175 36.36 0.40 46.54
C THR K 175 37.13 -0.23 45.39
N SER K 176 38.42 0.08 45.24
CA SER K 176 39.19 -0.34 44.07
C SER K 176 39.83 -1.70 44.30
N GLY K 177 39.52 -2.65 43.43
CA GLY K 177 40.06 -3.98 43.55
C GLY K 177 39.18 -4.97 44.22
N VAL K 178 37.95 -4.61 44.54
CA VAL K 178 37.02 -5.50 45.22
C VAL K 178 36.28 -6.33 44.18
N HIS K 179 36.02 -7.59 44.51
CA HIS K 179 35.29 -8.53 43.66
C HIS K 179 34.35 -9.29 44.58
N THR K 180 33.07 -8.93 44.54
CA THR K 180 32.04 -9.67 45.27
C THR K 180 31.32 -10.62 44.31
N PHE K 181 31.46 -11.91 44.56
CA PHE K 181 30.99 -12.94 43.65
C PHE K 181 29.47 -13.14 43.74
N PRO K 182 28.85 -13.65 42.69
CA PRO K 182 27.44 -14.05 42.78
C PRO K 182 27.24 -15.20 43.76
N ALA K 183 26.06 -15.25 44.36
CA ALA K 183 25.78 -16.32 45.32
C ALA K 183 25.63 -17.65 44.60
N VAL K 184 25.73 -18.73 45.37
CA VAL K 184 25.41 -20.08 44.89
C VAL K 184 24.40 -20.72 45.83
N LEU K 185 23.51 -21.53 45.25
CA LEU K 185 22.52 -22.28 46.04
C LEU K 185 23.15 -23.61 46.47
N GLN K 186 23.40 -23.77 47.76
CA GLN K 186 23.99 -25.01 48.22
C GLN K 186 22.91 -26.10 48.28
N SER K 187 23.35 -27.35 48.40
CA SER K 187 22.41 -28.45 48.53
C SER K 187 21.47 -28.24 49.71
N SER K 188 21.98 -27.69 50.81
CA SER K 188 21.16 -27.37 51.97
C SER K 188 19.98 -26.45 51.66
N GLY K 189 19.96 -25.80 50.49
CA GLY K 189 18.90 -24.87 50.16
C GLY K 189 19.11 -23.46 50.63
N LEU K 190 20.25 -23.17 51.24
CA LEU K 190 20.65 -21.83 51.63
C LEU K 190 21.75 -21.34 50.70
N TYR K 191 22.02 -20.04 50.74
CA TYR K 191 22.95 -19.38 49.83
C TYR K 191 24.29 -19.13 50.50
N SER K 192 25.31 -18.96 49.67
CA SER K 192 26.65 -18.65 50.14
C SER K 192 27.41 -17.90 49.06
N LEU K 193 28.25 -16.95 49.46
CA LEU K 193 29.08 -16.21 48.52
C LEU K 193 30.44 -15.88 49.17
N SER K 194 31.32 -15.28 48.37
CA SER K 194 32.61 -14.78 48.85
C SER K 194 32.85 -13.37 48.30
N SER K 195 33.60 -12.57 49.06
CA SER K 195 34.07 -11.24 48.64
C SER K 195 35.57 -11.08 48.88
N VAL K 196 36.32 -10.62 47.87
CA VAL K 196 37.78 -10.61 47.96
C VAL K 196 38.33 -9.28 47.46
N VAL K 197 39.37 -8.80 48.12
CA VAL K 197 40.08 -7.57 47.76
C VAL K 197 41.56 -7.87 47.60
N THR K 198 42.20 -7.20 46.65
CA THR K 198 43.66 -7.22 46.53
C THR K 198 44.21 -5.87 46.98
N VAL K 199 45.15 -5.90 47.92
CA VAL K 199 45.73 -4.68 48.50
C VAL K 199 47.24 -4.81 48.42
N PRO K 200 47.98 -3.71 48.59
CA PRO K 200 49.45 -3.85 48.69
C PRO K 200 49.78 -4.55 50.02
N SER K 201 50.66 -5.55 49.95
CA SER K 201 51.02 -6.30 51.15
C SER K 201 51.66 -5.42 52.21
N SER K 202 52.43 -4.40 51.79
CA SER K 202 53.05 -3.49 52.76
C SER K 202 52.02 -2.84 53.68
N SER K 203 50.75 -2.84 53.26
CA SER K 203 49.70 -2.15 53.99
C SER K 203 48.95 -3.10 54.91
N LEU K 204 49.21 -4.39 54.78
CA LEU K 204 48.47 -5.36 55.55
C LEU K 204 48.78 -5.18 57.04
N GLY K 205 50.06 -5.16 57.37
CA GLY K 205 50.53 -5.00 58.74
C GLY K 205 50.29 -3.65 59.39
N THR K 206 49.72 -2.68 58.68
CA THR K 206 49.48 -1.34 59.23
C THR K 206 48.01 -0.93 59.20
N GLN K 207 47.30 -1.22 58.11
CA GLN K 207 45.91 -0.81 57.93
C GLN K 207 44.97 -1.95 58.30
N THR K 208 44.00 -1.65 59.15
CA THR K 208 42.95 -2.61 59.47
C THR K 208 41.91 -2.65 58.36
N TYR K 209 41.43 -3.87 58.09
CA TYR K 209 40.49 -4.17 57.02
C TYR K 209 39.27 -4.91 57.57
N ILE K 210 38.14 -4.23 57.59
CA ILE K 210 36.87 -4.77 58.04
C ILE K 210 35.97 -4.91 56.82
N CYS K 211 35.24 -6.01 56.74
CA CYS K 211 34.20 -6.15 55.71
C CYS K 211 32.87 -6.03 56.42
N ASN K 212 31.92 -5.28 55.81
CA ASN K 212 30.61 -5.01 56.38
C ASN K 212 29.57 -5.74 55.52
N VAL K 213 28.98 -6.79 56.08
CA VAL K 213 27.96 -7.60 55.41
C VAL K 213 26.61 -7.18 55.94
N ASP K 214 25.64 -7.05 55.04
CA ASP K 214 24.27 -6.71 55.41
C ASP K 214 23.33 -7.70 54.73
N HIS K 215 22.34 -8.15 55.52
CA HIS K 215 21.29 -9.06 55.07
C HIS K 215 19.96 -8.60 55.67
N LYS K 216 19.32 -7.67 54.95
CA LYS K 216 18.07 -7.07 55.41
C LYS K 216 16.90 -8.04 55.56
N PRO K 217 16.74 -9.09 54.76
CA PRO K 217 15.64 -10.05 55.00
C PRO K 217 15.59 -10.67 56.38
N SER K 218 16.72 -10.74 57.11
CA SER K 218 16.72 -11.23 58.48
C SER K 218 17.17 -10.19 59.49
N ASN K 219 17.22 -8.92 59.12
CA ASN K 219 17.77 -7.86 59.98
C ASN K 219 19.12 -8.26 60.56
N THR K 220 19.99 -8.81 59.70
CA THR K 220 21.35 -9.14 60.09
C THR K 220 22.29 -8.04 59.60
N LYS K 221 23.06 -7.45 60.52
CA LYS K 221 24.19 -6.61 60.16
C LYS K 221 25.43 -7.15 60.86
N VAL K 222 26.52 -7.36 60.11
CA VAL K 222 27.72 -7.95 60.67
C VAL K 222 28.95 -7.21 60.14
N ASP K 223 29.87 -6.84 61.03
CA ASP K 223 31.14 -6.23 60.68
C ASP K 223 32.27 -7.13 61.16
N LYS K 224 32.97 -7.78 60.24
CA LYS K 224 34.02 -8.73 60.59
C LYS K 224 35.38 -8.23 60.12
N LYS K 225 36.33 -8.13 61.04
CA LYS K 225 37.68 -7.70 60.70
C LYS K 225 38.54 -8.90 60.34
N VAL K 226 39.34 -8.71 59.30
CA VAL K 226 40.16 -9.75 58.67
C VAL K 226 41.62 -9.41 58.90
N GLU K 227 42.29 -10.20 59.74
CA GLU K 227 43.68 -9.93 60.07
C GLU K 227 44.61 -10.92 59.37
N PRO K 228 45.83 -10.50 59.04
CA PRO K 228 46.78 -11.36 58.32
C PRO K 228 47.27 -12.65 58.97
N LYS K 229 48.42 -13.10 58.46
CA LYS K 229 49.03 -14.39 58.76
C LYS K 229 50.42 -14.13 59.33
N SER K 230 50.60 -14.49 60.60
CA SER K 230 51.83 -14.11 61.26
C SER K 230 52.98 -14.87 60.62
N SER L 20 -9.74 -23.53 22.24
CA SER L 20 -9.44 -22.67 21.06
C SER L 20 -9.75 -21.20 21.38
N LEU L 21 -10.62 -20.57 20.58
CA LEU L 21 -11.04 -19.16 20.76
C LEU L 21 -9.79 -18.25 20.81
N TRP L 22 -8.84 -18.47 19.91
CA TRP L 22 -7.60 -17.64 19.85
C TRP L 22 -7.97 -16.16 19.84
N ASN L 23 -7.53 -15.41 20.85
CA ASN L 23 -7.83 -13.98 20.94
C ASN L 23 -6.95 -13.18 20.00
N TRP L 24 -7.53 -12.06 19.57
CA TRP L 24 -6.99 -10.92 18.83
C TRP L 24 -5.58 -11.08 18.27
N PHE L 25 -4.55 -11.25 19.11
CA PHE L 25 -3.17 -11.20 18.62
C PHE L 25 -2.99 -12.00 17.33
N ASN L 26 -3.47 -13.24 17.33
CA ASN L 26 -3.48 -14.05 16.12
C ASN L 26 -4.36 -13.44 15.04
N ILE L 27 -5.49 -12.84 15.46
CA ILE L 27 -6.48 -12.34 14.51
C ILE L 27 -5.90 -11.17 13.72
N THR L 28 -5.11 -10.31 14.37
CA THR L 28 -4.53 -9.17 13.68
C THR L 28 -3.57 -9.58 12.58
N ASN L 29 -3.03 -10.79 12.63
CA ASN L 29 -2.21 -11.23 11.51
C ASN L 29 -3.04 -11.32 10.24
N TRP L 30 -4.18 -12.00 10.32
CA TRP L 30 -5.09 -12.04 9.17
C TRP L 30 -5.64 -10.65 8.87
N LEU L 31 -5.88 -9.85 9.90
CA LEU L 31 -6.48 -8.54 9.68
C LEU L 31 -5.53 -7.59 9.00
N TRP L 32 -4.22 -7.76 9.17
CA TRP L 32 -3.31 -6.88 8.45
C TRP L 32 -3.43 -7.12 6.95
N TYR L 33 -3.43 -8.38 6.52
CA TYR L 33 -3.57 -8.69 5.10
C TYR L 33 -4.94 -8.27 4.59
N ILE L 34 -5.99 -8.44 5.40
CA ILE L 34 -7.32 -7.98 5.00
C ILE L 34 -7.32 -6.46 4.84
N LYS L 35 -6.68 -5.76 5.77
CA LYS L 35 -6.53 -4.31 5.66
C LYS L 35 -5.78 -3.92 4.39
N LEU L 36 -4.72 -4.65 4.08
CA LEU L 36 -3.95 -4.41 2.85
C LEU L 36 -4.83 -4.57 1.63
N PHE L 37 -5.51 -5.72 1.55
CA PHE L 37 -6.42 -6.00 0.43
C PHE L 37 -7.48 -4.93 0.28
N ILE L 38 -8.02 -4.42 1.39
CA ILE L 38 -9.04 -3.39 1.29
C ILE L 38 -8.42 -2.07 0.85
N MET L 39 -7.16 -1.82 1.23
CA MET L 39 -6.50 -0.59 0.79
C MET L 39 -6.25 -0.59 -0.71
N ILE L 40 -5.69 -1.69 -1.23
CA ILE L 40 -5.43 -1.80 -2.67
C ILE L 40 -6.69 -1.50 -3.46
N VAL L 41 -7.82 -2.07 -3.04
CA VAL L 41 -9.07 -1.92 -3.77
C VAL L 41 -9.55 -0.49 -3.74
N GLY L 42 -9.57 0.12 -2.55
CA GLY L 42 -10.14 1.46 -2.43
C GLY L 42 -9.39 2.49 -3.24
N GLY L 43 -8.06 2.37 -3.30
CA GLY L 43 -7.27 3.30 -4.11
C GLY L 43 -7.60 3.20 -5.59
N LEU L 44 -7.75 1.97 -6.10
CA LEU L 44 -8.12 1.79 -7.49
C LEU L 44 -9.46 2.44 -7.79
N VAL L 45 -10.40 2.32 -6.86
CA VAL L 45 -11.74 2.88 -7.06
C VAL L 45 -11.68 4.40 -7.16
N GLY L 46 -10.93 5.03 -6.26
CA GLY L 46 -10.81 6.48 -6.31
C GLY L 46 -10.13 6.99 -7.56
N LEU L 47 -9.21 6.20 -8.13
CA LEU L 47 -8.57 6.54 -9.40
C LEU L 47 -9.50 6.42 -10.59
N ARG L 48 -10.37 5.43 -10.60
CA ARG L 48 -11.32 5.36 -11.70
C ARG L 48 -12.41 6.42 -11.58
N ILE L 49 -12.53 7.04 -10.41
CA ILE L 49 -13.45 8.16 -10.22
C ILE L 49 -12.83 9.45 -10.79
N VAL L 50 -11.50 9.58 -10.70
CA VAL L 50 -10.83 10.75 -11.27
C VAL L 50 -10.77 10.64 -12.79
N PHE L 51 -10.43 9.45 -13.31
CA PHE L 51 -10.64 9.10 -14.71
C PHE L 51 -11.94 9.64 -15.29
N ALA L 52 -13.08 9.27 -14.71
CA ALA L 52 -14.38 9.69 -15.23
C ALA L 52 -14.48 11.20 -15.29
N VAL L 53 -14.14 11.89 -14.20
CA VAL L 53 -14.15 13.34 -14.16
C VAL L 53 -13.07 13.93 -15.07
C1 NAG M . -15.99 53.40 -42.91
C2 NAG M . -15.73 52.20 -43.83
C3 NAG M . -16.78 51.95 -44.85
C4 NAG M . -18.17 51.92 -44.27
C5 NAG M . -18.45 53.21 -43.50
C6 NAG M . -19.79 53.08 -42.84
C7 NAG M . -13.49 51.34 -44.71
C8 NAG M . -12.17 51.57 -45.47
N2 NAG M . -14.45 52.43 -44.57
O3 NAG M . -16.52 50.67 -45.49
O4 NAG M . -19.13 51.79 -45.32
O5 NAG M . -17.43 53.49 -42.46
O6 NAG M . -20.63 52.30 -43.64
O7 NAG M . -13.73 50.29 -44.23
P1 PC N . -5.07 24.04 -19.56
O1 PC N . -5.81 23.74 -20.85
O3 PC N . -5.26 25.49 -19.16
O4 PC N . -5.64 23.14 -18.47
O2 PC N . -3.47 23.68 -19.73
C1 PC N . -2.73 24.26 -20.77
C2 PC N . -2.35 25.72 -20.46
N1 PC N . -0.96 25.84 -20.10
C3 PC N . -0.72 25.09 -18.89
C4 PC N . -0.63 27.23 -19.85
C5 PC N . -0.08 25.34 -21.13
P1 PC O . -2.40 28.13 -15.20
O1 PC O . -1.15 27.53 -15.81
O3 PC O . -3.18 27.06 -14.47
O4 PC O . -3.25 28.71 -16.30
O2 PC O . -1.96 29.33 -14.16
C1 PC O . -1.36 30.49 -14.67
C2 PC O . -2.04 31.73 -14.08
N1 PC O . -1.59 32.93 -14.77
C3 PC O . -0.15 33.03 -14.69
C4 PC O . -2.19 34.09 -14.14
C5 PC O . -1.99 32.85 -16.17
C1 NAG P . 23.29 -43.03 -1.74
C2 NAG P . 24.24 -41.92 -1.30
C3 NAG P . 24.86 -42.14 0.04
C4 NAG P . 23.86 -42.53 1.08
C5 NAG P . 23.03 -43.74 0.65
C6 NAG P . 21.98 -44.04 1.68
C7 NAG P . 25.87 -40.49 -2.70
C8 NAG P . 26.98 -40.38 -3.75
N2 NAG P . 25.33 -41.80 -2.32
O3 NAG P . 25.56 -40.94 0.47
O4 NAG P . 24.55 -42.85 2.30
O5 NAG P . 22.36 -43.51 -0.65
O6 NAG P . 22.57 -44.56 2.83
O7 NAG P . 25.42 -39.51 -2.20
P1 PC Q . 7.65 0.63 -23.48
O1 PC Q . 8.55 1.03 -22.33
O3 PC Q . 7.97 1.52 -24.68
O4 PC Q . 6.20 0.77 -23.09
O2 PC Q . 7.93 -0.94 -23.89
C1 PC Q . 6.85 -1.67 -24.41
C2 PC Q . 7.18 -2.08 -25.85
N1 PC Q . 6.12 -2.89 -26.42
C3 PC Q . 6.30 -4.29 -26.04
C4 PC Q . 6.26 -2.75 -27.85
C5 PC Q . 4.81 -2.44 -26.02
P1 PC R . 8.37 -8.57 -3.98
O1 PC R . 8.93 -9.90 -3.58
O3 PC R . 7.52 -8.79 -5.22
O4 PC R . 7.49 -8.07 -2.87
O2 PC R . 9.58 -7.45 -4.20
C1 PC R . 10.63 -7.62 -5.11
C2 PC R . 10.13 -8.09 -6.49
N1 PC R . 10.76 -7.46 -7.64
C3 PC R . 10.91 -8.43 -8.71
C4 PC R . 12.05 -6.90 -7.32
C5 PC R . 9.94 -6.38 -8.13
C1 NAG S . -63.48 15.77 18.22
C2 NAG S . -62.49 16.41 19.19
C3 NAG S . -62.79 17.84 19.53
C4 NAG S . -62.94 18.68 18.29
C5 NAG S . -64.09 18.16 17.43
C6 NAG S . -64.11 18.95 16.15
C7 NAG S . -61.44 14.64 20.69
C8 NAG S . -61.43 13.82 21.98
N2 NAG S . -62.50 15.62 20.45
O3 NAG S . -61.70 18.37 20.34
O4 NAG S . -63.19 20.05 18.64
O5 NAG S . -63.98 16.72 17.14
O6 NAG S . -65.16 18.52 15.32
O7 NAG S . -60.57 14.51 19.88
P1 PC T . -29.04 5.37 4.18
O1 PC T . -27.79 5.76 3.44
O3 PC T . -30.28 5.82 3.44
O4 PC T . -29.01 5.99 5.57
O2 PC T . -29.10 3.72 4.32
C1 PC T . -30.09 3.13 5.10
C2 PC T . -29.49 2.51 6.37
N1 PC T . -29.05 1.14 6.15
C3 PC T . -27.96 1.13 5.23
C4 PC T . -30.12 0.32 5.61
C5 PC T . -28.60 0.54 7.39
P1 PC U . -31.19 0.64 1.15
O1 PC U . -30.44 -0.25 2.11
O3 PC U . -30.25 1.62 0.47
O4 PC U . -32.22 1.46 1.91
O2 PC U . -31.91 -0.30 0.00
C1 PC U . -32.63 -1.45 0.37
C2 PC U . -33.96 -1.06 1.06
N1 PC U . -35.10 -1.33 0.21
C3 PC U . -35.30 -2.76 0.05
C4 PC U . -34.91 -0.70 -1.09
C5 PC U . -36.29 -0.78 0.84
P1 PC V . -26.24 -16.29 3.26
O1 PC V . -25.08 -17.23 2.98
O3 PC V . -27.18 -16.24 2.05
O4 PC V . -25.73 -14.88 3.48
O2 PC V . -27.04 -16.84 4.62
C1 PC V . -26.38 -17.56 5.64
C2 PC V . -27.40 -18.11 6.66
N1 PC V . -26.79 -18.55 7.91
C3 PC V . -25.49 -19.16 7.65
C4 PC V . -27.63 -19.52 8.59
C5 PC V . -26.63 -17.43 8.82
C1 NAG W . 40.33 -10.27 19.53
C2 NAG W . 40.43 -11.61 18.80
C3 NAG W . 41.75 -12.00 18.21
C4 NAG W . 42.66 -10.87 17.78
C5 NAG W . 42.71 -9.76 18.83
C6 NAG W . 43.60 -8.64 18.39
C7 NAG W . 38.78 -12.81 20.39
C8 NAG W . 38.52 -13.89 21.45
N2 NAG W . 40.13 -12.66 19.82
O3 NAG W . 41.54 -12.88 17.07
O4 NAG W . 43.98 -11.39 17.56
O5 NAG W . 41.34 -9.25 19.03
O6 NAG W . 43.10 -7.40 18.80
O7 NAG W . 37.92 -12.09 20.03
P1 PC X . 6.86 -6.99 4.10
O1 PC X . 8.11 -7.15 3.28
O3 PC X . 7.11 -5.93 5.16
O4 PC X . 5.71 -6.52 3.24
O2 PC X . 6.59 -8.48 4.79
C1 PC X . 6.01 -8.60 6.06
C2 PC X . 4.79 -7.66 6.17
N1 PC X . 4.11 -7.77 7.44
C3 PC X . 3.34 -9.00 7.48
C4 PC X . 3.20 -6.66 7.60
C5 PC X . 5.05 -7.72 8.54
P1 PC Y . 4.13 -2.34 7.19
O1 PC Y . 4.42 -3.28 6.03
O3 PC Y . 4.66 -2.93 8.47
O4 PC Y . 2.64 -2.21 7.38
O2 PC Y . 4.84 -0.88 6.91
C1 PC Y . 5.82 -0.40 7.80
C2 PC Y . 5.18 0.18 9.08
N1 PC Y . 6.10 0.16 10.22
C3 PC Y . 6.25 -1.20 10.71
C4 PC Y . 5.56 0.98 11.29
C5 PC Y . 7.39 0.69 9.82
P1 PC Z . -9.57 0.52 17.44
O1 PC Z . -8.38 0.96 16.62
O3 PC Z . -10.79 1.13 16.77
O4 PC Z . -9.46 1.06 18.85
O2 PC Z . -9.68 -1.16 17.48
C1 PC Z . -10.36 -1.82 18.51
C2 PC Z . -9.63 -3.13 18.90
N1 PC Z . -10.02 -3.71 20.19
C3 PC Z . -8.85 -4.32 20.81
C4 PC Z . -11.02 -4.74 19.98
C5 PC Z . -10.57 -2.71 21.08
#